data_6XO9
# 
_entry.id   6XO9 
# 
_audit_conform.dict_name       mmcif_pdbx.dic 
_audit_conform.dict_version    5.380 
_audit_conform.dict_location   http://mmcif.pdb.org/dictionaries/ascii/mmcif_pdbx.dic 
# 
loop_
_database_2.database_id 
_database_2.database_code 
_database_2.pdbx_database_accession 
_database_2.pdbx_DOI 
PDB   6XO9         pdb_00006xo9 10.2210/pdb6xo9/pdb 
WWPDB D_1000250253 ?            ?                   
# 
_pdbx_database_status.status_code                     REL 
_pdbx_database_status.status_code_sf                  REL 
_pdbx_database_status.status_code_mr                  ? 
_pdbx_database_status.entry_id                        6XO9 
_pdbx_database_status.recvd_initial_deposition_date   2020-07-06 
_pdbx_database_status.SG_entry                        N 
_pdbx_database_status.deposit_site                    RCSB 
_pdbx_database_status.process_site                    RCSB 
_pdbx_database_status.status_code_cs                  ? 
_pdbx_database_status.status_code_nmr_data            ? 
_pdbx_database_status.methods_development_category    ? 
_pdbx_database_status.pdb_format_compatible           Y 
# 
loop_
_audit_author.name 
_audit_author.pdbx_ordinal 
_audit_author.identifier_ORCID 
'Simmons, C.R.'      1 0000-0002-2290-6132 
'MacCulloch, T.'     2 0000-0001-5875-3361 
'Stephanopoulos, N.' 3 0000-0001-7859-410X 
'Yan, H.'            4 0000-0001-7397-9852 
# 
_citation.abstract                  ? 
_citation.abstract_id_CAS           ? 
_citation.book_id_ISBN              ? 
_citation.book_publisher            ? 
_citation.book_publisher_city       ? 
_citation.book_title                ? 
_citation.coordinate_linkage        ? 
_citation.country                   UK 
_citation.database_id_Medline       ? 
_citation.details                   ? 
_citation.id                        primary 
_citation.journal_abbrev            'Nat Commun' 
_citation.journal_id_ASTM           ? 
_citation.journal_id_CSD            ? 
_citation.journal_id_ISSN           2041-1723 
_citation.journal_full              ? 
_citation.journal_issue             ? 
_citation.journal_volume            13 
_citation.language                  ? 
_citation.page_first                3112 
_citation.page_last                 3112 
_citation.title                     'The influence of Holliday junction sequence and dynamics on DNA crystal self-assembly.' 
_citation.year                      2022 
_citation.database_id_CSD           ? 
_citation.pdbx_database_id_DOI      10.1038/s41467-022-30779-6 
_citation.pdbx_database_id_PubMed   35662248 
_citation.unpublished_flag          ? 
# 
loop_
_citation_author.citation_id 
_citation_author.name 
_citation_author.ordinal 
_citation_author.identifier_ORCID 
primary 'Simmons, C.R.'      1  ?                   
primary 'MacCulloch, T.'     2  ?                   
primary 'Krepl, M.'          3  0000-0002-9833-4281 
primary 'Matthies, M.'       4  ?                   
primary 'Buchberger, A.'     5  ?                   
primary 'Crawford, I.'       6  ?                   
primary 'Sponer, J.'         7  0000-0001-6558-6186 
primary 'Sulc, P.'           8  0000-0003-1565-6769 
primary 'Stephanopoulos, N.' 9  0000-0001-7859-410X 
primary 'Yan, H.'            10 0000-0001-7397-9852 
# 
_cell.angle_alpha                  90.000 
_cell.angle_alpha_esd              ? 
_cell.angle_beta                   90.000 
_cell.angle_beta_esd               ? 
_cell.angle_gamma                  120.000 
_cell.angle_gamma_esd              ? 
_cell.entry_id                     6XO9 
_cell.details                      ? 
_cell.formula_units_Z              ? 
_cell.length_a                     68.389 
_cell.length_a_esd                 ? 
_cell.length_b                     68.389 
_cell.length_b_esd                 ? 
_cell.length_c                     60.348 
_cell.length_c_esd                 ? 
_cell.volume                       ? 
_cell.volume_esd                   ? 
_cell.Z_PDB                        3 
_cell.reciprocal_angle_alpha       ? 
_cell.reciprocal_angle_beta        ? 
_cell.reciprocal_angle_gamma       ? 
_cell.reciprocal_angle_alpha_esd   ? 
_cell.reciprocal_angle_beta_esd    ? 
_cell.reciprocal_angle_gamma_esd   ? 
_cell.reciprocal_length_a          ? 
_cell.reciprocal_length_b          ? 
_cell.reciprocal_length_c          ? 
_cell.reciprocal_length_a_esd      ? 
_cell.reciprocal_length_b_esd      ? 
_cell.reciprocal_length_c_esd      ? 
_cell.pdbx_unique_axis             ? 
# 
_symmetry.entry_id                         6XO9 
_symmetry.cell_setting                     ? 
_symmetry.Int_Tables_number                145 
_symmetry.space_group_name_Hall            ? 
_symmetry.space_group_name_H-M             'P 32' 
_symmetry.pdbx_full_space_group_name_H-M   ? 
# 
loop_
_entity.id 
_entity.type 
_entity.src_method 
_entity.pdbx_description 
_entity.formula_weight 
_entity.pdbx_number_of_molecules 
_entity.pdbx_ec 
_entity.pdbx_mutation 
_entity.pdbx_fragment 
_entity.details 
1 polymer     syn 
;DNA (5'-D(*GP*AP*GP*CP*AP*GP*AP*CP*TP*TP*GP*A)-3')
;
3711.442 1 ? ? ? ? 
2 polymer     syn 
;DNA (5'-D(P*CP*GP*AP*GP*AP*CP*TP*CP*A)-3')
;
2724.813 1 ? ? ? ? 
3 polymer     syn 
;DNA (5'-D(P*TP*CP*AP*TP*CP*G)-3')
;
1784.204 1 ? ? ? ? 
4 polymer     syn 
;DNA (5'-D(*TP*CP*TP*GP*AP*GP*TP*CP*AP*GP*TP*CP*TP*GP*C)-3')
;
4575.970 1 ? ? ? ? 
5 non-polymer syn 'CACODYLATE ION'                                              136.989  1 ? ? ? ? 
# 
loop_
_entity_poly.entity_id 
_entity_poly.type 
_entity_poly.nstd_linkage 
_entity_poly.nstd_monomer 
_entity_poly.pdbx_seq_one_letter_code 
_entity_poly.pdbx_seq_one_letter_code_can 
_entity_poly.pdbx_strand_id 
_entity_poly.pdbx_target_identifier 
1 polydeoxyribonucleotide no no '(DG)(DA)(DG)(DC)(DA)(DG)(DA)(DC)(DT)(DT)(DG)(DA)'             GAGCAGACTTGA    A ? 
2 polydeoxyribonucleotide no no '(DC)(DG)(DA)(DG)(DA)(DC)(DT)(DC)(DA)'                         CGAGACTCA       B ? 
3 polydeoxyribonucleotide no no '(DT)(DC)(DA)(DT)(DC)(DG)'                                     TCATCG          C ? 
4 polydeoxyribonucleotide no no '(DT)(DC)(DT)(DG)(DA)(DG)(DT)(DC)(DA)(DG)(DT)(DC)(DT)(DG)(DC)' TCTGAGTCAGTCTGC D ? 
# 
loop_
_entity_poly_seq.entity_id 
_entity_poly_seq.num 
_entity_poly_seq.mon_id 
_entity_poly_seq.hetero 
1 1  DG n 
1 2  DA n 
1 3  DG n 
1 4  DC n 
1 5  DA n 
1 6  DG n 
1 7  DA n 
1 8  DC n 
1 9  DT n 
1 10 DT n 
1 11 DG n 
1 12 DA n 
2 1  DC n 
2 2  DG n 
2 3  DA n 
2 4  DG n 
2 5  DA n 
2 6  DC n 
2 7  DT n 
2 8  DC n 
2 9  DA n 
3 1  DT n 
3 2  DC n 
3 3  DA n 
3 4  DT n 
3 5  DC n 
3 6  DG n 
4 1  DT n 
4 2  DC n 
4 3  DT n 
4 4  DG n 
4 5  DA n 
4 6  DG n 
4 7  DT n 
4 8  DC n 
4 9  DA n 
4 10 DG n 
4 11 DT n 
4 12 DC n 
4 13 DT n 
4 14 DG n 
4 15 DC n 
# 
loop_
_pdbx_entity_src_syn.entity_id 
_pdbx_entity_src_syn.pdbx_src_id 
_pdbx_entity_src_syn.pdbx_alt_source_flag 
_pdbx_entity_src_syn.pdbx_beg_seq_num 
_pdbx_entity_src_syn.pdbx_end_seq_num 
_pdbx_entity_src_syn.organism_scientific 
_pdbx_entity_src_syn.organism_common_name 
_pdbx_entity_src_syn.ncbi_taxonomy_id 
_pdbx_entity_src_syn.details 
1 1 sample 1 12 'synthetic construct' ? 32630 ? 
2 1 sample 1 9  'synthetic construct' ? 32630 ? 
3 1 sample 1 6  'synthetic construct' ? 32630 ? 
4 1 sample 1 15 'synthetic construct' ? 32630 ? 
# 
loop_
_struct_ref.id 
_struct_ref.db_name 
_struct_ref.db_code 
_struct_ref.pdbx_db_accession 
_struct_ref.pdbx_db_isoform 
_struct_ref.entity_id 
_struct_ref.pdbx_seq_one_letter_code 
_struct_ref.pdbx_align_begin 
1 PDB 6XO9 6XO9 ? 1 ? 1 
2 PDB 6XO9 6XO9 ? 2 ? 1 
3 PDB 6XO9 6XO9 ? 3 ? 1 
4 PDB 6XO9 6XO9 ? 4 ? 1 
# 
loop_
_struct_ref_seq.align_id 
_struct_ref_seq.ref_id 
_struct_ref_seq.pdbx_PDB_id_code 
_struct_ref_seq.pdbx_strand_id 
_struct_ref_seq.seq_align_beg 
_struct_ref_seq.pdbx_seq_align_beg_ins_code 
_struct_ref_seq.seq_align_end 
_struct_ref_seq.pdbx_seq_align_end_ins_code 
_struct_ref_seq.pdbx_db_accession 
_struct_ref_seq.db_align_beg 
_struct_ref_seq.pdbx_db_align_beg_ins_code 
_struct_ref_seq.db_align_end 
_struct_ref_seq.pdbx_db_align_end_ins_code 
_struct_ref_seq.pdbx_auth_seq_align_beg 
_struct_ref_seq.pdbx_auth_seq_align_end 
1 1 6XO9 A 1 ? 12 ? 6XO9 1  ? 12 ? 1  12 
2 2 6XO9 B 1 ? 9  ? 6XO9 12 ? 20 ? 12 20 
3 3 6XO9 C 1 ? 6  ? 6XO9 0  ? 5  ? 0  5  
4 4 6XO9 D 1 ? 15 ? 6XO9 2  ? 16 ? 2  16 
# 
loop_
_chem_comp.id 
_chem_comp.type 
_chem_comp.mon_nstd_flag 
_chem_comp.name 
_chem_comp.pdbx_synonyms 
_chem_comp.formula 
_chem_comp.formula_weight 
CAC non-polymer   . 'CACODYLATE ION'                     dimethylarsinate 'C2 H6 As O2 -1'  136.989 
DA  'DNA linking' y "2'-DEOXYADENOSINE-5'-MONOPHOSPHATE" ?                'C10 H14 N5 O6 P' 331.222 
DC  'DNA linking' y "2'-DEOXYCYTIDINE-5'-MONOPHOSPHATE"  ?                'C9 H14 N3 O7 P'  307.197 
DG  'DNA linking' y "2'-DEOXYGUANOSINE-5'-MONOPHOSPHATE" ?                'C10 H14 N5 O7 P' 347.221 
DT  'DNA linking' y "THYMIDINE-5'-MONOPHOSPHATE"         ?                'C10 H15 N2 O8 P' 322.208 
# 
_exptl.absorpt_coefficient_mu     ? 
_exptl.absorpt_correction_T_max   ? 
_exptl.absorpt_correction_T_min   ? 
_exptl.absorpt_correction_type    ? 
_exptl.absorpt_process_details    ? 
_exptl.entry_id                   6XO9 
_exptl.crystals_number            1 
_exptl.details                    ? 
_exptl.method                     'X-RAY DIFFRACTION' 
_exptl.method_details             ? 
# 
_exptl_crystal.colour                      ? 
_exptl_crystal.density_diffrn              ? 
_exptl_crystal.density_Matthews            6.37 
_exptl_crystal.density_method              ? 
_exptl_crystal.density_percent_sol         80.68 
_exptl_crystal.description                 ? 
_exptl_crystal.F_000                       ? 
_exptl_crystal.id                          1 
_exptl_crystal.preparation                 ? 
_exptl_crystal.size_max                    ? 
_exptl_crystal.size_mid                    ? 
_exptl_crystal.size_min                    ? 
_exptl_crystal.size_rad                    ? 
_exptl_crystal.colour_lustre               ? 
_exptl_crystal.colour_modifier             ? 
_exptl_crystal.colour_primary              ? 
_exptl_crystal.density_meas                ? 
_exptl_crystal.density_meas_esd            ? 
_exptl_crystal.density_meas_gt             ? 
_exptl_crystal.density_meas_lt             ? 
_exptl_crystal.density_meas_temp           ? 
_exptl_crystal.density_meas_temp_esd       ? 
_exptl_crystal.density_meas_temp_gt        ? 
_exptl_crystal.density_meas_temp_lt        ? 
_exptl_crystal.pdbx_crystal_image_url      ? 
_exptl_crystal.pdbx_crystal_image_format   ? 
_exptl_crystal.pdbx_mosaicity              ? 
_exptl_crystal.pdbx_mosaicity_esd          ? 
# 
_exptl_crystal_grow.apparatus       ? 
_exptl_crystal_grow.atmosphere      ? 
_exptl_crystal_grow.crystal_id      1 
_exptl_crystal_grow.details         ? 
_exptl_crystal_grow.method          'VAPOR DIFFUSION, SITTING DROP' 
_exptl_crystal_grow.method_ref      ? 
_exptl_crystal_grow.pH              ? 
_exptl_crystal_grow.pressure        ? 
_exptl_crystal_grow.pressure_esd    ? 
_exptl_crystal_grow.seeding         ? 
_exptl_crystal_grow.seeding_ref     ? 
_exptl_crystal_grow.temp            298 
_exptl_crystal_grow.temp_details    'temperature gradient generated from 60 to 25 C at 0.3 degrees per hour' 
_exptl_crystal_grow.temp_esd        ? 
_exptl_crystal_grow.time            ? 
_exptl_crystal_grow.pdbx_details    
;0.5 mL of 0.05 M Na succinate pH 5.5 with 10 mM MgCl2, 2.0 mM CoH18N6, and 10% Isopropanol was added to the reservoir with 2 uL added to the drop containing 4 uL of DNA stock
;
_exptl_crystal_grow.pdbx_pH_range   ? 
# 
_diffrn.ambient_environment              ? 
_diffrn.ambient_temp                     100 
_diffrn.ambient_temp_details             ? 
_diffrn.ambient_temp_esd                 ? 
_diffrn.crystal_id                       1 
_diffrn.crystal_support                  ? 
_diffrn.crystal_treatment                ? 
_diffrn.details                          ? 
_diffrn.id                               1 
_diffrn.ambient_pressure                 ? 
_diffrn.ambient_pressure_esd             ? 
_diffrn.ambient_pressure_gt              ? 
_diffrn.ambient_pressure_lt              ? 
_diffrn.ambient_temp_gt                  ? 
_diffrn.ambient_temp_lt                  ? 
_diffrn.pdbx_serial_crystal_experiment   N 
# 
_diffrn_detector.details                      ? 
_diffrn_detector.detector                     CCD 
_diffrn_detector.diffrn_id                    1 
_diffrn_detector.type                         'ADSC QUANTUM 315r' 
_diffrn_detector.area_resol_mean              ? 
_diffrn_detector.dtime                        ? 
_diffrn_detector.pdbx_frames_total            ? 
_diffrn_detector.pdbx_collection_time_total   ? 
_diffrn_detector.pdbx_collection_date         2017-11-15 
_diffrn_detector.pdbx_frequency               ? 
# 
_diffrn_radiation.collimation                      ? 
_diffrn_radiation.diffrn_id                        1 
_diffrn_radiation.filter_edge                      ? 
_diffrn_radiation.inhomogeneity                    ? 
_diffrn_radiation.monochromator                    ? 
_diffrn_radiation.polarisn_norm                    ? 
_diffrn_radiation.polarisn_ratio                   ? 
_diffrn_radiation.probe                            ? 
_diffrn_radiation.type                             ? 
_diffrn_radiation.xray_symbol                      ? 
_diffrn_radiation.wavelength_id                    1 
_diffrn_radiation.pdbx_monochromatic_or_laue_m_l   M 
_diffrn_radiation.pdbx_wavelength_list             ? 
_diffrn_radiation.pdbx_wavelength                  ? 
_diffrn_radiation.pdbx_diffrn_protocol             'SINGLE WAVELENGTH' 
_diffrn_radiation.pdbx_analyzer                    ? 
_diffrn_radiation.pdbx_scattering_type             x-ray 
# 
_diffrn_radiation_wavelength.id           1 
_diffrn_radiation_wavelength.wavelength   1 
_diffrn_radiation_wavelength.wt           1.0 
# 
_diffrn_source.current                     ? 
_diffrn_source.details                     ? 
_diffrn_source.diffrn_id                   1 
_diffrn_source.power                       ? 
_diffrn_source.size                        ? 
_diffrn_source.source                      SYNCHROTRON 
_diffrn_source.target                      ? 
_diffrn_source.type                        'ALS BEAMLINE 8.2.2' 
_diffrn_source.voltage                     ? 
_diffrn_source.take-off_angle              ? 
_diffrn_source.pdbx_wavelength_list        1 
_diffrn_source.pdbx_wavelength             ? 
_diffrn_source.pdbx_synchrotron_beamline   8.2.2 
_diffrn_source.pdbx_synchrotron_site       ALS 
# 
_reflns.B_iso_Wilson_estimate            103.610 
_reflns.entry_id                         6XO9 
_reflns.data_reduction_details           ? 
_reflns.data_reduction_method            ? 
_reflns.d_resolution_high                3.100 
_reflns.d_resolution_low                 50.000 
_reflns.details                          ? 
_reflns.limit_h_max                      ? 
_reflns.limit_h_min                      ? 
_reflns.limit_k_max                      ? 
_reflns.limit_k_min                      ? 
_reflns.limit_l_max                      ? 
_reflns.limit_l_min                      ? 
_reflns.number_all                       ? 
_reflns.number_obs                       4538 
_reflns.observed_criterion               ? 
_reflns.observed_criterion_F_max         ? 
_reflns.observed_criterion_F_min         ? 
_reflns.observed_criterion_I_max         ? 
_reflns.observed_criterion_I_min         ? 
_reflns.observed_criterion_sigma_F       ? 
_reflns.observed_criterion_sigma_I       ? 
_reflns.percent_possible_obs             79.000 
_reflns.R_free_details                   ? 
_reflns.Rmerge_F_all                     ? 
_reflns.Rmerge_F_obs                     ? 
_reflns.Friedel_coverage                 ? 
_reflns.number_gt                        ? 
_reflns.threshold_expression             ? 
_reflns.pdbx_redundancy                  5.200 
_reflns.pdbx_Rmerge_I_obs                0.064 
_reflns.pdbx_Rmerge_I_all                ? 
_reflns.pdbx_Rsym_value                  ? 
_reflns.pdbx_netI_over_av_sigmaI         ? 
_reflns.pdbx_netI_over_sigmaI            9.100 
_reflns.pdbx_res_netI_over_av_sigmaI_2   ? 
_reflns.pdbx_res_netI_over_sigmaI_2      ? 
_reflns.pdbx_chi_squared                 1.432 
_reflns.pdbx_scaling_rejects             ? 
_reflns.pdbx_d_res_high_opt              ? 
_reflns.pdbx_d_res_low_opt               ? 
_reflns.pdbx_d_res_opt_method            ? 
_reflns.phase_calculation_details        ? 
_reflns.pdbx_Rrim_I_all                  0.071 
_reflns.pdbx_Rpim_I_all                  0.030 
_reflns.pdbx_d_opt                       ? 
_reflns.pdbx_number_measured_all         ? 
_reflns.pdbx_diffrn_id                   1 
_reflns.pdbx_ordinal                     1 
_reflns.pdbx_CC_half                     1 
_reflns.pdbx_CC_star                     ? 
_reflns.pdbx_R_split                     ? 
# 
loop_
_reflns_shell.d_res_high 
_reflns_shell.d_res_low 
_reflns_shell.meanI_over_sigI_all 
_reflns_shell.meanI_over_sigI_obs 
_reflns_shell.number_measured_all 
_reflns_shell.number_measured_obs 
_reflns_shell.number_possible 
_reflns_shell.number_unique_all 
_reflns_shell.number_unique_obs 
_reflns_shell.percent_possible_all 
_reflns_shell.percent_possible_obs 
_reflns_shell.Rmerge_F_all 
_reflns_shell.Rmerge_F_obs 
_reflns_shell.Rmerge_I_all 
_reflns_shell.Rmerge_I_obs 
_reflns_shell.meanI_over_sigI_gt 
_reflns_shell.meanI_over_uI_all 
_reflns_shell.meanI_over_uI_gt 
_reflns_shell.number_measured_gt 
_reflns_shell.number_unique_gt 
_reflns_shell.percent_possible_gt 
_reflns_shell.Rmerge_F_gt 
_reflns_shell.Rmerge_I_gt 
_reflns_shell.pdbx_redundancy 
_reflns_shell.pdbx_Rsym_value 
_reflns_shell.pdbx_chi_squared 
_reflns_shell.pdbx_netI_over_sigmaI_all 
_reflns_shell.pdbx_netI_over_sigmaI_obs 
_reflns_shell.pdbx_Rrim_I_all 
_reflns_shell.pdbx_Rpim_I_all 
_reflns_shell.pdbx_rejects 
_reflns_shell.pdbx_ordinal 
_reflns_shell.pdbx_diffrn_id 
_reflns_shell.pdbx_CC_half 
_reflns_shell.pdbx_CC_star 
_reflns_shell.pdbx_R_split 
3.100 3.150  ? ? ? ? ? ? 110 38.500  ? ? ? ? 0.385 ? ? ? ? ? ? ? ? 3.900 ? 0.605 ? ? 0.433 0.194 ? 1  1 0.920 ? ? 
3.150 3.210  ? ? ? ? ? ? 144 52.400  ? ? ? ? 0.133 ? ? ? ? ? ? ? ? 4.500 ? 0.871 ? ? 0.148 0.064 ? 2  1 0.991 ? ? 
3.210 3.270  ? ? ? ? ? ? 149 49.000  ? ? ? ? 0.088 ? ? ? ? ? ? ? ? 4.600 ? 1.599 ? ? 0.099 0.043 ? 3  1 0.982 ? ? 
3.270 3.340  ? ? ? ? ? ? 158 56.200  ? ? ? ? 0.127 ? ? ? ? ? ? ? ? 4.300 ? 0.706 ? ? 0.141 0.060 ? 4  1 0.996 ? ? 
3.340 3.410  ? ? ? ? ? ? 169 58.500  ? ? ? ? 0.101 ? ? ? ? ? ? ? ? 4.600 ? 0.947 ? ? 0.112 0.048 ? 5  1 0.997 ? ? 
3.410 3.490  ? ? ? ? ? ? 176 60.700  ? ? ? ? 0.195 ? ? ? ? ? ? ? ? 4.700 ? 1.219 ? ? 0.216 0.093 ? 6  1 0.983 ? ? 
3.490 3.580  ? ? ? ? ? ? 193 67.200  ? ? ? ? 0.142 ? ? ? ? ? ? ? ? 4.900 ? 0.736 ? ? 0.158 0.067 ? 7  1 0.991 ? ? 
3.580 3.680  ? ? ? ? ? ? 205 72.200  ? ? ? ? 0.341 ? ? ? ? ? ? ? ? 4.500 ? 1.574 ? ? 0.378 0.161 ? 8  1 0.958 ? ? 
3.680 3.780  ? ? ? ? ? ? 214 73.300  ? ? ? ? 0.239 ? ? ? ? ? ? ? ? 4.900 ? 0.711 ? ? 0.265 0.114 ? 9  1 0.958 ? ? 
3.780 3.910  ? ? ? ? ? ? 218 81.600  ? ? ? ? 0.272 ? ? ? ? ? ? ? ? 5.000 ? 1.014 ? ? 0.302 0.131 ? 10 1 0.982 ? ? 
3.910 4.040  ? ? ? ? ? ? 264 85.200  ? ? ? ? 0.198 ? ? ? ? ? ? ? ? 4.900 ? 0.630 ? ? 0.220 0.094 ? 11 1 0.983 ? ? 
4.040 4.210  ? ? ? ? ? ? 253 91.700  ? ? ? ? 0.161 ? ? ? ? ? ? ? ? 5.200 ? 0.635 ? ? 0.178 0.076 ? 12 1 0.990 ? ? 
4.210 4.400  ? ? ? ? ? ? 273 97.200  ? ? ? ? 0.159 ? ? ? ? ? ? ? ? 5.300 ? 0.639 ? ? 0.176 0.074 ? 13 1 0.991 ? ? 
4.400 4.630  ? ? ? ? ? ? 294 99.700  ? ? ? ? 0.166 ? ? ? ? ? ? ? ? 5.600 ? 0.795 ? ? 0.184 0.077 ? 14 1 0.991 ? ? 
4.630 4.920  ? ? ? ? ? ? 290 100.000 ? ? ? ? 0.118 ? ? ? ? ? ? ? ? 5.700 ? 0.666 ? ? 0.130 0.054 ? 15 1 0.997 ? ? 
4.920 5.300  ? ? ? ? ? ? 290 100.000 ? ? ? ? 0.082 ? ? ? ? ? ? ? ? 5.800 ? 0.916 ? ? 0.090 0.038 ? 16 1 0.996 ? ? 
5.300 5.830  ? ? ? ? ? ? 277 100.000 ? ? ? ? 0.074 ? ? ? ? ? ? ? ? 5.800 ? 1.420 ? ? 0.082 0.034 ? 17 1 0.994 ? ? 
5.830 6.670  ? ? ? ? ? ? 289 100.000 ? ? ? ? 0.075 ? ? ? ? ? ? ? ? 5.800 ? 4.169 ? ? 0.083 0.034 ? 18 1 0.994 ? ? 
6.670 8.400  ? ? ? ? ? ? 292 100.000 ? ? ? ? 0.056 ? ? ? ? ? ? ? ? 5.700 ? 2.207 ? ? 0.061 0.026 ? 19 1 0.999 ? ? 
8.400 50.000 ? ? ? ? ? ? 280 97.900  ? ? ? ? 0.044 ? ? ? ? ? ? ? ? 5.800 ? 3.701 ? ? 0.048 0.020 ? 20 1 0.996 ? ? 
# 
_refine.aniso_B[1][1]                            ? 
_refine.aniso_B[1][2]                            ? 
_refine.aniso_B[1][3]                            ? 
_refine.aniso_B[2][2]                            ? 
_refine.aniso_B[2][3]                            ? 
_refine.aniso_B[3][3]                            ? 
_refine.B_iso_max                                202.370 
_refine.B_iso_mean                               119.1215 
_refine.B_iso_min                                81.600 
_refine.correlation_coeff_Fo_to_Fc               ? 
_refine.correlation_coeff_Fo_to_Fc_free          ? 
_refine.details                                  ? 
_refine.diff_density_max                         ? 
_refine.diff_density_max_esd                     ? 
_refine.diff_density_min                         ? 
_refine.diff_density_min_esd                     ? 
_refine.diff_density_rms                         ? 
_refine.diff_density_rms_esd                     ? 
_refine.entry_id                                 6XO9 
_refine.pdbx_refine_id                           'X-RAY DIFFRACTION' 
_refine.ls_abs_structure_details                 ? 
_refine.ls_abs_structure_Flack                   ? 
_refine.ls_abs_structure_Flack_esd               ? 
_refine.ls_abs_structure_Rogers                  ? 
_refine.ls_abs_structure_Rogers_esd              ? 
_refine.ls_d_res_high                            3.1030 
_refine.ls_d_res_low                             34.1950 
_refine.ls_extinction_coef                       ? 
_refine.ls_extinction_coef_esd                   ? 
_refine.ls_extinction_expression                 ? 
_refine.ls_extinction_method                     ? 
_refine.ls_goodness_of_fit_all                   ? 
_refine.ls_goodness_of_fit_all_esd               ? 
_refine.ls_goodness_of_fit_obs                   ? 
_refine.ls_goodness_of_fit_obs_esd               ? 
_refine.ls_hydrogen_treatment                    ? 
_refine.ls_matrix_type                           ? 
_refine.ls_number_constraints                    ? 
_refine.ls_number_parameters                     ? 
_refine.ls_number_reflns_all                     ? 
_refine.ls_number_reflns_obs                     4482 
_refine.ls_number_reflns_R_free                  458 
_refine.ls_number_reflns_R_work                  4024 
_refine.ls_number_restraints                     ? 
_refine.ls_percent_reflns_obs                    78.3200 
_refine.ls_percent_reflns_R_free                 10.2200 
_refine.ls_R_factor_all                          ? 
_refine.ls_R_factor_obs                          0.2368 
_refine.ls_R_factor_R_free                       0.2435 
_refine.ls_R_factor_R_free_error                 ? 
_refine.ls_R_factor_R_free_error_details         ? 
_refine.ls_R_factor_R_work                       0.2359 
_refine.ls_R_Fsqd_factor_obs                     ? 
_refine.ls_R_I_factor_obs                        ? 
_refine.ls_redundancy_reflns_all                 ? 
_refine.ls_redundancy_reflns_obs                 ? 
_refine.ls_restrained_S_all                      ? 
_refine.ls_restrained_S_obs                      ? 
_refine.ls_shift_over_esd_max                    ? 
_refine.ls_shift_over_esd_mean                   ? 
_refine.ls_structure_factor_coef                 ? 
_refine.ls_weighting_details                     ? 
_refine.ls_weighting_scheme                      ? 
_refine.ls_wR_factor_all                         ? 
_refine.ls_wR_factor_obs                         ? 
_refine.ls_wR_factor_R_free                      ? 
_refine.ls_wR_factor_R_work                      ? 
_refine.occupancy_max                            ? 
_refine.occupancy_min                            ? 
_refine.solvent_model_details                    'FLAT BULK SOLVENT MODEL' 
_refine.solvent_model_param_bsol                 ? 
_refine.solvent_model_param_ksol                 ? 
_refine.pdbx_R_complete                          ? 
_refine.ls_R_factor_gt                           ? 
_refine.ls_goodness_of_fit_gt                    ? 
_refine.ls_goodness_of_fit_ref                   ? 
_refine.ls_shift_over_su_max                     ? 
_refine.ls_shift_over_su_max_lt                  ? 
_refine.ls_shift_over_su_mean                    ? 
_refine.ls_shift_over_su_mean_lt                 ? 
_refine.pdbx_ls_sigma_I                          ? 
_refine.pdbx_ls_sigma_F                          1.990 
_refine.pdbx_ls_sigma_Fsqd                       ? 
_refine.pdbx_data_cutoff_high_absF               ? 
_refine.pdbx_data_cutoff_high_rms_absF           ? 
_refine.pdbx_data_cutoff_low_absF                ? 
_refine.pdbx_isotropic_thermal_model             ? 
_refine.pdbx_ls_cross_valid_method               THROUGHOUT 
_refine.pdbx_method_to_determine_struct          'MOLECULAR REPLACEMENT' 
_refine.pdbx_starting_model                      6XNA 
_refine.pdbx_stereochemistry_target_values       ML 
_refine.pdbx_R_Free_selection_details            ? 
_refine.pdbx_stereochem_target_val_spec_case     ? 
_refine.pdbx_overall_ESU_R                       ? 
_refine.pdbx_overall_ESU_R_Free                  ? 
_refine.pdbx_solvent_vdw_probe_radii             1.1100 
_refine.pdbx_solvent_ion_probe_radii             ? 
_refine.pdbx_solvent_shrinkage_radii             0.9000 
_refine.pdbx_real_space_R                        ? 
_refine.pdbx_density_correlation                 ? 
_refine.pdbx_pd_number_of_powder_patterns        ? 
_refine.pdbx_pd_number_of_points                 ? 
_refine.pdbx_pd_meas_number_of_points            ? 
_refine.pdbx_pd_proc_ls_prof_R_factor            ? 
_refine.pdbx_pd_proc_ls_prof_wR_factor           ? 
_refine.pdbx_pd_Marquardt_correlation_coeff      ? 
_refine.pdbx_pd_Fsqrd_R_factor                   ? 
_refine.pdbx_pd_ls_matrix_band_width             ? 
_refine.pdbx_overall_phase_error                 46.7400 
_refine.pdbx_overall_SU_R_free_Cruickshank_DPI   ? 
_refine.pdbx_overall_SU_R_free_Blow_DPI          ? 
_refine.pdbx_overall_SU_R_Blow_DPI               ? 
_refine.pdbx_TLS_residual_ADP_flag               ? 
_refine.pdbx_diffrn_id                           1 
_refine.overall_SU_B                             ? 
_refine.overall_SU_ML                            0.5000 
_refine.overall_SU_R_Cruickshank_DPI             ? 
_refine.overall_SU_R_free                        ? 
_refine.overall_FOM_free_R_set                   ? 
_refine.overall_FOM_work_R_set                   ? 
_refine.pdbx_average_fsc_overall                 ? 
_refine.pdbx_average_fsc_work                    ? 
_refine.pdbx_average_fsc_free                    ? 
# 
_refine_hist.pdbx_refine_id                   'X-RAY DIFFRACTION' 
_refine_hist.cycle_id                         final 
_refine_hist.details                          ? 
_refine_hist.d_res_high                       3.1030 
_refine_hist.d_res_low                        34.1950 
_refine_hist.number_atoms_solvent             0 
_refine_hist.number_atoms_total               856 
_refine_hist.number_reflns_all                ? 
_refine_hist.number_reflns_obs                ? 
_refine_hist.number_reflns_R_free             ? 
_refine_hist.number_reflns_R_work             ? 
_refine_hist.R_factor_all                     ? 
_refine_hist.R_factor_obs                     ? 
_refine_hist.R_factor_R_free                  ? 
_refine_hist.R_factor_R_work                  ? 
_refine_hist.pdbx_number_residues_total       42 
_refine_hist.pdbx_B_iso_mean_ligand           128.63 
_refine_hist.pdbx_B_iso_mean_solvent          ? 
_refine_hist.pdbx_number_atoms_protein        0 
_refine_hist.pdbx_number_atoms_nucleic_acid   855 
_refine_hist.pdbx_number_atoms_ligand         1 
_refine_hist.pdbx_number_atoms_lipid          ? 
_refine_hist.pdbx_number_atoms_carb           ? 
_refine_hist.pdbx_pseudo_atom_details         ? 
# 
loop_
_refine_ls_restr.pdbx_refine_id 
_refine_ls_restr.criterion 
_refine_ls_restr.dev_ideal 
_refine_ls_restr.dev_ideal_target 
_refine_ls_restr.number 
_refine_ls_restr.rejects 
_refine_ls_restr.type 
_refine_ls_restr.weight 
_refine_ls_restr.pdbx_restraint_function 
'X-RAY DIFFRACTION' ? 0.010  ? 956  ? f_bond_d           ? ? 
'X-RAY DIFFRACTION' ? 1.000  ? 1467 ? f_angle_d          ? ? 
'X-RAY DIFFRACTION' ? 0.053  ? 166  ? f_chiral_restr     ? ? 
'X-RAY DIFFRACTION' ? 0.005  ? 42   ? f_plane_restr      ? ? 
'X-RAY DIFFRACTION' ? 36.972 ? 406  ? f_dihedral_angle_d ? ? 
# 
loop_
_refine_ls_shell.pdbx_refine_id 
_refine_ls_shell.d_res_high 
_refine_ls_shell.d_res_low 
_refine_ls_shell.number_reflns_all 
_refine_ls_shell.number_reflns_obs 
_refine_ls_shell.number_reflns_R_free 
_refine_ls_shell.number_reflns_R_work 
_refine_ls_shell.percent_reflns_obs 
_refine_ls_shell.percent_reflns_R_free 
_refine_ls_shell.R_factor_all 
_refine_ls_shell.R_factor_obs 
_refine_ls_shell.R_factor_R_free 
_refine_ls_shell.R_factor_R_free_error 
_refine_ls_shell.R_factor_R_work 
_refine_ls_shell.redundancy_reflns_all 
_refine_ls_shell.redundancy_reflns_obs 
_refine_ls_shell.wR_factor_all 
_refine_ls_shell.wR_factor_obs 
_refine_ls_shell.wR_factor_R_free 
_refine_ls_shell.wR_factor_R_work 
_refine_ls_shell.pdbx_R_complete 
_refine_ls_shell.pdbx_total_number_of_bins_used 
_refine_ls_shell.pdbx_phase_error 
_refine_ls_shell.pdbx_fsc_work 
_refine_ls_shell.pdbx_fsc_free 
'X-RAY DIFFRACTION' 3.103  3.5511 . . 99  890  52.0000  . . . 0.4156 0.0000 0.3522 . . . . . . . . . . . 
'X-RAY DIFFRACTION' 3.5511 4.4724 . . 151 1433 84.0000  . . . 0.4087 0.0000 0.3791 . . . . . . . . . . . 
'X-RAY DIFFRACTION' 4.4724 34.195 . . 208 1701 100.0000 . . . 0.1958 0.0000 0.1875 . . . . . . . . . . . 
# 
_struct.entry_id                     6XO9 
_struct.title                        
'Self-assembly of a 3D DNA crystal lattice (4x6 junction version) containing the J33 immobile Holliday junction' 
_struct.pdbx_model_details           ? 
_struct.pdbx_formula_weight          ? 
_struct.pdbx_formula_weight_method   ? 
_struct.pdbx_model_type_details      ? 
_struct.pdbx_CASP_flag               N 
# 
_struct_keywords.entry_id        6XO9 
_struct_keywords.text            
'Structural DNA nanotechnology, immobile Holliday junctions, 3D DNA self-assembly, designer DNA crystals, DNA' 
_struct_keywords.pdbx_keywords   DNA 
# 
loop_
_struct_asym.id 
_struct_asym.pdbx_blank_PDB_chainid_flag 
_struct_asym.pdbx_modified 
_struct_asym.entity_id 
_struct_asym.details 
A N N 1 ? 
B N N 2 ? 
C N N 3 ? 
D N N 4 ? 
E N N 5 ? 
# 
loop_
_struct_conn.id 
_struct_conn.conn_type_id 
_struct_conn.pdbx_leaving_atom_flag 
_struct_conn.pdbx_PDB_id 
_struct_conn.ptnr1_label_asym_id 
_struct_conn.ptnr1_label_comp_id 
_struct_conn.ptnr1_label_seq_id 
_struct_conn.ptnr1_label_atom_id 
_struct_conn.pdbx_ptnr1_label_alt_id 
_struct_conn.pdbx_ptnr1_PDB_ins_code 
_struct_conn.pdbx_ptnr1_standard_comp_id 
_struct_conn.ptnr1_symmetry 
_struct_conn.ptnr2_label_asym_id 
_struct_conn.ptnr2_label_comp_id 
_struct_conn.ptnr2_label_seq_id 
_struct_conn.ptnr2_label_atom_id 
_struct_conn.pdbx_ptnr2_label_alt_id 
_struct_conn.pdbx_ptnr2_PDB_ins_code 
_struct_conn.ptnr1_auth_asym_id 
_struct_conn.ptnr1_auth_comp_id 
_struct_conn.ptnr1_auth_seq_id 
_struct_conn.ptnr2_auth_asym_id 
_struct_conn.ptnr2_auth_comp_id 
_struct_conn.ptnr2_auth_seq_id 
_struct_conn.ptnr2_symmetry 
_struct_conn.pdbx_ptnr3_label_atom_id 
_struct_conn.pdbx_ptnr3_label_seq_id 
_struct_conn.pdbx_ptnr3_label_comp_id 
_struct_conn.pdbx_ptnr3_label_asym_id 
_struct_conn.pdbx_ptnr3_label_alt_id 
_struct_conn.pdbx_ptnr3_PDB_ins_code 
_struct_conn.details 
_struct_conn.pdbx_dist_value 
_struct_conn.pdbx_value_order 
_struct_conn.pdbx_role 
hydrog1  hydrog ? ? A DG 3  O6 ? ? ? 1_555 D DC 15 N4 ? ? A DG 3  D DC 16 1_555 ? ? ? ? ? ? 'DG-DC PAIR' ? ? ? 
hydrog2  hydrog ? ? A DC 4  N4 ? ? ? 1_555 D DG 14 O6 ? ? A DC 4  D DG 15 1_555 ? ? ? ? ? ? 'DC-DG PAIR' ? ? ? 
hydrog3  hydrog ? ? A DA 5  N1 ? ? ? 1_555 D DT 13 N3 ? ? A DA 5  D DT 14 1_555 ? ? ? ? ? ? WATSON-CRICK ? ? ? 
hydrog4  hydrog ? ? A DA 5  N6 ? ? ? 1_555 D DT 13 O4 ? ? A DA 5  D DT 14 1_555 ? ? ? ? ? ? WATSON-CRICK ? ? ? 
hydrog5  hydrog ? ? A DG 6  N1 ? ? ? 1_555 D DC 12 N3 ? ? A DG 6  D DC 13 1_555 ? ? ? ? ? ? WATSON-CRICK ? ? ? 
hydrog6  hydrog ? ? A DG 6  N2 ? ? ? 1_555 D DC 12 O2 ? ? A DG 6  D DC 13 1_555 ? ? ? ? ? ? WATSON-CRICK ? ? ? 
hydrog7  hydrog ? ? A DG 6  O6 ? ? ? 1_555 D DC 12 N4 ? ? A DG 6  D DC 13 1_555 ? ? ? ? ? ? WATSON-CRICK ? ? ? 
hydrog8  hydrog ? ? A DA 7  N1 ? ? ? 1_555 D DT 11 N3 ? ? A DA 7  D DT 12 1_555 ? ? ? ? ? ? WATSON-CRICK ? ? ? 
hydrog9  hydrog ? ? A DA 7  N6 ? ? ? 1_555 D DT 11 O4 ? ? A DA 7  D DT 12 1_555 ? ? ? ? ? ? WATSON-CRICK ? ? ? 
hydrog10 hydrog ? ? A DC 8  N3 ? ? ? 1_555 D DG 10 N1 ? ? A DC 8  D DG 11 1_555 ? ? ? ? ? ? WATSON-CRICK ? ? ? 
hydrog11 hydrog ? ? A DC 8  N4 ? ? ? 1_555 D DG 10 O6 ? ? A DC 8  D DG 11 1_555 ? ? ? ? ? ? WATSON-CRICK ? ? ? 
hydrog12 hydrog ? ? A DC 8  O2 ? ? ? 1_555 D DG 10 N2 ? ? A DC 8  D DG 11 1_555 ? ? ? ? ? ? WATSON-CRICK ? ? ? 
hydrog13 hydrog ? ? A DT 9  N3 ? ? ? 1_555 D DA 9  N1 ? ? A DT 9  D DA 10 1_555 ? ? ? ? ? ? WATSON-CRICK ? ? ? 
hydrog14 hydrog ? ? A DT 9  O4 ? ? ? 1_555 D DA 9  N6 ? ? A DT 9  D DA 10 1_555 ? ? ? ? ? ? WATSON-CRICK ? ? ? 
hydrog15 hydrog ? ? A DT 10 N3 ? ? ? 1_555 C DA 3  N1 ? ? A DT 10 C DA 2  1_555 ? ? ? ? ? ? 'DT-DA PAIR' ? ? ? 
hydrog16 hydrog ? ? A DG 11 N1 ? ? ? 1_555 C DC 2  N3 ? ? A DG 11 C DC 1  1_555 ? ? ? ? ? ? WATSON-CRICK ? ? ? 
hydrog17 hydrog ? ? A DG 11 N2 ? ? ? 1_555 C DC 2  O2 ? ? A DG 11 C DC 1  1_555 ? ? ? ? ? ? WATSON-CRICK ? ? ? 
hydrog18 hydrog ? ? A DG 11 O6 ? ? ? 1_555 C DC 2  N4 ? ? A DG 11 C DC 1  1_555 ? ? ? ? ? ? WATSON-CRICK ? ? ? 
hydrog19 hydrog ? ? A DA 12 N1 ? ? ? 1_555 C DT 1  N3 ? ? A DA 12 C DT 0  1_555 ? ? ? ? ? ? WATSON-CRICK ? ? ? 
hydrog20 hydrog ? ? A DA 12 N6 ? ? ? 1_555 C DT 1  O4 ? ? A DA 12 C DT 0  1_555 ? ? ? ? ? ? WATSON-CRICK ? ? ? 
hydrog21 hydrog ? ? B DC 1  N3 ? ? ? 1_555 C DG 6  N1 ? ? B DC 12 C DG 5  1_555 ? ? ? ? ? ? WATSON-CRICK ? ? ? 
hydrog22 hydrog ? ? B DC 1  N4 ? ? ? 1_555 C DG 6  O6 ? ? B DC 12 C DG 5  1_555 ? ? ? ? ? ? WATSON-CRICK ? ? ? 
hydrog23 hydrog ? ? B DC 1  O2 ? ? ? 1_555 C DG 6  N2 ? ? B DC 12 C DG 5  1_555 ? ? ? ? ? ? WATSON-CRICK ? ? ? 
hydrog24 hydrog ? ? B DG 2  N1 ? ? ? 1_555 C DC 5  N3 ? ? B DG 13 C DC 4  1_555 ? ? ? ? ? ? WATSON-CRICK ? ? ? 
hydrog25 hydrog ? ? B DG 2  N2 ? ? ? 1_555 C DC 5  O2 ? ? B DG 13 C DC 4  1_555 ? ? ? ? ? ? WATSON-CRICK ? ? ? 
hydrog26 hydrog ? ? B DG 2  O6 ? ? ? 1_555 C DC 5  N4 ? ? B DG 13 C DC 4  1_555 ? ? ? ? ? ? WATSON-CRICK ? ? ? 
hydrog27 hydrog ? ? B DG 4  N1 ? ? ? 1_555 D DC 8  N3 ? ? B DG 15 D DC 9  1_555 ? ? ? ? ? ? WATSON-CRICK ? ? ? 
hydrog28 hydrog ? ? B DG 4  N2 ? ? ? 1_555 D DC 8  O2 ? ? B DG 15 D DC 9  1_555 ? ? ? ? ? ? WATSON-CRICK ? ? ? 
hydrog29 hydrog ? ? B DG 4  O6 ? ? ? 1_555 D DC 8  N4 ? ? B DG 15 D DC 9  1_555 ? ? ? ? ? ? WATSON-CRICK ? ? ? 
hydrog30 hydrog ? ? B DA 5  N1 ? ? ? 1_555 D DT 7  N3 ? ? B DA 16 D DT 8  1_555 ? ? ? ? ? ? WATSON-CRICK ? ? ? 
hydrog31 hydrog ? ? B DA 5  N6 ? ? ? 1_555 D DT 7  O4 ? ? B DA 16 D DT 8  1_555 ? ? ? ? ? ? WATSON-CRICK ? ? ? 
hydrog32 hydrog ? ? B DC 6  N3 ? ? ? 1_555 D DG 6  N1 ? ? B DC 17 D DG 7  1_555 ? ? ? ? ? ? WATSON-CRICK ? ? ? 
hydrog33 hydrog ? ? B DC 6  N4 ? ? ? 1_555 D DG 6  O6 ? ? B DC 17 D DG 7  1_555 ? ? ? ? ? ? WATSON-CRICK ? ? ? 
hydrog34 hydrog ? ? B DC 6  O2 ? ? ? 1_555 D DG 6  N2 ? ? B DC 17 D DG 7  1_555 ? ? ? ? ? ? WATSON-CRICK ? ? ? 
hydrog35 hydrog ? ? B DT 7  N3 ? ? ? 1_555 D DA 5  N1 ? ? B DT 18 D DA 6  1_555 ? ? ? ? ? ? WATSON-CRICK ? ? ? 
hydrog36 hydrog ? ? B DT 7  O4 ? ? ? 1_555 D DA 5  N6 ? ? B DT 18 D DA 6  1_555 ? ? ? ? ? ? WATSON-CRICK ? ? ? 
hydrog37 hydrog ? ? B DC 8  N3 ? ? ? 1_555 D DG 4  N1 ? ? B DC 19 D DG 5  1_555 ? ? ? ? ? ? WATSON-CRICK ? ? ? 
hydrog38 hydrog ? ? B DC 8  N4 ? ? ? 1_555 D DG 4  O6 ? ? B DC 19 D DG 5  1_555 ? ? ? ? ? ? WATSON-CRICK ? ? ? 
hydrog39 hydrog ? ? B DC 8  O2 ? ? ? 1_555 D DG 4  N2 ? ? B DC 19 D DG 5  1_555 ? ? ? ? ? ? WATSON-CRICK ? ? ? 
# 
_struct_conn_type.id          hydrog 
_struct_conn_type.criteria    ? 
_struct_conn_type.reference   ? 
# 
_struct_site.id                   AC1 
_struct_site.pdbx_evidence_code   Software 
_struct_site.pdbx_auth_asym_id    D 
_struct_site.pdbx_auth_comp_id    CAC 
_struct_site.pdbx_auth_seq_id     101 
_struct_site.pdbx_auth_ins_code   ? 
_struct_site.pdbx_num_residues    1 
_struct_site.details              'binding site for residue CAC D 101' 
# 
_struct_site_gen.id                   1 
_struct_site_gen.site_id              AC1 
_struct_site_gen.pdbx_num_res         1 
_struct_site_gen.label_comp_id        DG 
_struct_site_gen.label_asym_id        D 
_struct_site_gen.label_seq_id         10 
_struct_site_gen.pdbx_auth_ins_code   ? 
_struct_site_gen.auth_comp_id         DG 
_struct_site_gen.auth_asym_id         D 
_struct_site_gen.auth_seq_id          11 
_struct_site_gen.label_atom_id        . 
_struct_site_gen.label_alt_id         ? 
_struct_site_gen.symmetry             1_555 
_struct_site_gen.details              ? 
# 
_atom_sites.entry_id                    6XO9 
_atom_sites.Cartn_transf_matrix[1][1]   ? 
_atom_sites.Cartn_transf_matrix[1][2]   ? 
_atom_sites.Cartn_transf_matrix[1][3]   ? 
_atom_sites.Cartn_transf_matrix[2][1]   ? 
_atom_sites.Cartn_transf_matrix[2][2]   ? 
_atom_sites.Cartn_transf_matrix[2][3]   ? 
_atom_sites.Cartn_transf_matrix[3][1]   ? 
_atom_sites.Cartn_transf_matrix[3][2]   ? 
_atom_sites.Cartn_transf_matrix[3][3]   ? 
_atom_sites.Cartn_transf_vector[1]      ? 
_atom_sites.Cartn_transf_vector[2]      ? 
_atom_sites.Cartn_transf_vector[3]      ? 
_atom_sites.fract_transf_matrix[1][1]   -0.00061459 
_atom_sites.fract_transf_matrix[1][2]   0.01096586 
_atom_sites.fract_transf_matrix[1][3]   0.01282351 
_atom_sites.fract_transf_matrix[2][1]   -0.01219958 
_atom_sites.fract_transf_matrix[2][2]   0.01165871 
_atom_sites.fract_transf_matrix[2][3]   0.00056062 
_atom_sites.fract_transf_matrix[3][1]   -0.00962250 
_atom_sites.fract_transf_matrix[3][2]   -0.01047757 
_atom_sites.fract_transf_matrix[3][3]   0.00849859 
_atom_sites.fract_transf_vector[1]      1.140599 
_atom_sites.fract_transf_vector[2]      0.826361 
_atom_sites.fract_transf_vector[3]      0.103987 
_atom_sites.solution_primary            ? 
_atom_sites.solution_secondary          ? 
_atom_sites.solution_hydrogens          ? 
_atom_sites.special_details             ? 
# 
loop_
_atom_type.symbol 
AS 
C  
N  
O  
P  
# 
loop_
_atom_site.group_PDB 
_atom_site.id 
_atom_site.type_symbol 
_atom_site.label_atom_id 
_atom_site.label_alt_id 
_atom_site.label_comp_id 
_atom_site.label_asym_id 
_atom_site.label_entity_id 
_atom_site.label_seq_id 
_atom_site.pdbx_PDB_ins_code 
_atom_site.Cartn_x 
_atom_site.Cartn_y 
_atom_site.Cartn_z 
_atom_site.occupancy 
_atom_site.B_iso_or_equiv 
_atom_site.pdbx_formal_charge 
_atom_site.auth_seq_id 
_atom_site.auth_comp_id 
_atom_site.auth_asym_id 
_atom_site.auth_atom_id 
_atom_site.pdbx_PDB_model_num 
ATOM   1   O  "O5'" . DG  A 1 1  ? 24.043  -8.223  0.034   1.00 140.80 ? 1   DG  A "O5'" 1 
ATOM   2   C  "C5'" . DG  A 1 1  ? 24.814  -7.882  -1.152  1.00 147.72 ? 1   DG  A "C5'" 1 
ATOM   3   C  "C4'" . DG  A 1 1  ? 24.073  -6.865  -2.041  1.00 143.48 ? 1   DG  A "C4'" 1 
ATOM   4   O  "O4'" . DG  A 1 1  ? 24.165  -5.531  -1.467  1.00 135.38 ? 1   DG  A "O4'" 1 
ATOM   5   C  "C3'" . DG  A 1 1  ? 24.609  -6.711  -3.496  1.00 142.94 ? 1   DG  A "C3'" 1 
ATOM   6   O  "O3'" . DG  A 1 1  ? 23.587  -7.108  -4.531  1.00 149.34 ? 1   DG  A "O3'" 1 
ATOM   7   C  "C2'" . DG  A 1 1  ? 25.054  -5.236  -3.586  1.00 135.72 ? 1   DG  A "C2'" 1 
ATOM   8   C  "C1'" . DG  A 1 1  ? 24.144  -4.615  -2.540  1.00 135.05 ? 1   DG  A "C1'" 1 
ATOM   9   N  N9    . DG  A 1 1  ? 24.523  -3.277  -2.081  1.00 132.38 ? 1   DG  A N9    1 
ATOM   10  C  C8    . DG  A 1 1  ? 25.109  -2.272  -2.820  1.00 129.39 ? 1   DG  A C8    1 
ATOM   11  N  N7    . DG  A 1 1  ? 25.311  -1.173  -2.136  1.00 128.60 ? 1   DG  A N7    1 
ATOM   12  C  C5    . DG  A 1 1  ? 24.808  -1.462  -0.867  1.00 128.03 ? 1   DG  A C5    1 
ATOM   13  C  C6    . DG  A 1 1  ? 24.738  -0.656  0.308   1.00 126.76 ? 1   DG  A C6    1 
ATOM   14  O  O6    . DG  A 1 1  ? 25.131  0.517   0.470   1.00 125.12 ? 1   DG  A O6    1 
ATOM   15  N  N1    . DG  A 1 1  ? 24.149  -1.350  1.372   1.00 126.50 ? 1   DG  A N1    1 
ATOM   16  C  C2    . DG  A 1 1  ? 23.686  -2.651  1.307   1.00 126.81 ? 1   DG  A C2    1 
ATOM   17  N  N2    . DG  A 1 1  ? 23.154  -3.147  2.422   1.00 124.09 ? 1   DG  A N2    1 
ATOM   18  N  N3    . DG  A 1 1  ? 23.742  -3.409  0.222   1.00 127.82 ? 1   DG  A N3    1 
ATOM   19  C  C4    . DG  A 1 1  ? 24.312  -2.757  -0.823  1.00 129.70 ? 1   DG  A C4    1 
ATOM   20  P  P     . DA  A 1 2  ? 22.370  -6.160  -5.058  1.00 148.45 ? 2   DA  A P     1 
ATOM   21  O  OP1   . DA  A 1 2  ? 21.884  -6.845  -6.275  1.00 142.00 ? 2   DA  A OP1   1 
ATOM   22  O  OP2   . DA  A 1 2  ? 22.688  -4.711  -5.181  1.00 139.27 ? 2   DA  A OP2   1 
ATOM   23  O  "O5'" . DA  A 1 2  ? 21.223  -6.358  -3.960  1.00 141.72 ? 2   DA  A "O5'" 1 
ATOM   24  C  "C5'" . DA  A 1 2  ? 20.748  -7.683  -3.648  1.00 140.15 ? 2   DA  A "C5'" 1 
ATOM   25  C  "C4'" . DA  A 1 2  ? 20.081  -7.715  -2.283  1.00 141.15 ? 2   DA  A "C4'" 1 
ATOM   26  O  "O4'" . DA  A 1 2  ? 20.594  -6.622  -1.466  1.00 139.46 ? 2   DA  A "O4'" 1 
ATOM   27  C  "C3'" . DA  A 1 2  ? 18.571  -7.510  -2.299  1.00 144.99 ? 2   DA  A "C3'" 1 
ATOM   28  O  "O3'" . DA  A 1 2  ? 17.983  -8.107  -1.134  1.00 148.92 ? 2   DA  A "O3'" 1 
ATOM   29  C  "C2'" . DA  A 1 2  ? 18.467  -5.994  -2.238  1.00 140.32 ? 2   DA  A "C2'" 1 
ATOM   30  C  "C1'" . DA  A 1 2  ? 19.551  -5.694  -1.215  1.00 136.60 ? 2   DA  A "C1'" 1 
ATOM   31  N  N9    . DA  A 1 2  ? 20.073  -4.341  -1.326  1.00 134.55 ? 2   DA  A N9    1 
ATOM   32  C  C8    . DA  A 1 2  ? 20.561  -3.727  -2.452  1.00 134.36 ? 2   DA  A C8    1 
ATOM   33  N  N7    . DA  A 1 2  ? 20.947  -2.486  -2.255  1.00 133.32 ? 2   DA  A N7    1 
ATOM   34  C  C5    . DA  A 1 2  ? 20.684  -2.273  -0.901  1.00 134.12 ? 2   DA  A C5    1 
ATOM   35  C  C6    . DA  A 1 2  ? 20.865  -1.151  -0.053  1.00 132.70 ? 2   DA  A C6    1 
ATOM   36  N  N6    . DA  A 1 2  ? 21.380  0.019   -0.475  1.00 131.29 ? 2   DA  A N6    1 
ATOM   37  N  N1    . DA  A 1 2  ? 20.492  -1.284  1.249   1.00 130.90 ? 2   DA  A N1    1 
ATOM   38  C  C2    . DA  A 1 2  ? 19.976  -2.457  1.664   1.00 131.01 ? 2   DA  A C2    1 
ATOM   39  N  N3    . DA  A 1 2  ? 19.761  -3.572  0.961   1.00 132.00 ? 2   DA  A N3    1 
ATOM   40  C  C4    . DA  A 1 2  ? 20.139  -3.411  -0.321  1.00 134.05 ? 2   DA  A C4    1 
ATOM   41  P  P     . DG  A 1 3  ? 16.422  -7.874  -0.804  1.00 144.63 ? 3   DG  A P     1 
ATOM   42  O  OP1   . DG  A 1 3  ? 15.931  -9.028  -0.013  1.00 145.52 ? 3   DG  A OP1   1 
ATOM   43  O  OP2   . DG  A 1 3  ? 15.766  -7.527  -2.086  1.00 147.92 ? 3   DG  A OP2   1 
ATOM   44  O  "O5'" . DG  A 1 3  ? 16.399  -6.577  0.132   1.00 136.68 ? 3   DG  A "O5'" 1 
ATOM   45  C  "C5'" . DG  A 1 3  ? 16.820  -6.675  1.482   1.00 136.85 ? 3   DG  A "C5'" 1 
ATOM   46  C  "C4'" . DG  A 1 3  ? 16.172  -5.588  2.305   1.00 136.55 ? 3   DG  A "C4'" 1 
ATOM   47  O  "O4'" . DG  A 1 3  ? 16.826  -4.330  2.017   1.00 135.09 ? 3   DG  A "O4'" 1 
ATOM   48  C  "C3'" . DG  A 1 3  ? 14.681  -5.377  2.007   1.00 138.01 ? 3   DG  A "C3'" 1 
ATOM   49  O  "O3'" . DG  A 1 3  ? 13.919  -5.371  3.218   1.00 141.76 ? 3   DG  A "O3'" 1 
ATOM   50  C  "C2'" . DG  A 1 3  ? 14.626  -4.022  1.294   1.00 136.19 ? 3   DG  A "C2'" 1 
ATOM   51  C  "C1'" . DG  A 1 3  ? 15.850  -3.326  1.862   1.00 135.33 ? 3   DG  A "C1'" 1 
ATOM   52  N  N9    . DG  A 1 3  ? 16.389  -2.286  0.989   1.00 136.30 ? 3   DG  A N9    1 
ATOM   53  C  C8    . DG  A 1 3  ? 16.828  -2.433  -0.311  1.00 135.08 ? 3   DG  A C8    1 
ATOM   54  N  N7    . DG  A 1 3  ? 17.259  -1.319  -0.849  1.00 135.24 ? 3   DG  A N7    1 
ATOM   55  C  C5    . DG  A 1 3  ? 17.095  -0.370  0.159   1.00 137.84 ? 3   DG  A C5    1 
ATOM   56  C  C6    . DG  A 1 3  ? 17.389  1.020   0.166   1.00 138.00 ? 3   DG  A C6    1 
ATOM   57  O  O6    . DG  A 1 3  ? 17.873  1.711   -0.748  1.00 138.55 ? 3   DG  A O6    1 
ATOM   58  N  N1    . DG  A 1 3  ? 17.069  1.606   1.396   1.00 137.12 ? 3   DG  A N1    1 
ATOM   59  C  C2    . DG  A 1 3  ? 16.532  0.937   2.481   1.00 136.33 ? 3   DG  A C2    1 
ATOM   60  N  N2    . DG  A 1 3  ? 16.293  1.678   3.574   1.00 133.13 ? 3   DG  A N2    1 
ATOM   61  N  N3    . DG  A 1 3  ? 16.254  -0.368  2.489   1.00 137.02 ? 3   DG  A N3    1 
ATOM   62  C  C4    . DG  A 1 3  ? 16.559  -0.954  1.300   1.00 137.80 ? 3   DG  A C4    1 
ATOM   63  P  P     . DC  A 1 4  ? 12.336  -5.656  3.160   1.00 145.86 ? 4   DC  A P     1 
ATOM   64  O  OP1   . DC  A 1 4  ? 12.023  -6.819  4.034   1.00 144.11 ? 4   DC  A OP1   1 
ATOM   65  O  OP2   . DC  A 1 4  ? 11.997  -5.677  1.714   1.00 142.30 ? 4   DC  A OP2   1 
ATOM   66  O  "O5'" . DC  A 1 4  ? 11.662  -4.339  3.785   1.00 142.78 ? 4   DC  A "O5'" 1 
ATOM   67  C  "C5'" . DC  A 1 4  ? 11.840  -4.014  5.156   1.00 141.39 ? 4   DC  A "C5'" 1 
ATOM   68  C  "C4'" . DC  A 1 4  ? 11.531  -2.545  5.386   1.00 144.69 ? 4   DC  A "C4'" 1 
ATOM   69  O  "O4'" . DC  A 1 4  ? 12.381  -1.722  4.534   1.00 146.01 ? 4   DC  A "O4'" 1 
ATOM   70  C  "C3'" . DC  A 1 4  ? 10.085  -2.118  5.075   1.00 145.67 ? 4   DC  A "C3'" 1 
ATOM   71  O  "O3'" . DC  A 1 4  ? 9.560   -1.387  6.197   1.00 148.53 ? 4   DC  A "O3'" 1 
ATOM   72  C  "C2'" . DC  A 1 4  ? 10.235  -1.236  3.825   1.00 143.21 ? 4   DC  A "C2'" 1 
ATOM   73  C  "C1'" . DC  A 1 4  ? 11.612  -0.642  4.059   1.00 145.49 ? 4   DC  A "C1'" 1 
ATOM   74  N  N1    . DC  A 1 4  ? 12.247  -0.061  2.817   1.00 145.03 ? 4   DC  A N1    1 
ATOM   75  C  C2    . DC  A 1 4  ? 12.573  1.309   2.774   1.00 141.74 ? 4   DC  A C2    1 
ATOM   76  O  O2    . DC  A 1 4  ? 12.353  2.020   3.768   1.00 139.89 ? 4   DC  A O2    1 
ATOM   77  N  N3    . DC  A 1 4  ? 13.135  1.817   1.637   1.00 139.54 ? 4   DC  A N3    1 
ATOM   78  C  C4    . DC  A 1 4  ? 13.356  1.021   0.581   1.00 138.33 ? 4   DC  A C4    1 
ATOM   79  N  N4    . DC  A 1 4  ? 13.906  1.567   -0.516  1.00 136.83 ? 4   DC  A N4    1 
ATOM   80  C  C5    . DC  A 1 4  ? 13.024  -0.372  0.606   1.00 138.97 ? 4   DC  A C5    1 
ATOM   81  C  C6    . DC  A 1 4  ? 12.475  -0.864  1.731   1.00 142.51 ? 4   DC  A C6    1 
ATOM   82  P  P     . DA  A 1 5  ? 8.483   -0.203  6.007   1.00 152.47 ? 5   DA  A P     1 
ATOM   83  O  OP1   . DA  A 1 5  ? 7.915   0.063   7.353   1.00 156.77 ? 5   DA  A OP1   1 
ATOM   84  O  OP2   . DA  A 1 5  ? 7.581   -0.531  4.876   1.00 148.62 ? 5   DA  A OP2   1 
ATOM   85  O  "O5'" . DA  A 1 5  ? 9.367   1.079   5.628   1.00 146.71 ? 5   DA  A "O5'" 1 
ATOM   86  C  "C5'" . DA  A 1 5  ? 10.033  1.809   6.660   1.00 147.05 ? 5   DA  A "C5'" 1 
ATOM   87  C  "C4'" . DA  A 1 5  ? 9.794   3.302   6.508   1.00 148.07 ? 5   DA  A "C4'" 1 
ATOM   88  O  "O4'" . DA  A 1 5  ? 10.386  3.766   5.269   1.00 144.02 ? 5   DA  A "O4'" 1 
ATOM   89  C  "C3'" . DA  A 1 5  ? 8.330   3.729   6.465   1.00 150.01 ? 5   DA  A "C3'" 1 
ATOM   90  O  "O3'" . DA  A 1 5  ? 8.171   4.973   7.153   1.00 153.23 ? 5   DA  A "O3'" 1 
ATOM   91  C  "C2'" . DA  A 1 5  ? 8.030   3.849   4.964   1.00 144.79 ? 5   DA  A "C2'" 1 
ATOM   92  C  "C1'" . DA  A 1 5  ? 9.389   4.209   4.368   1.00 141.83 ? 5   DA  A "C1'" 1 
ATOM   93  N  N9    . DA  A 1 5  ? 9.646   3.578   3.076   1.00 139.81 ? 5   DA  A N9    1 
ATOM   94  C  C8    . DA  A 1 5  ? 9.236   2.336   2.660   1.00 138.34 ? 5   DA  A C8    1 
ATOM   95  N  N7    . DA  A 1 5  ? 9.627   2.028   1.440   1.00 136.65 ? 5   DA  A N7    1 
ATOM   96  C  C5    . DA  A 1 5  ? 10.350  3.146   1.029   1.00 138.53 ? 5   DA  A C5    1 
ATOM   97  C  C6    . DA  A 1 5  ? 11.035  3.460   -0.173  1.00 136.73 ? 5   DA  A C6    1 
ATOM   98  N  N6    . DA  A 1 5  ? 11.100  2.632   -1.225  1.00 133.16 ? 5   DA  A N6    1 
ATOM   99  N  N1    . DA  A 1 5  ? 11.651  4.662   -0.245  1.00 137.44 ? 5   DA  A N1    1 
ATOM   100 C  C2    . DA  A 1 5  ? 11.585  5.492   0.812   1.00 138.25 ? 5   DA  A C2    1 
ATOM   101 N  N3    . DA  A 1 5  ? 10.975  5.312   1.986   1.00 138.14 ? 5   DA  A N3    1 
ATOM   102 C  C4    . DA  A 1 5  ? 10.372  4.109   2.031   1.00 139.88 ? 5   DA  A C4    1 
ATOM   103 P  P     . DG  A 1 6  ? 6.772   5.766   7.111   1.00 157.61 ? 6   DG  A P     1 
ATOM   104 O  OP1   . DG  A 1 6  ? 6.618   6.432   8.430   1.00 155.81 ? 6   DG  A OP1   1 
ATOM   105 O  OP2   . DG  A 1 6  ? 5.712   4.825   6.666   1.00 150.02 ? 6   DG  A OP2   1 
ATOM   106 O  "O5'" . DG  A 1 6  ? 7.001   6.875   5.956   1.00 151.28 ? 6   DG  A "O5'" 1 
ATOM   107 C  "C5'" . DG  A 1 6  ? 8.079   7.833   6.068   1.00 147.41 ? 6   DG  A "C5'" 1 
ATOM   108 C  "C4'" . DG  A 1 6  ? 8.338   8.543   4.742   1.00 145.43 ? 6   DG  A "C4'" 1 
ATOM   109 O  "O4'" . DG  A 1 6  ? 8.692   7.576   3.725   1.00 140.46 ? 6   DG  A "O4'" 1 
ATOM   110 C  "C3'" . DG  A 1 6  ? 7.151   9.343   4.176   1.00 148.33 ? 6   DG  A "C3'" 1 
ATOM   111 O  "O3'" . DG  A 1 6  ? 7.447   10.751  4.205   1.00 156.52 ? 6   DG  A "O3'" 1 
ATOM   112 C  "C2'" . DG  A 1 6  ? 6.979   8.826   2.733   1.00 142.57 ? 6   DG  A "C2'" 1 
ATOM   113 C  "C1'" . DG  A 1 6  ? 8.281   8.079   2.476   1.00 140.31 ? 6   DG  A "C1'" 1 
ATOM   114 N  N9    . DG  A 1 6  ? 8.147   6.965   1.531   1.00 138.06 ? 6   DG  A N9    1 
ATOM   115 C  C8    . DG  A 1 6  ? 7.509   5.760   1.740   1.00 137.41 ? 6   DG  A C8    1 
ATOM   116 N  N7    . DG  A 1 6  ? 7.554   4.955   0.707   1.00 136.16 ? 6   DG  A N7    1 
ATOM   117 C  C5    . DG  A 1 6  ? 8.270   5.670   -0.252  1.00 136.31 ? 6   DG  A C5    1 
ATOM   118 C  C6    . DG  A 1 6  ? 8.643   5.316   -1.585  1.00 131.54 ? 6   DG  A C6    1 
ATOM   119 O  O6    . DG  A 1 6  ? 8.413   4.262   -2.207  1.00 128.01 ? 6   DG  A O6    1 
ATOM   120 N  N1    . DG  A 1 6  ? 9.358   6.337   -2.201  1.00 132.10 ? 6   DG  A N1    1 
ATOM   121 C  C2    . DG  A 1 6  ? 9.679   7.549   -1.617  1.00 135.53 ? 6   DG  A C2    1 
ATOM   122 N  N2    . DG  A 1 6  ? 10.377  8.406   -2.377  1.00 136.13 ? 6   DG  A N2    1 
ATOM   123 N  N3    . DG  A 1 6  ? 9.338   7.898   -0.376  1.00 135.97 ? 6   DG  A N3    1 
ATOM   124 C  C4    . DG  A 1 6  ? 8.640   6.915   0.244   1.00 136.95 ? 6   DG  A C4    1 
ATOM   125 P  P     . DA  A 1 7  ? 6.341   11.837  3.760   1.00 165.20 ? 7   DA  A P     1 
ATOM   126 O  OP1   . DA  A 1 7  ? 6.567   13.078  4.545   1.00 157.05 ? 7   DA  A OP1   1 
ATOM   127 O  OP2   . DA  A 1 7  ? 5.020   11.176  3.849   1.00 165.36 ? 7   DA  A OP2   1 
ATOM   128 O  "O5'" . DA  A 1 7  ? 6.674   12.123  2.211   1.00 146.92 ? 7   DA  A "O5'" 1 
ATOM   129 C  "C5'" . DA  A 1 7  ? 8.027   12.329  1.798   1.00 141.47 ? 7   DA  A "C5'" 1 
ATOM   130 C  "C4'" . DA  A 1 7  ? 8.114   12.518  0.297   1.00 138.35 ? 7   DA  A "C4'" 1 
ATOM   131 O  "O4'" . DA  A 1 7  ? 8.204   11.228  -0.359  1.00 133.03 ? 7   DA  A "O4'" 1 
ATOM   132 C  "C3'" . DA  A 1 7  ? 6.919   13.237  -0.339  1.00 137.56 ? 7   DA  A "C3'" 1 
ATOM   133 O  "O3'" . DA  A 1 7  ? 7.390   14.200  -1.295  1.00 142.83 ? 7   DA  A "O3'" 1 
ATOM   134 C  "C2'" . DA  A 1 7  ? 6.153   12.103  -1.015  1.00 132.23 ? 7   DA  A "C2'" 1 
ATOM   135 C  "C1'" . DA  A 1 7  ? 7.294   11.202  -1.437  1.00 130.39 ? 7   DA  A "C1'" 1 
ATOM   136 N  N9    . DA  A 1 7  ? 6.881   9.830   -1.665  1.00 130.91 ? 7   DA  A N9    1 
ATOM   137 C  C8    . DA  A 1 7  ? 6.273   8.993   -0.770  1.00 132.90 ? 7   DA  A C8    1 
ATOM   138 N  N7    . DA  A 1 7  ? 6.009   7.799   -1.250  1.00 129.34 ? 7   DA  A N7    1 
ATOM   139 C  C5    . DA  A 1 7  ? 6.473   7.858   -2.554  1.00 127.44 ? 7   DA  A C5    1 
ATOM   140 C  C6    . DA  A 1 7  ? 6.489   6.911   -3.600  1.00 125.77 ? 7   DA  A C6    1 
ATOM   141 N  N6    . DA  A 1 7  ? 6.003   5.667   -3.476  1.00 123.35 ? 7   DA  A N6    1 
ATOM   142 N  N1    . DA  A 1 7  ? 7.028   7.298   -4.785  1.00 124.38 ? 7   DA  A N1    1 
ATOM   143 C  C2    . DA  A 1 7  ? 7.513   8.551   -4.897  1.00 126.15 ? 7   DA  A C2    1 
ATOM   144 N  N3    . DA  A 1 7  ? 7.551   9.526   -3.982  1.00 126.55 ? 7   DA  A N3    1 
ATOM   145 C  C4    . DA  A 1 7  ? 7.011   9.110   -2.825  1.00 127.58 ? 7   DA  A C4    1 
ATOM   146 P  P     . DC  A 1 8  ? 6.368   14.930  -2.306  1.00 152.90 ? 8   DC  A P     1 
ATOM   147 O  OP1   . DC  A 1 8  ? 6.947   16.247  -2.675  1.00 147.39 ? 8   DC  A OP1   1 
ATOM   148 O  OP2   . DC  A 1 8  ? 5.006   14.858  -1.719  1.00 151.18 ? 8   DC  A OP2   1 
ATOM   149 O  "O5'" . DC  A 1 8  ? 6.395   14.013  -3.616  1.00 134.14 ? 8   DC  A "O5'" 1 
ATOM   150 C  "C5'" . DC  A 1 8  ? 7.499   14.084  -4.497  1.00 129.54 ? 8   DC  A "C5'" 1 
ATOM   151 C  "C4'" . DC  A 1 8  ? 7.118   13.551  -5.857  1.00 129.26 ? 8   DC  A "C4'" 1 
ATOM   152 O  "O4'" . DC  A 1 8  ? 6.795   12.136  -5.752  1.00 128.45 ? 8   DC  A "O4'" 1 
ATOM   153 C  "C3'" . DC  A 1 8  ? 5.884   14.205  -6.498  1.00 127.08 ? 8   DC  A "C3'" 1 
ATOM   154 O  "O3'" . DC  A 1 8  ? 6.114   14.334  -7.913  1.00 131.65 ? 8   DC  A "O3'" 1 
ATOM   155 C  "C2'" . DC  A 1 8  ? 4.789   13.188  -6.195  1.00 122.64 ? 8   DC  A "C2'" 1 
ATOM   156 C  "C1'" . DC  A 1 8  ? 5.573   11.919  -6.423  1.00 123.15 ? 8   DC  A "C1'" 1 
ATOM   157 N  N1    . DC  A 1 8  ? 4.926   10.705  -5.895  1.00 121.02 ? 8   DC  A N1    1 
ATOM   158 C  C2    . DC  A 1 8  ? 4.770   9.604   -6.742  1.00 118.19 ? 8   DC  A C2    1 
ATOM   159 O  O2    . DC  A 1 8  ? 5.179   9.681   -7.912  1.00 116.18 ? 8   DC  A O2    1 
ATOM   160 N  N3    . DC  A 1 8  ? 4.170   8.487   -6.259  1.00 115.81 ? 8   DC  A N3    1 
ATOM   161 C  C4    . DC  A 1 8  ? 3.741   8.451   -4.994  1.00 116.82 ? 8   DC  A C4    1 
ATOM   162 N  N4    . DC  A 1 8  ? 3.159   7.326   -4.567  1.00 114.31 ? 8   DC  A N4    1 
ATOM   163 C  C5    . DC  A 1 8  ? 3.893   9.570   -4.110  1.00 118.16 ? 8   DC  A C5    1 
ATOM   164 C  C6    . DC  A 1 8  ? 4.485   10.667  -4.601  1.00 120.39 ? 8   DC  A C6    1 
ATOM   165 P  P     . DT  A 1 9  ? 4.905   14.539  -8.960  1.00 136.86 ? 9   DT  A P     1 
ATOM   166 O  OP1   . DT  A 1 9  ? 5.394   15.399  -10.065 1.00 132.69 ? 9   DT  A OP1   1 
ATOM   167 O  OP2   . DT  A 1 9  ? 3.674   14.960  -8.241  1.00 132.49 ? 9   DT  A OP2   1 
ATOM   168 O  "O5'" . DT  A 1 9  ? 4.708   13.097  -9.618  1.00 116.43 ? 9   DT  A "O5'" 1 
ATOM   169 C  "C5'" . DT  A 1 9  ? 4.040   13.010  -10.855 1.00 112.54 ? 9   DT  A "C5'" 1 
ATOM   170 C  "C4'" . DT  A 1 9  ? 4.649   11.950  -11.730 1.00 111.96 ? 9   DT  A "C4'" 1 
ATOM   171 O  "O4'" . DT  A 1 9  ? 4.654   10.701  -10.999 1.00 110.42 ? 9   DT  A "O4'" 1 
ATOM   172 C  "C3'" . DT  A 1 9  ? 3.827   11.651  -12.965 1.00 113.61 ? 9   DT  A "C3'" 1 
ATOM   173 O  "O3'" . DT  A 1 9  ? 4.591   10.901  -13.891 1.00 118.78 ? 9   DT  A "O3'" 1 
ATOM   174 C  "C2'" . DT  A 1 9  ? 2.741   10.797  -12.363 1.00 111.55 ? 9   DT  A "C2'" 1 
ATOM   175 C  "C1'" . DT  A 1 9  ? 3.581   9.896   -11.471 1.00 110.70 ? 9   DT  A "C1'" 1 
ATOM   176 N  N1    . DT  A 1 9  ? 2.817   9.377   -10.324 1.00 111.17 ? 9   DT  A N1    1 
ATOM   177 C  C2    . DT  A 1 9  ? 2.296   8.106   -10.389 1.00 108.68 ? 9   DT  A C2    1 
ATOM   178 O  O2    . DT  A 1 9  ? 2.457   7.366   -11.348 1.00 106.57 ? 9   DT  A O2    1 
ATOM   179 N  N3    . DT  A 1 9  ? 1.577   7.727   -9.279  1.00 108.88 ? 9   DT  A N3    1 
ATOM   180 C  C4    . DT  A 1 9  ? 1.325   8.487   -8.144  1.00 111.05 ? 9   DT  A C4    1 
ATOM   181 O  O4    . DT  A 1 9  ? 0.667   8.062   -7.187  1.00 109.91 ? 9   DT  A O4    1 
ATOM   182 C  C5    . DT  A 1 9  ? 1.894   9.814   -8.157  1.00 112.34 ? 9   DT  A C5    1 
ATOM   183 C  C7    . DT  A 1 9  ? 1.691   10.728  -6.990  1.00 113.55 ? 9   DT  A C7    1 
ATOM   184 C  C6    . DT  A 1 9  ? 2.593   10.192  -9.237  1.00 111.23 ? 9   DT  A C6    1 
ATOM   185 P  P     . DT  A 1 10 ? 3.991   10.540  -15.349 1.00 135.45 ? 10  DT  A P     1 
ATOM   186 O  OP1   . DT  A 1 10 ? 4.931   11.024  -16.404 1.00 138.62 ? 10  DT  A OP1   1 
ATOM   187 O  OP2   . DT  A 1 10 ? 2.568   10.954  -15.413 1.00 130.38 ? 10  DT  A OP2   1 
ATOM   188 O  "O5'" . DT  A 1 10 ? 3.950   8.942   -15.355 1.00 127.34 ? 10  DT  A "O5'" 1 
ATOM   189 C  "C5'" . DT  A 1 10 ? 2.936   8.255   -14.623 1.00 119.85 ? 10  DT  A "C5'" 1 
ATOM   190 C  "C4'" . DT  A 1 10 ? 2.237   7.254   -15.513 1.00 124.35 ? 10  DT  A "C4'" 1 
ATOM   191 O  "O4'" . DT  A 1 10 ? 1.411   6.388   -14.703 1.00 123.96 ? 10  DT  A "O4'" 1 
ATOM   192 C  "C3'" . DT  A 1 10 ? 1.287   7.851   -16.535 1.00 125.91 ? 10  DT  A "C3'" 1 
ATOM   193 O  "O3'" . DT  A 1 10 ? 1.102   6.906   -17.601 1.00 128.32 ? 10  DT  A "O3'" 1 
ATOM   194 C  "C2'" . DT  A 1 10 ? 0.015   8.037   -15.701 1.00 118.33 ? 10  DT  A "C2'" 1 
ATOM   195 C  "C1'" . DT  A 1 10 ? 0.047   6.775   -14.825 1.00 118.27 ? 10  DT  A "C1'" 1 
ATOM   196 N  N1    . DT  A 1 10 ? -0.524  6.939   -13.429 1.00 111.37 ? 10  DT  A N1    1 
ATOM   197 C  C2    . DT  A 1 10 ? -1.191  5.869   -12.848 1.00 108.40 ? 10  DT  A C2    1 
ATOM   198 O  O2    . DT  A 1 10 ? -1.368  4.799   -13.413 1.00 107.90 ? 10  DT  A O2    1 
ATOM   199 N  N3    . DT  A 1 10 ? -1.657  6.100   -11.575 1.00 103.65 ? 10  DT  A N3    1 
ATOM   200 C  C4    . DT  A 1 10 ? -1.521  7.260   -10.834 1.00 103.72 ? 10  DT  A C4    1 
ATOM   201 O  O4    . DT  A 1 10 ? -1.975  7.374   -9.692  1.00 99.35  ? 10  DT  A O4    1 
ATOM   202 C  C5    . DT  A 1 10 ? -0.811  8.333   -11.494 1.00 107.13 ? 10  DT  A C5    1 
ATOM   203 C  C7    . DT  A 1 10 ? -0.615  9.636   -10.786 1.00 106.03 ? 10  DT  A C7    1 
ATOM   204 C  C6    . DT  A 1 10 ? -0.347  8.124   -12.746 1.00 107.48 ? 10  DT  A C6    1 
ATOM   205 P  P     . DG  A 1 11 ? 0.303   7.307   -18.938 1.00 136.17 ? 11  DG  A P     1 
ATOM   206 O  OP1   . DG  A 1 11 ? 1.000   6.721   -20.112 1.00 133.54 ? 11  DG  A OP1   1 
ATOM   207 O  OP2   . DG  A 1 11 ? 0.049   8.769   -18.879 1.00 140.33 ? 11  DG  A OP2   1 
ATOM   208 O  "O5'" . DG  A 1 11 ? -1.088  6.530   -18.788 1.00 128.12 ? 11  DG  A "O5'" 1 
ATOM   209 C  "C5'" . DG  A 1 11 ? -1.122  5.171   -18.325 1.00 120.69 ? 11  DG  A "C5'" 1 
ATOM   210 C  "C4'" . DG  A 1 11 ? -2.556  4.739   -18.081 1.00 115.05 ? 11  DG  A "C4'" 1 
ATOM   211 O  "O4'" . DG  A 1 11 ? -2.935  5.020   -16.704 1.00 112.32 ? 11  DG  A "O4'" 1 
ATOM   212 C  "C3'" . DG  A 1 11 ? -3.598  5.461   -18.932 1.00 109.55 ? 11  DG  A "C3'" 1 
ATOM   213 O  "O3'" . DG  A 1 11 ? -4.672  4.596   -19.140 1.00 105.33 ? 11  DG  A "O3'" 1 
ATOM   214 C  "C2'" . DG  A 1 11 ? -4.016  6.611   -18.027 1.00 106.22 ? 11  DG  A "C2'" 1 
ATOM   215 C  "C1'" . DG  A 1 11 ? -4.074  5.868   -16.711 1.00 106.04 ? 11  DG  A "C1'" 1 
ATOM   216 N  N9    . DG  A 1 11 ? -4.019  6.733   -15.555 1.00 101.05 ? 11  DG  A N9    1 
ATOM   217 C  C8    . DG  A 1 11 ? -3.393  7.947   -15.454 1.00 102.52 ? 11  DG  A C8    1 
ATOM   218 N  N7    . DG  A 1 11 ? -3.509  8.496   -14.275 1.00 101.74 ? 11  DG  A N7    1 
ATOM   219 C  C5    . DG  A 1 11 ? -4.268  7.584   -13.556 1.00 98.83  ? 11  DG  A C5    1 
ATOM   220 C  C6    . DG  A 1 11 ? -4.722  7.625   -12.209 1.00 96.57  ? 11  DG  A C6    1 
ATOM   221 O  O6    . DG  A 1 11 ? -4.538  8.509   -11.359 1.00 94.59  ? 11  DG  A O6    1 
ATOM   222 N  N1    . DG  A 1 11 ? -5.461  6.489   -11.885 1.00 93.54  ? 11  DG  A N1    1 
ATOM   223 C  C2    . DG  A 1 11 ? -5.729  5.445   -12.748 1.00 97.06  ? 11  DG  A C2    1 
ATOM   224 N  N2    . DG  A 1 11 ? -6.460  4.442   -12.247 1.00 95.61  ? 11  DG  A N2    1 
ATOM   225 N  N3    . DG  A 1 11 ? -5.310  5.392   -14.015 1.00 97.64  ? 11  DG  A N3    1 
ATOM   226 C  C4    . DG  A 1 11 ? -4.589  6.492   -14.342 1.00 99.46  ? 11  DG  A C4    1 
ATOM   227 P  P     . DA  A 1 12 ? -5.901  5.041   -20.069 1.00 115.79 ? 12  DA  A P     1 
ATOM   228 O  OP1   . DA  A 1 12 ? -5.355  5.273   -21.433 1.00 113.86 ? 12  DA  A OP1   1 
ATOM   229 O  OP2   . DA  A 1 12 ? -6.631  6.155   -19.405 1.00 104.04 ? 12  DA  A OP2   1 
ATOM   230 O  "O5'" . DA  A 1 12 ? -6.838  3.732   -20.074 1.00 115.09 ? 12  DA  A "O5'" 1 
ATOM   231 C  "C5'" . DA  A 1 12 ? -6.885  2.877   -18.910 1.00 108.32 ? 12  DA  A "C5'" 1 
ATOM   232 C  "C4'" . DA  A 1 12 ? -8.196  3.038   -18.145 1.00 105.43 ? 12  DA  A "C4'" 1 
ATOM   233 O  "O4'" . DA  A 1 12 ? -7.918  3.543   -16.820 1.00 105.80 ? 12  DA  A "O4'" 1 
ATOM   234 C  "C3'" . DA  A 1 12 ? -9.186  4.010   -18.765 1.00 100.80 ? 12  DA  A "C3'" 1 
ATOM   235 O  "O3'" . DA  A 1 12 ? -10.079 3.307   -19.618 1.00 99.74  ? 12  DA  A "O3'" 1 
ATOM   236 C  "C2'" . DA  A 1 12 ? -9.924  4.586   -17.565 1.00 98.07  ? 12  DA  A "C2'" 1 
ATOM   237 C  "C1'" . DA  A 1 12 ? -8.948  4.416   -16.406 1.00 99.48  ? 12  DA  A "C1'" 1 
ATOM   238 N  N9    . DA  A 1 12 ? -8.337  5.660   -15.996 1.00 99.41  ? 12  DA  A N9    1 
ATOM   239 C  C8    . DA  A 1 12 ? -7.456  6.421   -16.712 1.00 100.45 ? 12  DA  A C8    1 
ATOM   240 N  N7    . DA  A 1 12 ? -7.053  7.500   -16.084 1.00 100.05 ? 12  DA  A N7    1 
ATOM   241 C  C5    . DA  A 1 12 ? -7.720  7.442   -14.869 1.00 96.98  ? 12  DA  A C5    1 
ATOM   242 C  C6    . DA  A 1 12 ? -7.731  8.299   -13.740 1.00 96.26  ? 12  DA  A C6    1 
ATOM   243 N  N6    . DA  A 1 12 ? -7.011  9.433   -13.665 1.00 97.19  ? 12  DA  A N6    1 
ATOM   244 N  N1    . DA  A 1 12 ? -8.514  7.938   -12.688 1.00 98.24  ? 12  DA  A N1    1 
ATOM   245 C  C2    . DA  A 1 12 ? -9.228  6.795   -12.775 1.00 99.68  ? 12  DA  A C2    1 
ATOM   246 N  N3    . DA  A 1 12 ? -9.297  5.917   -13.785 1.00 97.49  ? 12  DA  A N3    1 
ATOM   247 C  C4    . DA  A 1 12 ? -8.512  6.304   -14.802 1.00 96.73  ? 12  DA  A C4    1 
ATOM   248 P  P     . DC  B 2 1  ? -24.909 -5.833  -2.695  1.00 108.50 ? 12  DC  B P     1 
ATOM   249 O  OP1   . DC  B 2 1  ? -25.743 -4.696  -2.210  1.00 111.23 ? 12  DC  B OP1   1 
ATOM   250 O  OP2   . DC  B 2 1  ? -25.225 -6.468  -3.998  1.00 104.62 ? 12  DC  B OP2   1 
ATOM   251 O  "O5'" . DC  B 2 1  ? -23.352 -5.445  -2.699  1.00 96.74  ? 12  DC  B "O5'" 1 
ATOM   252 C  "C5'" . DC  B 2 1  ? -22.454 -6.036  -1.763  1.00 101.01 ? 12  DC  B "C5'" 1 
ATOM   253 C  "C4'" . DC  B 2 1  ? -22.217 -7.512  -2.060  1.00 102.23 ? 12  DC  B "C4'" 1 
ATOM   254 O  "O4'" . DC  B 2 1  ? -21.465 -7.664  -3.284  1.00 102.01 ? 12  DC  B "O4'" 1 
ATOM   255 C  "C3'" . DC  B 2 1  ? -21.377 -8.230  -1.018  1.00 104.80 ? 12  DC  B "C3'" 1 
ATOM   256 O  "O3'" . DC  B 2 1  ? -22.205 -8.713  0.029   1.00 108.58 ? 12  DC  B "O3'" 1 
ATOM   257 C  "C2'" . DC  B 2 1  ? -20.746 -9.382  -1.788  1.00 99.18  ? 12  DC  B "C2'" 1 
ATOM   258 C  "C1'" . DC  B 2 1  ? -20.768 -8.905  -3.243  1.00 100.15 ? 12  DC  B "C1'" 1 
ATOM   259 N  N1    . DC  B 2 1  ? -19.394 -8.737  -3.846  1.00 98.82  ? 12  DC  B N1    1 
ATOM   260 C  C2    . DC  B 2 1  ? -18.449 -9.802  -3.782  1.00 99.86  ? 12  DC  B C2    1 
ATOM   261 O  O2    . DC  B 2 1  ? -18.751 -10.877 -3.231  1.00 100.95 ? 12  DC  B O2    1 
ATOM   262 N  N3    . DC  B 2 1  ? -17.224 -9.625  -4.342  1.00 97.90  ? 12  DC  B N3    1 
ATOM   263 C  C4    . DC  B 2 1  ? -16.917 -8.475  -4.935  1.00 96.99  ? 12  DC  B C4    1 
ATOM   264 N  N4    . DC  B 2 1  ? -15.690 -8.365  -5.466  1.00 96.43  ? 12  DC  B N4    1 
ATOM   265 C  C5    . DC  B 2 1  ? -17.852 -7.386  -5.012  1.00 95.85  ? 12  DC  B C5    1 
ATOM   266 C  C6    . DC  B 2 1  ? -19.064 -7.558  -4.461  1.00 96.34  ? 12  DC  B C6    1 
ATOM   267 P  P     . DG  B 2 2  ? -21.733 -8.531  1.556   1.00 113.98 ? 13  DG  B P     1 
ATOM   268 O  OP1   . DG  B 2 2  ? -22.888 -7.903  2.246   1.00 112.69 ? 13  DG  B OP1   1 
ATOM   269 O  OP2   . DG  B 2 2  ? -20.388 -7.889  1.564   1.00 109.33 ? 13  DG  B OP2   1 
ATOM   270 O  "O5'" . DG  B 2 2  ? -21.536 -10.026 2.105   1.00 111.53 ? 13  DG  B "O5'" 1 
ATOM   271 C  "C5'" . DG  B 2 2  ? -21.408 -11.120 1.201   1.00 108.81 ? 13  DG  B "C5'" 1 
ATOM   272 C  "C4'" . DG  B 2 2  ? -20.048 -11.792 1.332   1.00 107.26 ? 13  DG  B "C4'" 1 
ATOM   273 O  "O4'" . DG  B 2 2  ? -19.173 -11.326 0.268   1.00 105.37 ? 13  DG  B "O4'" 1 
ATOM   274 C  "C3'" . DG  B 2 2  ? -19.283 -11.520 2.645   1.00 108.55 ? 13  DG  B "C3'" 1 
ATOM   275 O  "O3'" . DG  B 2 2  ? -18.579 -12.716 3.060   1.00 109.00 ? 13  DG  B "O3'" 1 
ATOM   276 C  "C2'" . DG  B 2 2  ? -18.301 -10.445 2.212   1.00 106.12 ? 13  DG  B "C2'" 1 
ATOM   277 C  "C1'" . DG  B 2 2  ? -17.935 -11.001 0.849   1.00 104.85 ? 13  DG  B "C1'" 1 
ATOM   278 N  N9    . DG  B 2 2  ? -17.231 -10.049 0.011   1.00 102.89 ? 13  DG  B N9    1 
ATOM   279 C  C8    . DG  B 2 2  ? -17.565 -8.733  -0.197  1.00 100.40 ? 13  DG  B C8    1 
ATOM   280 N  N7    . DG  B 2 2  ? -16.740 -8.101  -0.982  1.00 97.95  ? 13  DG  B N7    1 
ATOM   281 C  C5    . DG  B 2 2  ? -15.786 -9.058  -1.311  1.00 98.02  ? 13  DG  B C5    1 
ATOM   282 C  C6    . DG  B 2 2  ? -14.638 -8.955  -2.134  1.00 98.30  ? 13  DG  B C6    1 
ATOM   283 O  O6    . DG  B 2 2  ? -14.224 -7.962  -2.750  1.00 99.08  ? 13  DG  B O6    1 
ATOM   284 N  N1    . DG  B 2 2  ? -13.941 -10.161 -2.202  1.00 98.70  ? 13  DG  B N1    1 
ATOM   285 C  C2    . DG  B 2 2  ? -14.301 -11.328 -1.554  1.00 96.85  ? 13  DG  B C2    1 
ATOM   286 N  N2    . DG  B 2 2  ? -13.495 -12.385 -1.748  1.00 92.18  ? 13  DG  B N2    1 
ATOM   287 N  N3    . DG  B 2 2  ? -15.380 -11.443 -0.771  1.00 98.84  ? 13  DG  B N3    1 
ATOM   288 C  C4    . DG  B 2 2  ? -16.071 -10.269 -0.698  1.00 99.40  ? 13  DG  B C4    1 
ATOM   289 P  P     . DA  B 2 3  ? -17.774 -12.778 4.462   1.00 111.39 ? 14  DA  B P     1 
ATOM   290 O  OP1   . DA  B 2 3  ? -18.828 -12.863 5.507   1.00 107.30 ? 14  DA  B OP1   1 
ATOM   291 O  OP2   . DA  B 2 3  ? -16.772 -11.686 4.559   1.00 107.22 ? 14  DA  B OP2   1 
ATOM   292 O  "O5'" . DA  B 2 3  ? -16.919 -14.141 4.360   1.00 107.16 ? 14  DA  B "O5'" 1 
ATOM   293 C  "C5'" . DA  B 2 3  ? -15.617 -14.220 4.954   1.00 106.23 ? 14  DA  B "C5'" 1 
ATOM   294 C  "C4'" . DA  B 2 3  ? -14.528 -14.118 3.892   1.00 108.68 ? 14  DA  B "C4'" 1 
ATOM   295 O  "O4'" . DA  B 2 3  ? -14.869 -13.088 2.947   1.00 106.05 ? 14  DA  B "O4'" 1 
ATOM   296 C  "C3'" . DA  B 2 3  ? -13.151 -13.738 4.419   1.00 108.03 ? 14  DA  B "C3'" 1 
ATOM   297 O  "O3'" . DA  B 2 3  ? -12.396 -14.915 4.668   1.00 107.82 ? 14  DA  B "O3'" 1 
ATOM   298 C  "C2'" . DA  B 2 3  ? -12.524 -12.888 3.290   1.00 107.56 ? 14  DA  B "C2'" 1 
ATOM   299 C  "C1'" . DA  B 2 3  ? -13.691 -12.593 2.340   1.00 104.52 ? 14  DA  B "C1'" 1 
ATOM   300 N  N9    . DA  B 2 3  ? -13.895 -11.165 2.047   1.00 103.06 ? 14  DA  B N9    1 
ATOM   301 C  C8    . DA  B 2 3  ? -14.959 -10.391 2.434   1.00 102.09 ? 14  DA  B C8    1 
ATOM   302 N  N7    . DA  B 2 3  ? -14.903 -9.141  2.016   1.00 100.96 ? 14  DA  B N7    1 
ATOM   303 C  C5    . DA  B 2 3  ? -13.715 -9.087  1.295   1.00 99.38  ? 14  DA  B C5    1 
ATOM   304 C  C6    . DA  B 2 3  ? -13.071 -8.033  0.588   1.00 94.88  ? 14  DA  B C6    1 
ATOM   305 N  N6    . DA  B 2 3  ? -13.561 -6.786  0.498   1.00 91.39  ? 14  DA  B N6    1 
ATOM   306 N  N1    . DA  B 2 3  ? -11.901 -8.328  -0.026  1.00 94.37  ? 14  DA  B N1    1 
ATOM   307 C  C2    . DA  B 2 3  ? -11.411 -9.583  0.070   1.00 98.56  ? 14  DA  B C2    1 
ATOM   308 N  N3    . DA  B 2 3  ? -11.922 -10.648 0.703   1.00 99.70  ? 14  DA  B N3    1 
ATOM   309 C  C4    . DA  B 2 3  ? -13.082 -10.330 1.298   1.00 101.02 ? 14  DA  B C4    1 
ATOM   310 P  P     . DG  B 2 4  ? -11.131 -14.864 5.658   1.00 110.16 ? 15  DG  B P     1 
ATOM   311 O  OP1   . DG  B 2 4  ? -11.401 -15.746 6.820   1.00 121.86 ? 15  DG  B OP1   1 
ATOM   312 O  OP2   . DG  B 2 4  ? -10.830 -13.427 5.867   1.00 104.24 ? 15  DG  B OP2   1 
ATOM   313 O  "O5'" . DG  B 2 4  ? -9.957  -15.565 4.819   1.00 110.88 ? 15  DG  B "O5'" 1 
ATOM   314 C  "C5'" . DG  B 2 4  ? -9.794  -15.259 3.444   1.00 113.05 ? 15  DG  B "C5'" 1 
ATOM   315 C  "C4'" . DG  B 2 4  ? -8.355  -14.874 3.146   1.00 116.90 ? 15  DG  B "C4'" 1 
ATOM   316 O  "O4'" . DG  B 2 4  ? -8.328  -13.588 2.468   1.00 116.44 ? 15  DG  B "O4'" 1 
ATOM   317 C  "C3'" . DG  B 2 4  ? -7.458  -14.695 4.363   1.00 114.08 ? 15  DG  B "C3'" 1 
ATOM   318 O  "O3'" . DG  B 2 4  ? -6.098  -14.929 3.978   1.00 119.16 ? 15  DG  B "O3'" 1 
ATOM   319 C  "C2'" . DG  B 2 4  ? -7.692  -13.228 4.705   1.00 109.63 ? 15  DG  B "C2'" 1 
ATOM   320 C  "C1'" . DG  B 2 4  ? -7.734  -12.617 3.313   1.00 106.80 ? 15  DG  B "C1'" 1 
ATOM   321 N  N9    . DG  B 2 4  ? -8.540  -11.414 3.237   1.00 101.82 ? 15  DG  B N9    1 
ATOM   322 C  C8    . DG  B 2 4  ? -9.790  -11.223 3.770   1.00 102.41 ? 15  DG  B C8    1 
ATOM   323 N  N7    . DG  B 2 4  ? -10.288 -10.037 3.534   1.00 104.38 ? 15  DG  B N7    1 
ATOM   324 C  C5    . DG  B 2 4  ? -9.296  -9.394  2.792   1.00 104.44 ? 15  DG  B C5    1 
ATOM   325 C  C6    . DG  B 2 4  ? -9.254  -8.077  2.243   1.00 99.48  ? 15  DG  B C6    1 
ATOM   326 O  O6    . DG  B 2 4  ? -10.121 -7.183  2.307   1.00 98.02  ? 15  DG  B O6    1 
ATOM   327 N  N1    . DG  B 2 4  ? -8.054  -7.844  1.559   1.00 93.95  ? 15  DG  B N1    1 
ATOM   328 C  C2    . DG  B 2 4  ? -7.027  -8.762  1.423   1.00 94.63  ? 15  DG  B C2    1 
ATOM   329 N  N2    . DG  B 2 4  ? -5.956  -8.359  0.729   1.00 89.07  ? 15  DG  B N2    1 
ATOM   330 N  N3    . DG  B 2 4  ? -7.051  -9.992  1.929   1.00 102.20 ? 15  DG  B N3    1 
ATOM   331 C  C4    . DG  B 2 4  ? -8.211  -10.238 2.599   1.00 104.80 ? 15  DG  B C4    1 
ATOM   332 P  P     . DA  B 2 5  ? -4.895  -14.792 5.042   1.00 131.11 ? 16  DA  B P     1 
ATOM   333 O  OP1   . DA  B 2 5  ? -4.124  -16.065 4.940   1.00 126.28 ? 16  DA  B OP1   1 
ATOM   334 O  OP2   . DA  B 2 5  ? -5.443  -14.317 6.345   1.00 121.48 ? 16  DA  B OP2   1 
ATOM   335 O  "O5'" . DA  B 2 5  ? -3.983  -13.606 4.451   1.00 116.93 ? 16  DA  B "O5'" 1 
ATOM   336 C  "C5'" . DA  B 2 5  ? -2.922  -13.902 3.516   1.00 113.67 ? 16  DA  B "C5'" 1 
ATOM   337 C  "C4'" . DA  B 2 5  ? -2.146  -12.646 3.165   1.00 109.21 ? 16  DA  B "C4'" 1 
ATOM   338 O  "O4'" . DA  B 2 5  ? -3.061  -11.530 3.022   1.00 107.34 ? 16  DA  B "O4'" 1 
ATOM   339 C  "C3'" . DA  B 2 5  ? -1.154  -12.177 4.219   1.00 109.14 ? 16  DA  B "C3'" 1 
ATOM   340 O  "O3'" . DA  B 2 5  ? -0.197  -11.340 3.588   1.00 108.10 ? 16  DA  B "O3'" 1 
ATOM   341 C  "C2'" . DA  B 2 5  ? -2.048  -11.356 5.135   1.00 103.27 ? 16  DA  B "C2'" 1 
ATOM   342 C  "C1'" . DA  B 2 5  ? -2.827  -10.599 4.073   1.00 104.20 ? 16  DA  B "C1'" 1 
ATOM   343 N  N9    . DA  B 2 5  ? -4.107  -10.072 4.507   1.00 104.14 ? 16  DA  B N9    1 
ATOM   344 C  C8    . DA  B 2 5  ? -5.110  -10.739 5.167   1.00 104.25 ? 16  DA  B C8    1 
ATOM   345 N  N7    . DA  B 2 5  ? -6.173  -9.993  5.410   1.00 103.06 ? 16  DA  B N7    1 
ATOM   346 C  C5    . DA  B 2 5  ? -5.844  -8.752  4.857   1.00 101.09 ? 16  DA  B C5    1 
ATOM   347 C  C6    . DA  B 2 5  ? -6.544  -7.511  4.771   1.00 98.73  ? 16  DA  B C6    1 
ATOM   348 N  N6    . DA  B 2 5  ? -7.776  -7.314  5.270   1.00 98.19  ? 16  DA  B N6    1 
ATOM   349 N  N1    . DA  B 2 5  ? -5.909  -6.479  4.153   1.00 97.77  ? 16  DA  B N1    1 
ATOM   350 C  C2    . DA  B 2 5  ? -4.667  -6.679  3.660   1.00 97.68  ? 16  DA  B C2    1 
ATOM   351 N  N3    . DA  B 2 5  ? -3.918  -7.791  3.680   1.00 98.61  ? 16  DA  B N3    1 
ATOM   352 C  C4    . DA  B 2 5  ? -4.573  -8.795  4.294   1.00 101.10 ? 16  DA  B C4    1 
ATOM   353 P  P     . DC  B 2 6  ? 1.244   -11.105 4.260   1.00 112.37 ? 17  DC  B P     1 
ATOM   354 O  OP1   . DC  B 2 6  ? 2.242   -11.331 3.184   1.00 116.22 ? 17  DC  B OP1   1 
ATOM   355 O  OP2   . DC  B 2 6  ? 1.306   -11.916 5.507   1.00 113.54 ? 17  DC  B OP2   1 
ATOM   356 O  "O5'" . DC  B 2 6  ? 1.235   -9.550  4.653   1.00 101.92 ? 17  DC  B "O5'" 1 
ATOM   357 C  "C5'" . DC  B 2 6  ? 0.067   -8.797  4.456   1.00 97.05  ? 17  DC  B "C5'" 1 
ATOM   358 C  "C4'" . DC  B 2 6  ? 0.408   -7.364  4.191   1.00 97.09  ? 17  DC  B "C4'" 1 
ATOM   359 O  "O4'" . DC  B 2 6  ? -0.813  -6.595  4.188   1.00 97.43  ? 17  DC  B "O4'" 1 
ATOM   360 C  "C3'" . DC  B 2 6  ? 1.270   -6.723  5.258   1.00 97.56  ? 17  DC  B "C3'" 1 
ATOM   361 O  "O3'" . DC  B 2 6  ? 1.929   -5.577  4.714   1.00 98.25  ? 17  DC  B "O3'" 1 
ATOM   362 C  "C2'" . DC  B 2 6  ? 0.221   -6.325  6.281   1.00 96.98  ? 17  DC  B "C2'" 1 
ATOM   363 C  "C1'" . DC  B 2 6  ? -0.880  -5.811  5.364   1.00 93.96  ? 17  DC  B "C1'" 1 
ATOM   364 N  N1    . DC  B 2 6  ? -2.232  -5.951  5.935   1.00 94.30  ? 17  DC  B N1    1 
ATOM   365 C  C2    . DC  B 2 6  ? -3.089  -4.838  5.974   1.00 93.98  ? 17  DC  B C2    1 
ATOM   366 O  O2    . DC  B 2 6  ? -2.696  -3.747  5.522   1.00 93.91  ? 17  DC  B O2    1 
ATOM   367 N  N3    . DC  B 2 6  ? -4.336  -4.991  6.508   1.00 93.01  ? 17  DC  B N3    1 
ATOM   368 C  C4    . DC  B 2 6  ? -4.726  -6.176  6.985   1.00 91.53  ? 17  DC  B C4    1 
ATOM   369 N  N4    . DC  B 2 6  ? -5.962  -6.267  7.496   1.00 89.44  ? 17  DC  B N4    1 
ATOM   370 C  C5    . DC  B 2 6  ? -3.861  -7.318  6.957   1.00 93.03  ? 17  DC  B C5    1 
ATOM   371 C  C6    . DC  B 2 6  ? -2.637  -7.161  6.424   1.00 93.49  ? 17  DC  B C6    1 
ATOM   372 P  P     . DT  B 2 7  ? 3.036   -4.768  5.569   1.00 109.13 ? 18  DT  B P     1 
ATOM   373 O  OP1   . DT  B 2 7  ? 4.340   -4.878  4.852   1.00 107.56 ? 18  DT  B OP1   1 
ATOM   374 O  OP2   . DT  B 2 7  ? 3.014   -5.218  6.982   1.00 111.19 ? 18  DT  B OP2   1 
ATOM   375 O  "O5'" . DT  B 2 7  ? 2.476   -3.259  5.553   1.00 100.56 ? 18  DT  B "O5'" 1 
ATOM   376 C  "C5'" . DT  B 2 7  ? 1.086   -3.024  5.345   1.00 97.65  ? 18  DT  B "C5'" 1 
ATOM   377 C  "C4'" . DT  B 2 7  ? 0.828   -1.561  5.069   1.00 107.47 ? 18  DT  B "C4'" 1 
ATOM   378 O  "O4'" . DT  B 2 7  ? -0.536  -1.228  5.422   1.00 107.94 ? 18  DT  B "O4'" 1 
ATOM   379 C  "C3'" . DT  B 2 7  ? 1.627   -0.613  5.920   1.00 112.42 ? 18  DT  B "C3'" 1 
ATOM   380 O  "O3'" . DT  B 2 7  ? 1.471   0.701   5.388   1.00 118.23 ? 18  DT  B "O3'" 1 
ATOM   381 C  "C2'" . DT  B 2 7  ? 0.893   -0.751  7.245   1.00 111.26 ? 18  DT  B "C2'" 1 
ATOM   382 C  "C1'" . DT  B 2 7  ? -0.552  -0.709  6.756   1.00 107.04 ? 18  DT  B "C1'" 1 
ATOM   383 N  N1    . DT  B 2 7  ? -1.496  -1.544  7.542   1.00 103.83 ? 18  DT  B N1    1 
ATOM   384 C  C2    . DT  B 2 7  ? -2.762  -1.059  7.787   1.00 106.49 ? 18  DT  B C2    1 
ATOM   385 O  O2    . DT  B 2 7  ? -3.133  0.048   7.426   1.00 111.01 ? 18  DT  B O2    1 
ATOM   386 N  N3    . DT  B 2 7  ? -3.584  -1.916  8.484   1.00 103.25 ? 18  DT  B N3    1 
ATOM   387 C  C4    . DT  B 2 7  ? -3.275  -3.184  8.943   1.00 97.89  ? 18  DT  B C4    1 
ATOM   388 O  O4    . DT  B 2 7  ? -4.083  -3.875  9.563   1.00 97.22  ? 18  DT  B O4    1 
ATOM   389 C  C5    . DT  B 2 7  ? -1.934  -3.635  8.644   1.00 96.45  ? 18  DT  B C5    1 
ATOM   390 C  C7    . DT  B 2 7  ? -1.492  -4.989  9.092   1.00 92.93  ? 18  DT  B C7    1 
ATOM   391 C  C6    . DT  B 2 7  ? -1.117  -2.808  7.961   1.00 99.65  ? 18  DT  B C6    1 
ATOM   392 P  P     . DC  B 2 8  ? 2.093   1.972   6.149   1.00 132.40 ? 19  DC  B P     1 
ATOM   393 O  OP1   . DC  B 2 8  ? 2.389   2.966   5.083   1.00 129.97 ? 19  DC  B OP1   1 
ATOM   394 O  OP2   . DC  B 2 8  ? 3.153   1.520   7.093   1.00 128.95 ? 19  DC  B OP2   1 
ATOM   395 O  "O5'" . DC  B 2 8  ? 0.876   2.526   7.020   1.00 120.21 ? 19  DC  B "O5'" 1 
ATOM   396 C  "C5'" . DC  B 2 8  ? -0.046  3.423   6.431   1.00 122.38 ? 19  DC  B "C5'" 1 
ATOM   397 C  "C4'" . DC  B 2 8  ? -0.873  4.133   7.491   1.00 125.23 ? 19  DC  B "C4'" 1 
ATOM   398 O  "O4'" . DC  B 2 8  ? -1.558  3.157   8.314   1.00 124.30 ? 19  DC  B "O4'" 1 
ATOM   399 C  "C3'" . DC  B 2 8  ? -0.098  5.004   8.471   1.00 125.95 ? 19  DC  B "C3'" 1 
ATOM   400 O  "O3'" . DC  B 2 8  ? -0.970  6.032   8.953   1.00 129.39 ? 19  DC  B "O3'" 1 
ATOM   401 C  "C2'" . DC  B 2 8  ? 0.243   4.003   9.573   1.00 124.18 ? 19  DC  B "C2'" 1 
ATOM   402 C  "C1'" . DC  B 2 8  ? -1.073  3.234   9.645   1.00 123.87 ? 19  DC  B "C1'" 1 
ATOM   403 N  N1    . DC  B 2 8  ? -0.959  1.846   10.161  1.00 120.26 ? 19  DC  B N1    1 
ATOM   404 C  C2    . DC  B 2 8  ? -2.118  1.200   10.617  1.00 118.56 ? 19  DC  B C2    1 
ATOM   405 O  O2    . DC  B 2 8  ? -3.202  1.818   10.597  1.00 120.06 ? 19  DC  B O2    1 
ATOM   406 N  N3    . DC  B 2 8  ? -2.020  -0.081  11.074  1.00 115.23 ? 19  DC  B N3    1 
ATOM   407 C  C4    . DC  B 2 8  ? -0.837  -0.711  11.076  1.00 112.58 ? 19  DC  B C4    1 
ATOM   408 N  N4    . DC  B 2 8  ? -0.800  -1.975  11.539  1.00 104.39 ? 19  DC  B N4    1 
ATOM   409 C  C5    . DC  B 2 8  ? 0.359   -0.066  10.606  1.00 115.89 ? 19  DC  B C5    1 
ATOM   410 C  C6    . DC  B 2 8  ? 0.252   1.199   10.157  1.00 117.45 ? 19  DC  B C6    1 
ATOM   411 P  P     . DA  B 2 9  ? -0.404  7.260   9.827   1.00 140.65 ? 20  DA  B P     1 
ATOM   412 O  OP1   . DA  B 2 9  ? -0.273  8.416   8.907   1.00 139.47 ? 20  DA  B OP1   1 
ATOM   413 O  OP2   . DA  B 2 9  ? 0.771   6.791   10.616  1.00 133.41 ? 20  DA  B OP2   1 
ATOM   414 O  "O5'" . DA  B 2 9  ? -1.618  7.606   10.830  1.00 137.12 ? 20  DA  B "O5'" 1 
ATOM   415 C  "C5'" . DA  B 2 9  ? -2.937  7.896   10.309  1.00 132.26 ? 20  DA  B "C5'" 1 
ATOM   416 C  "C4'" . DA  B 2 9  ? -4.019  7.439   11.282  1.00 131.91 ? 20  DA  B "C4'" 1 
ATOM   417 O  "O4'" . DA  B 2 9  ? -3.774  6.061   11.679  1.00 130.58 ? 20  DA  B "O4'" 1 
ATOM   418 C  "C3'" . DA  B 2 9  ? -4.111  8.235   12.583  1.00 131.38 ? 20  DA  B "C3'" 1 
ATOM   419 O  "O3'" . DA  B 2 9  ? -5.466  8.289   13.026  1.00 133.47 ? 20  DA  B "O3'" 1 
ATOM   420 C  "C2'" . DA  B 2 9  ? -3.230  7.435   13.550  1.00 131.07 ? 20  DA  B "C2'" 1 
ATOM   421 C  "C1'" . DA  B 2 9  ? -3.418  5.997   13.058  1.00 130.34 ? 20  DA  B "C1'" 1 
ATOM   422 N  N9    . DA  B 2 9  ? -2.215  5.166   13.185  1.00 127.58 ? 20  DA  B N9    1 
ATOM   423 C  C8    . DA  B 2 9  ? -0.925  5.514   12.867  1.00 126.74 ? 20  DA  B C8    1 
ATOM   424 N  N7    . DA  B 2 9  ? -0.044  4.558   13.075  1.00 124.53 ? 20  DA  B N7    1 
ATOM   425 C  C5    . DA  B 2 9  ? -0.812  3.507   13.567  1.00 125.25 ? 20  DA  B C5    1 
ATOM   426 C  C6    . DA  B 2 9  ? -0.482  2.188   13.985  1.00 123.61 ? 20  DA  B C6    1 
ATOM   427 N  N6    . DA  B 2 9  ? 0.771   1.700   13.973  1.00 120.88 ? 20  DA  B N6    1 
ATOM   428 N  N1    . DA  B 2 9  ? -1.500  1.399   14.425  1.00 121.50 ? 20  DA  B N1    1 
ATOM   429 C  C2    . DA  B 2 9  ? -2.754  1.901   14.434  1.00 122.56 ? 20  DA  B C2    1 
ATOM   430 N  N3    . DA  B 2 9  ? -3.181  3.112   14.068  1.00 125.49 ? 20  DA  B N3    1 
ATOM   431 C  C4    . DA  B 2 9  ? -2.155  3.871   13.639  1.00 126.53 ? 20  DA  B C4    1 
ATOM   432 P  P     . DT  C 3 1  ? -10.818 13.116  -2.487  1.00 121.56 ? 0   DT  C P     1 
ATOM   433 O  OP1   . DT  C 3 1  ? -9.399  12.990  -2.039  1.00 117.83 ? 0   DT  C OP1   1 
ATOM   434 O  OP2   . DT  C 3 1  ? -11.377 14.441  -2.886  1.00 108.44 ? 0   DT  C OP2   1 
ATOM   435 O  "O5'" . DT  C 3 1  ? -11.100 12.048  -3.654  1.00 106.78 ? 0   DT  C "O5'" 1 
ATOM   436 C  "C5'" . DT  C 3 1  ? -10.412 10.817  -3.649  1.00 102.15 ? 0   DT  C "C5'" 1 
ATOM   437 C  "C4'" . DT  C 3 1  ? -11.260 9.747   -4.282  1.00 103.80 ? 0   DT  C "C4'" 1 
ATOM   438 O  "O4'" . DT  C 3 1  ? -11.178 9.858   -5.726  1.00 103.94 ? 0   DT  C "O4'" 1 
ATOM   439 C  "C3'" . DT  C 3 1  ? -10.828 8.330   -3.963  1.00 102.81 ? 0   DT  C "C3'" 1 
ATOM   440 O  "O3'" . DT  C 3 1  ? -11.963 7.479   -3.996  1.00 100.31 ? 0   DT  C "O3'" 1 
ATOM   441 C  "C2'" . DT  C 3 1  ? -9.873  8.025   -5.111  1.00 100.70 ? 0   DT  C "C2'" 1 
ATOM   442 C  "C1'" . DT  C 3 1  ? -10.631 8.663   -6.255  1.00 98.75  ? 0   DT  C "C1'" 1 
ATOM   443 N  N1    . DT  C 3 1  ? -9.802  9.021   -7.437  1.00 98.61  ? 0   DT  C N1    1 
ATOM   444 C  C2    . DT  C 3 1  ? -9.832  8.212   -8.556  1.00 98.66  ? 0   DT  C C2    1 
ATOM   445 O  O2    . DT  C 3 1  ? -10.475 7.184   -8.617  1.00 100.92 ? 0   DT  C O2    1 
ATOM   446 N  N3    . DT  C 3 1  ? -9.065  8.649   -9.611  1.00 97.81  ? 0   DT  C N3    1 
ATOM   447 C  C4    . DT  C 3 1  ? -8.294  9.796   -9.666  1.00 98.76  ? 0   DT  C C4    1 
ATOM   448 O  O4    . DT  C 3 1  ? -7.634  10.108  -10.666 1.00 99.63  ? 0   DT  C O4    1 
ATOM   449 C  C5    . DT  C 3 1  ? -8.315  10.604  -8.463  1.00 98.55  ? 0   DT  C C5    1 
ATOM   450 C  C7    . DT  C 3 1  ? -7.509  11.860  -8.399  1.00 97.88  ? 0   DT  C C7    1 
ATOM   451 C  C6    . DT  C 3 1  ? -9.066  10.186  -7.422  1.00 98.47  ? 0   DT  C C6    1 
ATOM   452 P  P     . DC  C 3 2  ? -11.949 6.108   -3.160  1.00 108.87 ? 1   DC  C P     1 
ATOM   453 O  OP1   . DC  C 3 2  ? -13.358 5.659   -3.068  1.00 111.42 ? 1   DC  C OP1   1 
ATOM   454 O  OP2   . DC  C 3 2  ? -11.143 6.371   -1.930  1.00 97.80  ? 1   DC  C OP2   1 
ATOM   455 O  "O5'" . DC  C 3 2  ? -11.190 5.068   -4.130  1.00 99.37  ? 1   DC  C "O5'" 1 
ATOM   456 C  "C5'" . DC  C 3 2  ? -11.575 4.980   -5.511  1.00 98.06  ? 1   DC  C "C5'" 1 
ATOM   457 C  "C4'" . DC  C 3 2  ? -10.756 3.934   -6.262  1.00 98.27  ? 1   DC  C "C4'" 1 
ATOM   458 O  "O4'" . DC  C 3 2  ? -9.901  4.570   -7.257  1.00 103.51 ? 1   DC  C "O4'" 1 
ATOM   459 C  "C3'" . DC  C 3 2  ? -9.813  3.096   -5.410  1.00 101.43 ? 1   DC  C "C3'" 1 
ATOM   460 O  "O3'" . DC  C 3 2  ? -9.674  1.794   -6.008  1.00 97.67  ? 1   DC  C "O3'" 1 
ATOM   461 C  "C2'" . DC  C 3 2  ? -8.512  3.889   -5.519  1.00 100.60 ? 1   DC  C "C2'" 1 
ATOM   462 C  "C1'" . DC  C 3 2  ? -8.544  4.214   -7.003  1.00 101.52 ? 1   DC  C "C1'" 1 
ATOM   463 N  N1    . DC  C 3 2  ? -7.646  5.367   -7.422  1.00 101.74 ? 1   DC  C N1    1 
ATOM   464 C  C2    . DC  C 3 2  ? -7.112  5.404   -8.734  1.00 96.92  ? 1   DC  C C2    1 
ATOM   465 O  O2    . DC  C 3 2  ? -7.372  4.490   -9.530  1.00 97.00  ? 1   DC  C O2    1 
ATOM   466 N  N3    . DC  C 3 2  ? -6.328  6.456   -9.092  1.00 96.02  ? 1   DC  C N3    1 
ATOM   467 C  C4    . DC  C 3 2  ? -6.067  7.437   -8.210  1.00 98.74  ? 1   DC  C C4    1 
ATOM   468 N  N4    . DC  C 3 2  ? -5.287  8.452   -8.615  1.00 96.85  ? 1   DC  C N4    1 
ATOM   469 C  C5    . DC  C 3 2  ? -6.595  7.415   -6.876  1.00 99.63  ? 1   DC  C C5    1 
ATOM   470 C  C6    . DC  C 3 2  ? -7.367  6.372   -6.529  1.00 100.57 ? 1   DC  C C6    1 
ATOM   471 P  P     . DA  C 3 3  ? -10.555 0.549   -5.490  1.00 103.50 ? 2   DA  C P     1 
ATOM   472 O  OP1   . DA  C 3 3  ? -11.917 0.669   -6.068  1.00 105.50 ? 2   DA  C OP1   1 
ATOM   473 O  OP2   . DA  C 3 3  ? -10.388 0.473   -4.009  1.00 96.75  ? 2   DA  C OP2   1 
ATOM   474 O  "O5'" . DA  C 3 3  ? -9.821  -0.718  -6.143  1.00 91.83  ? 2   DA  C "O5'" 1 
ATOM   475 C  "C5'" . DA  C 3 3  ? -8.540  -1.100  -5.647  1.00 98.59  ? 2   DA  C "C5'" 1 
ATOM   476 C  "C4'" . DA  C 3 3  ? -7.449  -1.015  -6.709  1.00 95.95  ? 2   DA  C "C4'" 1 
ATOM   477 O  "O4'" . DA  C 3 3  ? -7.191  0.365   -7.076  1.00 98.21  ? 2   DA  C "O4'" 1 
ATOM   478 C  "C3'" . DA  C 3 3  ? -6.110  -1.538  -6.227  1.00 97.91  ? 2   DA  C "C3'" 1 
ATOM   479 O  "O3'" . DA  C 3 3  ? -6.060  -2.954  -6.392  1.00 92.36  ? 2   DA  C "O3'" 1 
ATOM   480 C  "C2'" . DA  C 3 3  ? -5.076  -0.777  -7.082  1.00 99.68  ? 2   DA  C "C2'" 1 
ATOM   481 C  "C1'" . DA  C 3 3  ? -5.818  0.514   -7.463  1.00 97.70  ? 2   DA  C "C1'" 1 
ATOM   482 N  N9    . DA  C 3 3  ? -5.276  1.766   -6.878  1.00 96.52  ? 2   DA  C N9    1 
ATOM   483 C  C8    . DA  C 3 3  ? -5.389  2.203   -5.580  1.00 95.99  ? 2   DA  C C8    1 
ATOM   484 N  N7    . DA  C 3 3  ? -4.844  3.390   -5.361  1.00 95.46  ? 2   DA  C N7    1 
ATOM   485 C  C5    . DA  C 3 3  ? -4.349  3.768   -6.609  1.00 98.01  ? 2   DA  C C5    1 
ATOM   486 C  C6    . DA  C 3 3  ? -3.648  4.929   -7.062  1.00 96.13  ? 2   DA  C C6    1 
ATOM   487 N  N6    . DA  C 3 3  ? -3.322  5.959   -6.266  1.00 94.53  ? 2   DA  C N6    1 
ATOM   488 N  N1    . DA  C 3 3  ? -3.299  4.978   -8.374  1.00 95.12  ? 2   DA  C N1    1 
ATOM   489 C  C2    . DA  C 3 3  ? -3.631  3.943   -9.172  1.00 96.89  ? 2   DA  C C2    1 
ATOM   490 N  N3    . DA  C 3 3  ? -4.278  2.806   -8.863  1.00 97.83  ? 2   DA  C N3    1 
ATOM   491 C  C4    . DA  C 3 3  ? -4.611  2.777   -7.557  1.00 97.92  ? 2   DA  C C4    1 
ATOM   492 P  P     . DT  C 3 4  ? -5.627  -3.599  -7.792  1.00 94.54  ? 3   DT  C P     1 
ATOM   493 O  OP1   . DT  C 3 4  ? -4.136  -3.683  -7.769  1.00 101.14 ? 3   DT  C OP1   1 
ATOM   494 O  OP2   . DT  C 3 4  ? -6.351  -2.871  -8.869  1.00 96.08  ? 3   DT  C OP2   1 
ATOM   495 O  "O5'" . DT  C 3 4  ? -6.192  -5.103  -7.705  1.00 97.06  ? 3   DT  C "O5'" 1 
ATOM   496 C  "C5'" . DT  C 3 4  ? -5.292  -6.196  -7.764  1.00 91.83  ? 3   DT  C "C5'" 1 
ATOM   497 C  "C4'" . DT  C 3 4  ? -4.863  -6.646  -6.372  1.00 93.21  ? 3   DT  C "C4'" 1 
ATOM   498 O  "O4'" . DT  C 3 4  ? -5.427  -5.813  -5.319  1.00 90.45  ? 3   DT  C "O4'" 1 
ATOM   499 C  "C3'" . DT  C 3 4  ? -5.324  -8.021  -5.997  1.00 94.89  ? 3   DT  C "C3'" 1 
ATOM   500 O  "O3'" . DT  C 3 4  ? -4.581  -8.966  -6.706  1.00 96.55  ? 3   DT  C "O3'" 1 
ATOM   501 C  "C2'" . DT  C 3 4  ? -5.014  -8.009  -4.511  1.00 91.47  ? 3   DT  C "C2'" 1 
ATOM   502 C  "C1'" . DT  C 3 4  ? -5.529  -6.606  -4.133  1.00 87.94  ? 3   DT  C "C1'" 1 
ATOM   503 N  N1    . DT  C 3 4  ? -7.001  -6.525  -3.571  1.00 86.79  ? 3   DT  C N1    1 
ATOM   504 C  C2    . DT  C 3 4  ? -7.589  -7.606  -2.892  1.00 88.89  ? 3   DT  C C2    1 
ATOM   505 O  O2    . DT  C 3 4  ? -7.049  -8.679  -2.709  1.00 92.77  ? 3   DT  C O2    1 
ATOM   506 N  N3    . DT  C 3 4  ? -8.871  -7.376  -2.431  1.00 86.90  ? 3   DT  C N3    1 
ATOM   507 C  C4    . DT  C 3 4  ? -9.623  -6.221  -2.558  1.00 88.99  ? 3   DT  C C4    1 
ATOM   508 O  O4    . DT  C 3 4  ? -10.784 -6.113  -2.108  1.00 88.81  ? 3   DT  C O4    1 
ATOM   509 C  C5    . DT  C 3 4  ? -8.962  -5.145  -3.255  1.00 87.49  ? 3   DT  C C5    1 
ATOM   510 C  C7    . DT  C 3 4  ? -9.682  -3.846  -3.448  1.00 89.19  ? 3   DT  C C7    1 
ATOM   511 C  C6    . DT  C 3 4  ? -7.700  -5.344  -3.717  1.00 87.53  ? 3   DT  C C6    1 
ATOM   512 P  P     . DC  C 3 5  ? -5.293  -9.749  -7.915  1.00 101.06 ? 4   DC  C P     1 
ATOM   513 O  OP1   . DC  C 3 5  ? -4.785  -9.291  -9.235  1.00 99.89  ? 4   DC  C OP1   1 
ATOM   514 O  OP2   . DC  C 3 5  ? -6.735  -9.569  -7.605  1.00 98.24  ? 4   DC  C OP2   1 
ATOM   515 O  "O5'" . DC  C 3 5  ? -4.836  -11.266 -7.680  1.00 105.83 ? 4   DC  C "O5'" 1 
ATOM   516 C  "C5'" . DC  C 3 5  ? -4.692  -11.735 -6.345  1.00 106.70 ? 4   DC  C "C5'" 1 
ATOM   517 C  "C4'" . DC  C 3 5  ? -5.980  -12.379 -5.855  1.00 105.54 ? 4   DC  C "C4'" 1 
ATOM   518 O  "O4'" . DC  C 3 5  ? -6.873  -11.404 -5.285  1.00 99.85  ? 4   DC  C "O4'" 1 
ATOM   519 C  "C3'" . DC  C 3 5  ? -6.807  -13.097 -6.931  1.00 104.23 ? 4   DC  C "C3'" 1 
ATOM   520 O  "O3'" . DC  C 3 5  ? -6.790  -14.456 -6.670  1.00 107.98 ? 4   DC  C "O3'" 1 
ATOM   521 C  "C2'" . DC  C 3 5  ? -8.224  -12.533 -6.760  1.00 102.30 ? 4   DC  C "C2'" 1 
ATOM   522 C  "C1'" . DC  C 3 5  ? -8.139  -11.989 -5.354  1.00 100.80 ? 4   DC  C "C1'" 1 
ATOM   523 N  N1    . DC  C 3 5  ? -9.160  -10.993 -5.048  1.00 102.09 ? 4   DC  C N1    1 
ATOM   524 C  C2    . DC  C 3 5  ? -10.256 -11.370 -4.246  1.00 102.54 ? 4   DC  C C2    1 
ATOM   525 O  O2    . DC  C 3 5  ? -10.324 -12.542 -3.802  1.00 101.16 ? 4   DC  C O2    1 
ATOM   526 N  N3    . DC  C 3 5  ? -11.210 -10.435 -3.969  1.00 100.11 ? 4   DC  C N3    1 
ATOM   527 C  C4    . DC  C 3 5  ? -11.098 -9.196  -4.458  1.00 97.24  ? 4   DC  C C4    1 
ATOM   528 N  N4    . DC  C 3 5  ? -12.059 -8.319  -4.152  1.00 93.27  ? 4   DC  C N4    1 
ATOM   529 C  C5    . DC  C 3 5  ? -9.993  -8.804  -5.283  1.00 98.53  ? 4   DC  C C5    1 
ATOM   530 C  C6    . DC  C 3 5  ? -9.054  -9.726  -5.551  1.00 98.20  ? 4   DC  C C6    1 
ATOM   531 P  P     . DG  C 3 6  ? -7.245  -15.483 -7.806  1.00 115.37 ? 5   DG  C P     1 
ATOM   532 O  OP1   . DG  C 3 6  ? -6.031  -16.257 -8.176  1.00 115.57 ? 5   DG  C OP1   1 
ATOM   533 O  OP2   . DG  C 3 6  ? -7.975  -14.711 -8.845  1.00 109.20 ? 5   DG  C OP2   1 
ATOM   534 O  "O5'" . DG  C 3 6  ? -8.286  -16.429 -7.047  1.00 105.90 ? 5   DG  C "O5'" 1 
ATOM   535 C  "C5'" . DG  C 3 6  ? -9.059  -15.912 -5.984  1.00 101.25 ? 5   DG  C "C5'" 1 
ATOM   536 C  "C4'" . DG  C 3 6  ? -10.388 -16.609 -5.949  1.00 100.74 ? 5   DG  C "C4'" 1 
ATOM   537 O  "O4'" . DG  C 3 6  ? -11.263 -15.920 -5.025  1.00 100.60 ? 5   DG  C "O4'" 1 
ATOM   538 C  "C3'" . DG  C 3 6  ? -11.109 -16.619 -7.287  1.00 104.36 ? 5   DG  C "C3'" 1 
ATOM   539 O  "O3'" . DG  C 3 6  ? -10.803 -17.815 -7.999  1.00 110.49 ? 5   DG  C "O3'" 1 
ATOM   540 C  "C2'" . DG  C 3 6  ? -12.573 -16.554 -6.871  1.00 102.51 ? 5   DG  C "C2'" 1 
ATOM   541 C  "C1'" . DG  C 3 6  ? -12.498 -15.648 -5.648  1.00 98.85  ? 5   DG  C "C1'" 1 
ATOM   542 N  N9    . DG  C 3 6  ? -12.540 -14.229 -5.988  1.00 99.67  ? 5   DG  C N9    1 
ATOM   543 C  C8    . DG  C 3 6  ? -11.619 -13.512 -6.733  1.00 99.26  ? 5   DG  C C8    1 
ATOM   544 N  N7    . DG  C 3 6  ? -11.934 -12.254 -6.888  1.00 99.91  ? 5   DG  C N7    1 
ATOM   545 C  C5    . DG  C 3 6  ? -13.130 -12.117 -6.196  1.00 100.24 ? 5   DG  C C5    1 
ATOM   546 C  C6    . DG  C 3 6  ? -13.951 -10.973 -6.006  1.00 98.42  ? 5   DG  C C6    1 
ATOM   547 O  O6    . DG  C 3 6  ? -13.772 -9.809  -6.430  1.00 94.27  ? 5   DG  C O6    1 
ATOM   548 N  N1    . DG  C 3 6  ? -15.077 -11.280 -5.238  1.00 97.37  ? 5   DG  C N1    1 
ATOM   549 C  C2    . DG  C 3 6  ? -15.376 -12.537 -4.721  1.00 97.45  ? 5   DG  C C2    1 
ATOM   550 N  N2    . DG  C 3 6  ? -16.511 -12.629 -4.009  1.00 96.27  ? 5   DG  C N2    1 
ATOM   551 N  N3    . DG  C 3 6  ? -14.616 -13.620 -4.894  1.00 95.49  ? 5   DG  C N3    1 
ATOM   552 C  C4    . DG  C 3 6  ? -13.514 -13.335 -5.630  1.00 98.77  ? 5   DG  C C4    1 
ATOM   553 O  "O5'" . DT  D 4 1  ? 6.601   -1.992  21.858  1.00 138.50 ? 2   DT  D "O5'" 1 
ATOM   554 C  "C5'" . DT  D 4 1  ? 6.488   -3.418  21.889  1.00 140.68 ? 2   DT  D "C5'" 1 
ATOM   555 C  "C4'" . DT  D 4 1  ? 5.134   -3.846  22.435  1.00 138.75 ? 2   DT  D "C4'" 1 
ATOM   556 O  "O4'" . DT  D 4 1  ? 4.315   -2.665  22.680  1.00 136.51 ? 2   DT  D "O4'" 1 
ATOM   557 C  "C3'" . DT  D 4 1  ? 4.306   -4.732  21.505  1.00 135.44 ? 2   DT  D "C3'" 1 
ATOM   558 O  "O3'" . DT  D 4 1  ? 3.453   -5.602  22.280  1.00 137.24 ? 2   DT  D "O3'" 1 
ATOM   559 C  "C2'" . DT  D 4 1  ? 3.501   -3.696  20.734  1.00 133.40 ? 2   DT  D "C2'" 1 
ATOM   560 C  "C1'" . DT  D 4 1  ? 3.181   -2.691  21.833  1.00 133.67 ? 2   DT  D "C1'" 1 
ATOM   561 N  N1    . DT  D 4 1  ? 2.945   -1.316  21.322  1.00 133.81 ? 2   DT  D N1    1 
ATOM   562 C  C2    . DT  D 4 1  ? 1.676   -0.778  21.392  1.00 134.31 ? 2   DT  D C2    1 
ATOM   563 O  O2    . DT  D 4 1  ? 0.720   -1.373  21.864  1.00 129.73 ? 2   DT  D O2    1 
ATOM   564 N  N3    . DT  D 4 1  ? 1.570   0.493   20.886  1.00 133.80 ? 2   DT  D N3    1 
ATOM   565 C  C4    . DT  D 4 1  ? 2.579   1.258   20.331  1.00 131.78 ? 2   DT  D C4    1 
ATOM   566 O  O4    . DT  D 4 1  ? 2.386   2.392   19.904  1.00 129.00 ? 2   DT  D O4    1 
ATOM   567 C  C5    . DT  D 4 1  ? 3.879   0.630   20.289  1.00 132.48 ? 2   DT  D C5    1 
ATOM   568 C  C7    . DT  D 4 1  ? 5.048   1.356   19.706  1.00 132.72 ? 2   DT  D C7    1 
ATOM   569 C  C6    . DT  D 4 1  ? 3.996   -0.611  20.779  1.00 132.77 ? 2   DT  D C6    1 
ATOM   570 P  P     . DC  D 4 2  ? 2.637   -6.810  21.587  1.00 138.18 ? 3   DC  D P     1 
ATOM   571 O  OP1   . DC  D 4 2  ? 3.201   -8.098  22.058  1.00 139.64 ? 3   DC  D OP1   1 
ATOM   572 O  OP2   . DC  D 4 2  ? 2.580   -6.567  20.132  1.00 139.15 ? 3   DC  D OP2   1 
ATOM   573 O  "O5'" . DC  D 4 2  ? 1.162   -6.668  22.186  1.00 130.60 ? 3   DC  D "O5'" 1 
ATOM   574 C  "C5'" . DC  D 4 2  ? 0.107   -7.450  21.664  1.00 128.28 ? 3   DC  D "C5'" 1 
ATOM   575 C  "C4'" . DC  D 4 2  ? -1.214  -6.754  21.906  1.00 131.11 ? 3   DC  D "C4'" 1 
ATOM   576 O  "O4'" . DC  D 4 2  ? -1.026  -5.308  21.836  1.00 129.97 ? 3   DC  D "O4'" 1 
ATOM   577 C  "C3'" . DC  D 4 2  ? -2.326  -7.099  20.913  1.00 134.06 ? 3   DC  D "C3'" 1 
ATOM   578 O  "O3'" . DC  D 4 2  ? -3.560  -7.374  21.633  1.00 142.38 ? 3   DC  D "O3'" 1 
ATOM   579 C  "C2'" . DC  D 4 2  ? -2.397  -5.868  20.012  1.00 133.41 ? 3   DC  D "C2'" 1 
ATOM   580 C  "C1'" . DC  D 4 2  ? -1.981  -4.749  20.953  1.00 132.39 ? 3   DC  D "C1'" 1 
ATOM   581 N  N1    . DC  D 4 2  ? -1.393  -3.578  20.219  1.00 133.53 ? 3   DC  D N1    1 
ATOM   582 C  C2    . DC  D 4 2  ? -0.044  -3.588  19.828  1.00 133.64 ? 3   DC  D C2    1 
ATOM   583 O  O2    . DC  D 4 2  ? 0.670   -4.553  20.125  1.00 131.92 ? 3   DC  D O2    1 
ATOM   584 N  N3    . DC  D 4 2  ? 0.451   -2.521  19.133  1.00 133.49 ? 3   DC  D N3    1 
ATOM   585 C  C4    . DC  D 4 2  ? -0.341  -1.493  18.822  1.00 130.80 ? 3   DC  D C4    1 
ATOM   586 N  N4    . DC  D 4 2  ? 0.193   -0.461  18.137  1.00 121.58 ? 3   DC  D N4    1 
ATOM   587 C  C5    . DC  D 4 2  ? -1.717  -1.477  19.202  1.00 130.50 ? 3   DC  D C5    1 
ATOM   588 C  C6    . DC  D 4 2  ? -2.199  -2.528  19.879  1.00 131.15 ? 3   DC  D C6    1 
ATOM   589 P  P     . DT  D 4 3  ? -4.981  -6.666  21.306  1.00 149.63 ? 4   DT  D P     1 
ATOM   590 O  OP1   . DT  D 4 3  ? -4.923  -5.230  21.672  1.00 140.14 ? 4   DT  D OP1   1 
ATOM   591 O  OP2   . DT  D 4 3  ? -6.007  -7.524  21.945  1.00 149.70 ? 4   DT  D OP2   1 
ATOM   592 O  "O5'" . DT  D 4 3  ? -5.211  -6.842  19.730  1.00 144.92 ? 4   DT  D "O5'" 1 
ATOM   593 C  "C5'" . DT  D 4 3  ? -6.543  -6.854  19.192  1.00 141.48 ? 4   DT  D "C5'" 1 
ATOM   594 C  "C4'" . DT  D 4 3  ? -7.261  -5.511  19.353  1.00 139.68 ? 4   DT  D "C4'" 1 
ATOM   595 O  "O4'" . DT  D 4 3  ? -6.318  -4.391  19.259  1.00 139.81 ? 4   DT  D "O4'" 1 
ATOM   596 C  "C3'" . DT  D 4 3  ? -8.308  -5.239  18.274  1.00 136.33 ? 4   DT  D "C3'" 1 
ATOM   597 O  "O3'" . DT  D 4 3  ? -9.400  -4.534  18.817  1.00 136.09 ? 4   DT  D "O3'" 1 
ATOM   598 C  "C2'" . DT  D 4 3  ? -7.532  -4.366  17.302  1.00 136.72 ? 4   DT  D "C2'" 1 
ATOM   599 C  "C1'" . DT  D 4 3  ? -6.801  -3.488  18.284  1.00 135.50 ? 4   DT  D "C1'" 1 
ATOM   600 N  N1    . DT  D 4 3  ? -5.675  -2.696  17.669  1.00 131.99 ? 4   DT  D N1    1 
ATOM   601 C  C2    . DT  D 4 3  ? -4.465  -3.309  17.371  1.00 131.82 ? 4   DT  D C2    1 
ATOM   602 O  O2    . DT  D 4 3  ? -4.221  -4.481  17.598  1.00 134.95 ? 4   DT  D O2    1 
ATOM   603 N  N3    . DT  D 4 3  ? -3.534  -2.483  16.798  1.00 128.24 ? 4   DT  D N3    1 
ATOM   604 C  C4    . DT  D 4 3  ? -3.680  -1.147  16.489  1.00 126.60 ? 4   DT  D C4    1 
ATOM   605 O  O4    . DT  D 4 3  ? -2.774  -0.501  15.981  1.00 122.41 ? 4   DT  D O4    1 
ATOM   606 C  C5    . DT  D 4 3  ? -4.976  -0.569  16.817  1.00 128.81 ? 4   DT  D C5    1 
ATOM   607 C  C7    . DT  D 4 3  ? -5.268  0.876   16.536  1.00 126.23 ? 4   DT  D C7    1 
ATOM   608 C  C6    . DT  D 4 3  ? -5.896  -1.367  17.373  1.00 129.03 ? 4   DT  D C6    1 
ATOM   609 P  P     . DG  D 4 4  ? -10.658 -4.178  17.880  1.00 149.81 ? 5   DG  D P     1 
ATOM   610 O  OP1   . DG  D 4 4  ? -11.861 -4.728  18.551  1.00 154.58 ? 5   DG  D OP1   1 
ATOM   611 O  OP2   . DG  D 4 4  ? -10.366 -4.686  16.514  1.00 138.29 ? 5   DG  D OP2   1 
ATOM   612 O  "O5'" . DG  D 4 4  ? -10.739 -2.561  17.913  1.00 150.63 ? 5   DG  D "O5'" 1 
ATOM   613 C  "C5'" . DG  D 4 4  ? -9.654  -1.739  17.421  1.00 137.35 ? 5   DG  D "C5'" 1 
ATOM   614 C  "C4'" . DG  D 4 4  ? -10.047 -1.038  16.131  1.00 132.48 ? 5   DG  D "C4'" 1 
ATOM   615 O  "O4'" . DG  D 4 4  ? -8.890  -0.934  15.263  1.00 127.29 ? 5   DG  D "O4'" 1 
ATOM   616 C  "C3'" . DG  D 4 4  ? -11.109 -1.767  15.312  1.00 128.32 ? 5   DG  D "C3'" 1 
ATOM   617 O  "O3'" . DG  D 4 4  ? -11.870 -0.843  14.575  1.00 126.47 ? 5   DG  D "O3'" 1 
ATOM   618 C  "C2'" . DG  D 4 4  ? -10.279 -2.652  14.392  1.00 124.53 ? 5   DG  D "C2'" 1 
ATOM   619 C  "C1'" . DG  D 4 4  ? -9.068  -1.771  14.124  1.00 122.20 ? 5   DG  D "C1'" 1 
ATOM   620 N  N9    . DG  D 4 4  ? -7.838  -2.518  13.918  1.00 118.52 ? 5   DG  D N9    1 
ATOM   621 C  C8    . DG  D 4 4  ? -7.612  -3.861  14.134  1.00 120.38 ? 5   DG  D C8    1 
ATOM   622 N  N7    . DG  D 4 4  ? -6.381  -4.233  13.869  1.00 119.81 ? 5   DG  D N7    1 
ATOM   623 C  C5    . DG  D 4 4  ? -5.763  -3.059  13.445  1.00 118.62 ? 5   DG  D C5    1 
ATOM   624 C  C6    . DG  D 4 4  ? -4.428  -2.813  13.013  1.00 113.22 ? 5   DG  D C6    1 
ATOM   625 O  O6    . DG  D 4 4  ? -3.479  -3.614  12.921  1.00 107.88 ? 5   DG  D O6    1 
ATOM   626 N  N1    . DG  D 4 4  ? -4.243  -1.473  12.674  1.00 112.34 ? 5   DG  D N1    1 
ATOM   627 C  C2    . DG  D 4 4  ? -5.224  -0.494  12.741  1.00 115.20 ? 5   DG  D C2    1 
ATOM   628 N  N2    . DG  D 4 4  ? -4.863  0.743   12.374  1.00 115.98 ? 5   DG  D N2    1 
ATOM   629 N  N3    . DG  D 4 4  ? -6.466  -0.711  13.140  1.00 116.39 ? 5   DG  D N3    1 
ATOM   630 C  C4    . DG  D 4 4  ? -6.662  -2.001  13.474  1.00 118.17 ? 5   DG  D C4    1 
ATOM   631 P  P     . DA  D 4 5  ? -13.318 -1.262  14.010  1.00 131.98 ? 6   DA  D P     1 
ATOM   632 O  OP1   . DA  D 4 5  ? -14.274 -0.904  15.091  1.00 130.35 ? 6   DA  D OP1   1 
ATOM   633 O  OP2   . DA  D 4 5  ? -13.249 -2.647  13.462  1.00 126.80 ? 6   DA  D OP2   1 
ATOM   634 O  "O5'" . DA  D 4 5  ? -13.559 -0.243  12.795  1.00 128.52 ? 6   DA  D "O5'" 1 
ATOM   635 C  "C5'" . DA  D 4 5  ? -13.584 1.168   13.063  1.00 126.96 ? 6   DA  D "C5'" 1 
ATOM   636 C  "C4'" . DA  D 4 5  ? -12.764 1.956   12.042  1.00 125.65 ? 6   DA  D "C4'" 1 
ATOM   637 O  "O4'" . DA  D 4 5  ? -11.433 1.386   11.884  1.00 122.59 ? 6   DA  D "O4'" 1 
ATOM   638 C  "C3'" . DA  D 4 5  ? -13.334 2.015   10.636  1.00 121.62 ? 6   DA  D "C3'" 1 
ATOM   639 O  "O3'" . DA  D 4 5  ? -12.939 3.244   10.058  1.00 122.49 ? 6   DA  D "O3'" 1 
ATOM   640 C  "C2'" . DA  D 4 5  ? -12.654 0.826   9.946   1.00 112.03 ? 6   DA  D "C2'" 1 
ATOM   641 C  "C1'" . DA  D 4 5  ? -11.262 0.915   10.554  1.00 113.73 ? 6   DA  D "C1'" 1 
ATOM   642 N  N9    . DA  D 4 5  ? -10.568 -0.358  10.632  1.00 113.97 ? 6   DA  D N9    1 
ATOM   643 C  C8    . DA  D 4 5  ? -11.065 -1.553  11.096  1.00 116.68 ? 6   DA  D C8    1 
ATOM   644 N  N7    . DA  D 4 5  ? -10.194 -2.544  11.067  1.00 114.60 ? 6   DA  D N7    1 
ATOM   645 C  C5    . DA  D 4 5  ? -9.042  -1.950  10.551  1.00 112.08 ? 6   DA  D C5    1 
ATOM   646 C  C6    . DA  D 4 5  ? -7.744  -2.453  10.262  1.00 108.14 ? 6   DA  D C6    1 
ATOM   647 N  N6    . DA  D 4 5  ? -7.387  -3.732  10.466  1.00 107.25 ? 6   DA  D N6    1 
ATOM   648 N  N1    . DA  D 4 5  ? -6.831  -1.578  9.752   1.00 105.40 ? 6   DA  D N1    1 
ATOM   649 C  C2    . DA  D 4 5  ? -7.201  -0.294  9.549   1.00 107.46 ? 6   DA  D C2    1 
ATOM   650 N  N3    . DA  D 4 5  ? -8.384  0.290   9.780   1.00 108.14 ? 6   DA  D N3    1 
ATOM   651 C  C4    . DA  D 4 5  ? -9.263  -0.598  10.284  1.00 112.52 ? 6   DA  D C4    1 
ATOM   652 P  P     . DG  D 4 6  ? -13.166 3.494   8.495   1.00 124.44 ? 7   DG  D P     1 
ATOM   653 O  OP1   . DG  D 4 6  ? -13.196 4.968   8.264   1.00 122.92 ? 7   DG  D OP1   1 
ATOM   654 O  OP2   . DG  D 4 6  ? -14.294 2.624   8.083   1.00 126.51 ? 7   DG  D OP2   1 
ATOM   655 O  "O5'" . DG  D 4 6  ? -11.859 2.881   7.838   1.00 113.51 ? 7   DG  D "O5'" 1 
ATOM   656 C  "C5'" . DG  D 4 6  ? -10.657 3.581   7.932   1.00 112.87 ? 7   DG  D "C5'" 1 
ATOM   657 C  "C4'" . DG  D 4 6  ? -9.744  3.102   6.854   1.00 110.00 ? 7   DG  D "C4'" 1 
ATOM   658 O  "O4'" . DG  D 4 6  ? -9.271  1.783   7.213   1.00 108.02 ? 7   DG  D "O4'" 1 
ATOM   659 C  "C3'" . DG  D 4 6  ? -10.424 2.951   5.486   1.00 106.30 ? 7   DG  D "C3'" 1 
ATOM   660 O  "O3'" . DG  D 4 6  ? -9.531  3.379   4.465   1.00 107.10 ? 7   DG  D "O3'" 1 
ATOM   661 C  "C2'" . DG  D 4 6  ? -10.700 1.451   5.399   1.00 102.79 ? 7   DG  D "C2'" 1 
ATOM   662 C  "C1'" . DG  D 4 6  ? -9.475  0.922   6.124   1.00 102.94 ? 7   DG  D "C1'" 1 
ATOM   663 N  N9    . DG  D 4 6  ? -9.604  -0.438  6.618   1.00 102.70 ? 7   DG  D N9    1 
ATOM   664 C  C8    . DG  D 4 6  ? -10.716 -1.046  7.174   1.00 103.94 ? 7   DG  D C8    1 
ATOM   665 N  N7    . DG  D 4 6  ? -10.512 -2.300  7.517   1.00 102.44 ? 7   DG  D N7    1 
ATOM   666 C  C5    . DG  D 4 6  ? -9.181  -2.527  7.165   1.00 101.48 ? 7   DG  D C5    1 
ATOM   667 C  C6    . DG  D 4 6  ? -8.372  -3.703  7.288   1.00 100.83 ? 7   DG  D C6    1 
ATOM   668 O  O6    . DG  D 4 6  ? -8.682  -4.827  7.755   1.00 100.65 ? 7   DG  D O6    1 
ATOM   669 N  N1    . DG  D 4 6  ? -7.075  -3.478  6.796   1.00 97.12  ? 7   DG  D N1    1 
ATOM   670 C  C2    . DG  D 4 6  ? -6.617  -2.276  6.256   1.00 96.53  ? 7   DG  D C2    1 
ATOM   671 N  N2    . DG  D 4 6  ? -5.341  -2.255  5.839   1.00 92.98  ? 7   DG  D N2    1 
ATOM   672 N  N3    . DG  D 4 6  ? -7.363  -1.177  6.134   1.00 97.35  ? 7   DG  D N3    1 
ATOM   673 C  C4    . DG  D 4 6  ? -8.619  -1.377  6.608   1.00 100.39 ? 7   DG  D C4    1 
ATOM   674 P  P     . DT  D 4 7  ? -10.099 3.992   3.089   1.00 103.68 ? 8   DT  D P     1 
ATOM   675 O  OP1   . DT  D 4 7  ? -9.656  5.411   2.956   1.00 101.43 ? 8   DT  D OP1   1 
ATOM   676 O  OP2   . DT  D 4 7  ? -11.541 3.644   3.022   1.00 107.14 ? 8   DT  D OP2   1 
ATOM   677 O  "O5'" . DT  D 4 7  ? -9.370  3.102   1.990   1.00 96.72  ? 8   DT  D "O5'" 1 
ATOM   678 C  "C5'" . DT  D 4 7  ? -8.791  1.892   2.385   1.00 93.20  ? 8   DT  D "C5'" 1 
ATOM   679 C  "C4'" . DT  D 4 7  ? -7.309  1.899   2.107   1.00 91.54  ? 8   DT  D "C4'" 1 
ATOM   680 O  "O4'" . DT  D 4 7  ? -6.725  0.755   2.765   1.00 93.66  ? 8   DT  D "O4'" 1 
ATOM   681 C  "C3'" . DT  D 4 7  ? -6.949  1.707   0.647   1.00 89.23  ? 8   DT  D "C3'" 1 
ATOM   682 O  "O3'" . DT  D 4 7  ? -5.571  2.085   0.401   1.00 93.41  ? 8   DT  D "O3'" 1 
ATOM   683 C  "C2'" . DT  D 4 7  ? -7.142  0.205   0.503   1.00 86.87  ? 8   DT  D "C2'" 1 
ATOM   684 C  "C1'" . DT  D 4 7  ? -6.549  -0.290  1.817   1.00 85.58  ? 8   DT  D "C1'" 1 
ATOM   685 N  N1    . DT  D 4 7  ? -7.194  -1.534  2.349   1.00 86.27  ? 8   DT  D N1    1 
ATOM   686 C  C2    . DT  D 4 7  ? -6.470  -2.714  2.355   1.00 91.20  ? 8   DT  D C2    1 
ATOM   687 O  O2    . DT  D 4 7  ? -5.330  -2.796  1.942   1.00 91.35  ? 8   DT  D O2    1 
ATOM   688 N  N3    . DT  D 4 7  ? -7.139  -3.808  2.872   1.00 93.34  ? 8   DT  D N3    1 
ATOM   689 C  C4    . DT  D 4 7  ? -8.431  -3.843  3.366   1.00 92.93  ? 8   DT  D C4    1 
ATOM   690 O  O4    . DT  D 4 7  ? -8.947  -4.879  3.807   1.00 92.40  ? 8   DT  D O4    1 
ATOM   691 C  C5    . DT  D 4 7  ? -9.135  -2.572  3.328   1.00 92.29  ? 8   DT  D C5    1 
ATOM   692 C  C7    . DT  D 4 7  ? -10.533 -2.481  3.830   1.00 96.52  ? 8   DT  D C7    1 
ATOM   693 C  C6    . DT  D 4 7  ? -8.488  -1.494  2.829   1.00 90.90  ? 8   DT  D C6    1 
ATOM   694 P  P     . DC  D 4 8  ? -4.930  1.950   -1.080  1.00 90.15  ? 9   DC  D P     1 
ATOM   695 O  OP1   . DC  D 4 8  ? -3.610  2.631   -1.119  1.00 96.83  ? 9   DC  D OP1   1 
ATOM   696 O  OP2   . DC  D 4 8  ? -5.972  2.354   -2.045  1.00 81.60  ? 9   DC  D OP2   1 
ATOM   697 O  "O5'" . DC  D 4 8  ? -4.662  0.387   -1.274  1.00 83.17  ? 9   DC  D "O5'" 1 
ATOM   698 C  "C5'" . DC  D 4 8  ? -3.866  -0.053  -2.355  1.00 88.85  ? 9   DC  D "C5'" 1 
ATOM   699 C  "C4'" . DC  D 4 8  ? -3.373  -1.449  -2.077  1.00 88.44  ? 9   DC  D "C4'" 1 
ATOM   700 O  "O4'" . DC  D 4 8  ? -4.303  -2.094  -1.185  1.00 87.55  ? 9   DC  D "O4'" 1 
ATOM   701 C  "C3'" . DC  D 4 8  ? -3.267  -2.381  -3.280  1.00 89.76  ? 9   DC  D "C3'" 1 
ATOM   702 O  "O3'" . DC  D 4 8  ? -2.173  -3.217  -3.101  1.00 93.31  ? 9   DC  D "O3'" 1 
ATOM   703 C  "C2'" . DC  D 4 8  ? -4.563  -3.178  -3.218  1.00 91.88  ? 9   DC  D "C2'" 1 
ATOM   704 C  "C1'" . DC  D 4 8  ? -4.652  -3.352  -1.724  1.00 90.36  ? 9   DC  D "C1'" 1 
ATOM   705 N  N1    . DC  D 4 8  ? -5.986  -3.709  -1.216  1.00 88.70  ? 9   DC  D N1    1 
ATOM   706 C  C2    . DC  D 4 8  ? -6.236  -5.034  -0.818  1.00 88.13  ? 9   DC  D C2    1 
ATOM   707 O  O2    . DC  D 4 8  ? -5.335  -5.888  -0.947  1.00 89.18  ? 9   DC  D O2    1 
ATOM   708 N  N3    . DC  D 4 8  ? -7.467  -5.343  -0.308  1.00 87.73  ? 9   DC  D N3    1 
ATOM   709 C  C4    . DC  D 4 8  ? -8.405  -4.389  -0.187  1.00 89.20  ? 9   DC  D C4    1 
ATOM   710 N  N4    . DC  D 4 8  ? -9.601  -4.742  0.313   1.00 94.06  ? 9   DC  D N4    1 
ATOM   711 C  C5    . DC  D 4 8  ? -8.153  -3.031  -0.579  1.00 89.27  ? 9   DC  D C5    1 
ATOM   712 C  C6    . DC  D 4 8  ? -6.939  -2.742  -1.083  1.00 86.46  ? 9   DC  D C6    1 
ATOM   713 P  P     . DA  D 4 9  ? -0.989  -3.119  -4.166  1.00 112.24 ? 10  DA  D P     1 
ATOM   714 O  OP1   . DA  D 4 9  ? -0.481  -4.492  -4.490  1.00 107.42 ? 10  DA  D OP1   1 
ATOM   715 O  OP2   . DA  D 4 9  ? -0.079  -2.040  -3.678  1.00 104.45 ? 10  DA  D OP2   1 
ATOM   716 O  "O5'" . DA  D 4 9  ? -1.755  -2.518  -5.431  1.00 102.09 ? 10  DA  D "O5'" 1 
ATOM   717 C  "C5'" . DA  D 4 9  ? -1.279  -1.351  -6.021  1.00 102.24 ? 10  DA  D "C5'" 1 
ATOM   718 C  "C4'" . DA  D 4 9  ? -1.269  -1.494  -7.528  1.00 105.25 ? 10  DA  D "C4'" 1 
ATOM   719 O  "O4'" . DA  D 4 9  ? -2.163  -0.511  -8.102  1.00 103.68 ? 10  DA  D "O4'" 1 
ATOM   720 C  "C3'" . DA  D 4 9  ? 0.102   -1.285  -8.185  1.00 105.82 ? 10  DA  D "C3'" 1 
ATOM   721 O  "O3'" . DA  D 4 9  ? 0.563   -2.508  -8.718  1.00 104.61 ? 10  DA  D "O3'" 1 
ATOM   722 C  "C2'" . DA  D 4 9  ? -0.158  -0.265  -9.299  1.00 105.05 ? 10  DA  D "C2'" 1 
ATOM   723 C  "C1'" . DA  D 4 9  ? -1.415  0.445   -8.818  1.00 102.84 ? 10  DA  D "C1'" 1 
ATOM   724 N  N9    . DA  D 4 9  ? -1.156  1.615   -7.960  1.00 100.51 ? 10  DA  D N9    1 
ATOM   725 C  C8    . DA  D 4 9  ? -1.515  1.783   -6.644  1.00 97.35  ? 10  DA  D C8    1 
ATOM   726 N  N7    . DA  D 4 9  ? -1.156  2.946   -6.134  1.00 96.46  ? 10  DA  D N7    1 
ATOM   727 C  C5    . DA  D 4 9  ? -0.529  3.597   -7.193  1.00 99.49  ? 10  DA  D C5    1 
ATOM   728 C  C6    . DA  D 4 9  ? 0.078   4.880   -7.312  1.00 101.71 ? 10  DA  D C6    1 
ATOM   729 N  N6    . DA  D 4 9  ? 0.150   5.768   -6.303  1.00 100.18 ? 10  DA  D N6    1 
ATOM   730 N  N1    . DA  D 4 9  ? 0.610   5.208   -8.525  1.00 104.88 ? 10  DA  D N1    1 
ATOM   731 C  C2    . DA  D 4 9  ? 0.534   4.318   -9.541  1.00 104.59 ? 10  DA  D C2    1 
ATOM   732 N  N3    . DA  D 4 9  ? -0.004  3.092   -9.547  1.00 101.80 ? 10  DA  D N3    1 
ATOM   733 C  C4    . DA  D 4 9  ? -0.525  2.789   -8.331  1.00 102.65 ? 10  DA  D C4    1 
ATOM   734 P  P     . DG  D 4 10 ? 2.096   -2.930  -8.530  1.00 110.30 ? 11  DG  D P     1 
ATOM   735 O  OP1   . DG  D 4 10 ? 2.233   -4.300  -9.107  1.00 108.27 ? 11  DG  D OP1   1 
ATOM   736 O  OP2   . DG  D 4 10 ? 2.405   -2.657  -7.101  1.00 112.23 ? 11  DG  D OP2   1 
ATOM   737 O  "O5'" . DG  D 4 10 ? 2.921   -1.848  -9.394  1.00 108.54 ? 11  DG  D "O5'" 1 
ATOM   738 C  "C5'" . DG  D 4 10 ? 2.734   -1.751  -10.812 1.00 109.33 ? 11  DG  D "C5'" 1 
ATOM   739 C  "C4'" . DG  D 4 10 ? 3.356   -0.472  -11.343 1.00 107.95 ? 11  DG  D "C4'" 1 
ATOM   740 O  "O4'" . DG  D 4 10 ? 2.579   0.664   -10.899 1.00 107.64 ? 11  DG  D "O4'" 1 
ATOM   741 C  "C3'" . DG  D 4 10 ? 4.758   -0.203  -10.848 1.00 112.50 ? 11  DG  D "C3'" 1 
ATOM   742 O  "O3'" . DG  D 4 10 ? 5.683   -0.774  -11.738 1.00 116.49 ? 11  DG  D "O3'" 1 
ATOM   743 C  "C2'" . DG  D 4 10 ? 4.842   1.320   -10.876 1.00 110.60 ? 11  DG  D "C2'" 1 
ATOM   744 C  "C1'" . DG  D 4 10 ? 3.435   1.731   -10.532 1.00 104.70 ? 11  DG  D "C1'" 1 
ATOM   745 N  N9    . DG  D 4 10 ? 3.250   1.998   -9.117  1.00 103.36 ? 11  DG  D N9    1 
ATOM   746 C  C8    . DG  D 4 10 ? 2.773   1.137   -8.164  1.00 102.24 ? 11  DG  D C8    1 
ATOM   747 N  N7    . DG  D 4 10 ? 2.704   1.671   -6.972  1.00 102.99 ? 11  DG  D N7    1 
ATOM   748 C  C5    . DG  D 4 10 ? 3.167   2.960   -7.147  1.00 102.26 ? 11  DG  D C5    1 
ATOM   749 C  C6    . DG  D 4 10 ? 3.331   4.021   -6.217  1.00 106.68 ? 11  DG  D C6    1 
ATOM   750 O  O6    . DG  D 4 10 ? 3.085   4.014   -4.988  1.00 107.66 ? 11  DG  D O6    1 
ATOM   751 N  N1    . DG  D 4 10 ? 3.832   5.169   -6.824  1.00 111.39 ? 11  DG  D N1    1 
ATOM   752 C  C2    . DG  D 4 10 ? 4.144   5.290   -8.172  1.00 109.25 ? 11  DG  D C2    1 
ATOM   753 N  N2    . DG  D 4 10 ? 4.616   6.484   -8.563  1.00 109.55 ? 11  DG  D N2    1 
ATOM   754 N  N3    . DG  D 4 10 ? 4.001   4.309   -9.058  1.00 104.25 ? 11  DG  D N3    1 
ATOM   755 C  C4    . DG  D 4 10 ? 3.515   3.188   -8.484  1.00 103.93 ? 11  DG  D C4    1 
ATOM   756 P  P     . DT  D 4 11 ? 7.228   -0.843  -11.321 1.00 121.44 ? 12  DT  D P     1 
ATOM   757 O  OP1   . DT  D 4 11 ? 7.895   -1.662  -12.365 1.00 118.10 ? 12  DT  D OP1   1 
ATOM   758 O  OP2   . DT  D 4 11 ? 7.250   -1.259  -9.893  1.00 116.26 ? 12  DT  D OP2   1 
ATOM   759 O  "O5'" . DT  D 4 11 ? 7.734   0.688   -11.384 1.00 114.19 ? 12  DT  D "O5'" 1 
ATOM   760 C  "C5'" . DT  D 4 11 ? 7.726   1.406   -12.629 1.00 116.31 ? 12  DT  D "C5'" 1 
ATOM   761 C  "C4'" . DT  D 4 11 ? 8.173   2.842   -12.423 1.00 121.84 ? 12  DT  D "C4'" 1 
ATOM   762 O  "O4'" . DT  D 4 11 ? 7.466   3.423   -11.291 1.00 115.53 ? 12  DT  D "O4'" 1 
ATOM   763 C  "C3'" . DT  D 4 11 ? 9.659   3.016   -12.099 1.00 130.45 ? 12  DT  D "C3'" 1 
ATOM   764 O  "O3'" . DT  D 4 11 ? 10.140  4.238   -12.682 1.00 137.29 ? 12  DT  D "O3'" 1 
ATOM   765 C  "C2'" . DT  D 4 11 ? 9.647   3.104   -10.577 1.00 126.60 ? 12  DT  D "C2'" 1 
ATOM   766 C  "C1'" . DT  D 4 11 ? 8.414   3.958   -10.390 1.00 118.70 ? 12  DT  D "C1'" 1 
ATOM   767 N  N1    . DT  D 4 11 ? 7.856   3.896   -9.046  1.00 115.01 ? 12  DT  D N1    1 
ATOM   768 C  C2    . DT  D 4 11 ? 7.863   5.026   -8.262  1.00 118.32 ? 12  DT  D C2    1 
ATOM   769 O  O2    . DT  D 4 11 ? 8.323   6.088   -8.632  1.00 121.18 ? 12  DT  D O2    1 
ATOM   770 N  N3    . DT  D 4 11 ? 7.312   4.870   -7.022  1.00 115.97 ? 12  DT  D N3    1 
ATOM   771 C  C4    . DT  D 4 11 ? 6.762   3.715   -6.499  1.00 114.75 ? 12  DT  D C4    1 
ATOM   772 O  O4    . DT  D 4 11 ? 6.287   3.673   -5.363  1.00 114.35 ? 12  DT  D O4    1 
ATOM   773 C  C5    . DT  D 4 11 ? 6.789   2.565   -7.385  1.00 111.38 ? 12  DT  D C5    1 
ATOM   774 C  C7    . DT  D 4 11 ? 6.228   1.254   -6.939  1.00 107.25 ? 12  DT  D C7    1 
ATOM   775 C  C6    . DT  D 4 11 ? 7.328   2.712   -8.597  1.00 110.86 ? 12  DT  D C6    1 
ATOM   776 P  P     . DC  D 4 12 ? 11.717  4.466   -12.927 1.00 143.37 ? 13  DC  D P     1 
ATOM   777 O  OP1   . DC  D 4 12 ? 11.914  4.809   -14.358 1.00 143.84 ? 13  DC  D OP1   1 
ATOM   778 O  OP2   . DC  D 4 12 ? 12.446  3.310   -12.357 1.00 140.02 ? 13  DC  D OP2   1 
ATOM   779 O  "O5'" . DC  D 4 12 ? 12.058  5.759   -12.050 1.00 138.93 ? 13  DC  D "O5'" 1 
ATOM   780 C  "C5'" . DC  D 4 12 ? 11.542  5.880   -10.746 1.00 136.48 ? 13  DC  D "C5'" 1 
ATOM   781 C  "C4'" . DC  D 4 12 ? 12.071  7.128   -10.103 1.00 145.16 ? 13  DC  D "C4'" 1 
ATOM   782 O  "O4'" . DC  D 4 12 ? 11.412  7.339   -8.839  1.00 139.33 ? 13  DC  D "O4'" 1 
ATOM   783 C  "C3'" . DC  D 4 12 ? 13.543  7.078   -9.777  1.00 156.34 ? 13  DC  D "C3'" 1 
ATOM   784 O  "O3'" . DC  D 4 12 ? 14.058  8.402   -9.724  1.00 168.28 ? 13  DC  D "O3'" 1 
ATOM   785 C  "C2'" . DC  D 4 12 ? 13.536  6.409   -8.405  1.00 151.89 ? 13  DC  D "C2'" 1 
ATOM   786 C  "C1'" . DC  D 4 12 ? 12.291  7.027   -7.778  1.00 144.09 ? 13  DC  D "C1'" 1 
ATOM   787 N  N1    . DC  D 4 12 ? 11.566  6.125   -6.853  1.00 140.48 ? 13  DC  D N1    1 
ATOM   788 C  C2    . DC  D 4 12 ? 11.057  6.642   -5.648  1.00 141.03 ? 13  DC  D C2    1 
ATOM   789 O  O2    . DC  D 4 12 ? 11.242  7.842   -5.376  1.00 141.98 ? 13  DC  D O2    1 
ATOM   790 N  N3    . DC  D 4 12 ? 10.378  5.810   -4.813  1.00 136.21 ? 13  DC  D N3    1 
ATOM   791 C  C4    . DC  D 4 12 ? 10.200  4.526   -5.140  1.00 132.33 ? 13  DC  D C4    1 
ATOM   792 N  N4    . DC  D 4 12 ? 9.526   3.751   -4.278  1.00 126.67 ? 13  DC  D N4    1 
ATOM   793 C  C5    . DC  D 4 12 ? 10.706  3.982   -6.368  1.00 131.69 ? 13  DC  D C5    1 
ATOM   794 C  C6    . DC  D 4 12 ? 11.373  4.811   -7.187  1.00 134.30 ? 13  DC  D C6    1 
ATOM   795 P  P     . DT  D 4 13 ? 15.445  8.762   -10.457 1.00 190.03 ? 14  DT  D P     1 
ATOM   796 O  OP1   . DT  D 4 13 ? 15.226  9.970   -11.287 1.00 202.37 ? 14  DT  D OP1   1 
ATOM   797 O  OP2   . DT  D 4 13 ? 15.993  7.530   -11.078 1.00 174.21 ? 14  DT  D OP2   1 
ATOM   798 O  "O5'" . DT  D 4 13 ? 16.397  9.156   -9.241  1.00 176.56 ? 14  DT  D "O5'" 1 
ATOM   799 C  "C5'" . DT  D 4 13 ? 16.127  8.633   -7.960  1.00 169.46 ? 14  DT  D "C5'" 1 
ATOM   800 C  "C4'" . DT  D 4 13 ? 16.052  9.738   -6.944  1.00 170.11 ? 14  DT  D "C4'" 1 
ATOM   801 O  "O4'" . DT  D 4 13 ? 14.999  9.442   -5.996  1.00 165.48 ? 14  DT  D "O4'" 1 
ATOM   802 C  "C3'" . DT  D 4 13 ? 17.305  9.885   -6.111  1.00 173.91 ? 14  DT  D "C3'" 1 
ATOM   803 O  "O3'" . DT  D 4 13 ? 17.397  11.200  -5.606  1.00 178.70 ? 14  DT  D "O3'" 1 
ATOM   804 C  "C2'" . DT  D 4 13 ? 17.065  8.873   -5.000  1.00 169.09 ? 14  DT  D "C2'" 1 
ATOM   805 C  "C1'" . DT  D 4 13 ? 15.567  9.042   -4.760  1.00 167.04 ? 14  DT  D "C1'" 1 
ATOM   806 N  N1    . DT  D 4 13 ? 14.884  7.790   -4.315  1.00 164.34 ? 14  DT  D N1    1 
ATOM   807 C  C2    . DT  D 4 13 ? 14.153  7.796   -3.143  1.00 163.05 ? 14  DT  D C2    1 
ATOM   808 O  O2    . DT  D 4 13 ? 14.033  8.783   -2.430  1.00 160.81 ? 14  DT  D O2    1 
ATOM   809 N  N3    . DT  D 4 13 ? 13.560  6.594   -2.832  1.00 172.64 ? 14  DT  D N3    1 
ATOM   810 C  C4    . DT  D 4 13 ? 13.624  5.410   -3.557  1.00 167.21 ? 14  DT  D C4    1 
ATOM   811 O  O4    . DT  D 4 13 ? 13.054  4.376   -3.193  1.00 158.24 ? 14  DT  D O4    1 
ATOM   812 C  C5    . DT  D 4 13 ? 14.407  5.477   -4.775  1.00 157.40 ? 14  DT  D C5    1 
ATOM   813 C  C7    . DT  D 4 13 ? 14.554  4.266   -5.644  1.00 149.80 ? 14  DT  D C7    1 
ATOM   814 C  C6    . DT  D 4 13 ? 14.991  6.649   -5.090  1.00 160.33 ? 14  DT  D C6    1 
ATOM   815 P  P     . DG  D 4 14 ? 18.810  11.740  -5.075  1.00 186.78 ? 15  DG  D P     1 
ATOM   816 O  OP1   . DG  D 4 14 ? 18.810  13.220  -5.194  1.00 188.79 ? 15  DG  D OP1   1 
ATOM   817 O  OP2   . DG  D 4 14 ? 19.832  10.922  -5.777  1.00 185.84 ? 15  DG  D OP2   1 
ATOM   818 O  "O5'" . DG  D 4 14 ? 18.806  11.359  -3.516  1.00 173.56 ? 15  DG  D "O5'" 1 
ATOM   819 C  "C5'" . DG  D 4 14 ? 17.634  11.571  -2.737  1.00 170.88 ? 15  DG  D "C5'" 1 
ATOM   820 C  "C4'" . DG  D 4 14 ? 17.670  10.730  -1.474  1.00 167.90 ? 15  DG  D "C4'" 1 
ATOM   821 O  "O4'" . DG  D 4 14 ? 17.071  9.433   -1.716  1.00 163.43 ? 15  DG  D "O4'" 1 
ATOM   822 C  "C3'" . DG  D 4 14 ? 19.076  10.444  -0.920  1.00 164.97 ? 15  DG  D "C3'" 1 
ATOM   823 O  "O3'" . DG  D 4 14 ? 19.079  10.662  0.486   1.00 165.79 ? 15  DG  D "O3'" 1 
ATOM   824 C  "C2'" . DG  D 4 14 ? 19.277  8.967   -1.249  1.00 159.12 ? 15  DG  D "C2'" 1 
ATOM   825 C  "C1'" . DG  D 4 14 ? 17.860  8.481   -1.057  1.00 157.75 ? 15  DG  D "C1'" 1 
ATOM   826 N  N9    . DG  D 4 14 ? 17.585  7.158   -1.597  1.00 157.07 ? 15  DG  D N9    1 
ATOM   827 C  C8    . DG  D 4 14 ? 18.079  6.601   -2.754  1.00 157.17 ? 15  DG  D C8    1 
ATOM   828 N  N7    . DG  D 4 14 ? 17.646  5.385   -2.974  1.00 157.69 ? 15  DG  D N7    1 
ATOM   829 C  C5    . DG  D 4 14 ? 16.817  5.117   -1.888  1.00 160.55 ? 15  DG  D C5    1 
ATOM   830 C  C6    . DG  D 4 14 ? 16.059  3.954   -1.569  1.00 155.37 ? 15  DG  D C6    1 
ATOM   831 O  O6    . DG  D 4 14 ? 15.966  2.888   -2.214  1.00 148.74 ? 15  DG  D O6    1 
ATOM   832 N  N1    . DG  D 4 14 ? 15.359  4.112   -0.365  1.00 148.82 ? 15  DG  D N1    1 
ATOM   833 C  C2    . DG  D 4 14 ? 15.384  5.245   0.426   1.00 149.07 ? 15  DG  D C2    1 
ATOM   834 N  N2    . DG  D 4 14 ? 14.644  5.205   1.547   1.00 142.64 ? 15  DG  D N2    1 
ATOM   835 N  N3    . DG  D 4 14 ? 16.087  6.339   0.137   1.00 154.41 ? 15  DG  D N3    1 
ATOM   836 C  C4    . DG  D 4 14 ? 16.775  6.204   -1.029  1.00 158.18 ? 15  DG  D C4    1 
ATOM   837 P  P     . DC  D 4 15 ? 19.435  12.119  1.076   1.00 177.22 ? 16  DC  D P     1 
ATOM   838 O  OP1   . DC  D 4 15 ? 18.702  13.129  0.270   1.00 176.19 ? 16  DC  D OP1   1 
ATOM   839 O  OP2   . DC  D 4 15 ? 20.909  12.199  1.205   1.00 173.23 ? 16  DC  D OP2   1 
ATOM   840 O  "O5'" . DC  D 4 15 ? 18.823  12.113  2.560   1.00 167.61 ? 16  DC  D "O5'" 1 
ATOM   841 C  "C5'" . DC  D 4 15 ? 19.379  11.272  3.566   1.00 158.13 ? 16  DC  D "C5'" 1 
ATOM   842 C  "C4'" . DC  D 4 15 ? 18.286  10.479  4.252   1.00 151.51 ? 16  DC  D "C4'" 1 
ATOM   843 O  "O4'" . DC  D 4 15 ? 17.826  9.418   3.363   1.00 149.55 ? 16  DC  D "O4'" 1 
ATOM   844 C  "C3'" . DC  D 4 15 ? 18.711  9.782   5.536   1.00 143.91 ? 16  DC  D "C3'" 1 
ATOM   845 O  "O3'" . DC  D 4 15 ? 17.610  9.722   6.431   1.00 138.75 ? 16  DC  D "O3'" 1 
ATOM   846 C  "C2'" . DC  D 4 15 ? 19.086  8.400   5.030   1.00 142.65 ? 16  DC  D "C2'" 1 
ATOM   847 C  "C1'" . DC  D 4 15 ? 17.983  8.179   4.014   1.00 145.24 ? 16  DC  D "C1'" 1 
ATOM   848 N  N1    . DC  D 4 15 ? 18.303  7.140   3.007   1.00 146.06 ? 16  DC  D N1    1 
ATOM   849 C  C2    . DC  D 4 15 ? 17.732  5.865   3.129   1.00 145.34 ? 16  DC  D C2    1 
ATOM   850 O  O2    . DC  D 4 15 ? 16.962  5.631   4.071   1.00 143.60 ? 16  DC  D O2    1 
ATOM   851 N  N3    . DC  D 4 15 ? 18.037  4.919   2.207   1.00 143.14 ? 16  DC  D N3    1 
ATOM   852 C  C4    . DC  D 4 15 ? 18.865  5.209   1.203   1.00 143.91 ? 16  DC  D C4    1 
ATOM   853 N  N4    . DC  D 4 15 ? 19.137  4.242   0.319   1.00 141.72 ? 16  DC  D N4    1 
ATOM   854 C  C5    . DC  D 4 15 ? 19.464  6.496   1.070   1.00 148.04 ? 16  DC  D C5    1 
ATOM   855 C  C6    . DC  D 4 15 ? 19.153  7.426   1.982   1.00 148.36 ? 16  DC  D C6    1 
HETATM 856 AS AS    . CAC E 5 .  ? 2.268   1.217   -2.909  1.00 128.63 ? 101 CAC D AS    1 
# 
loop_
_pdbx_poly_seq_scheme.asym_id 
_pdbx_poly_seq_scheme.entity_id 
_pdbx_poly_seq_scheme.seq_id 
_pdbx_poly_seq_scheme.mon_id 
_pdbx_poly_seq_scheme.ndb_seq_num 
_pdbx_poly_seq_scheme.pdb_seq_num 
_pdbx_poly_seq_scheme.auth_seq_num 
_pdbx_poly_seq_scheme.pdb_mon_id 
_pdbx_poly_seq_scheme.auth_mon_id 
_pdbx_poly_seq_scheme.pdb_strand_id 
_pdbx_poly_seq_scheme.pdb_ins_code 
_pdbx_poly_seq_scheme.hetero 
A 1 1  DG 1  1  1  DG DG A . n 
A 1 2  DA 2  2  2  DA DA A . n 
A 1 3  DG 3  3  3  DG DG A . n 
A 1 4  DC 4  4  4  DC DC A . n 
A 1 5  DA 5  5  5  DA DA A . n 
A 1 6  DG 6  6  6  DG DG A . n 
A 1 7  DA 7  7  7  DA DA A . n 
A 1 8  DC 8  8  8  DC DC A . n 
A 1 9  DT 9  9  9  DT DT A . n 
A 1 10 DT 10 10 10 DT DT A . n 
A 1 11 DG 11 11 11 DG DG A . n 
A 1 12 DA 12 12 12 DA DA A . n 
B 2 1  DC 1  12 12 DC DC B . n 
B 2 2  DG 2  13 13 DG DG B . n 
B 2 3  DA 3  14 14 DA DA B . n 
B 2 4  DG 4  15 15 DG DG B . n 
B 2 5  DA 5  16 16 DA DA B . n 
B 2 6  DC 6  17 17 DC DC B . n 
B 2 7  DT 7  18 18 DT DT B . n 
B 2 8  DC 8  19 19 DC DC B . n 
B 2 9  DA 9  20 20 DA DA B . n 
C 3 1  DT 1  0  0  DT DT C . n 
C 3 2  DC 2  1  1  DC DC C . n 
C 3 3  DA 3  2  2  DA DA C . n 
C 3 4  DT 4  3  3  DT DT C . n 
C 3 5  DC 5  4  4  DC DC C . n 
C 3 6  DG 6  5  5  DG DG C . n 
D 4 1  DT 1  2  2  DT DT D . n 
D 4 2  DC 2  3  3  DC DC D . n 
D 4 3  DT 3  4  4  DT DT D . n 
D 4 4  DG 4  5  5  DG DG D . n 
D 4 5  DA 5  6  6  DA DA D . n 
D 4 6  DG 6  7  7  DG DG D . n 
D 4 7  DT 7  8  8  DT DT D . n 
D 4 8  DC 8  9  9  DC DC D . n 
D 4 9  DA 9  10 10 DA DA D . n 
D 4 10 DG 10 11 11 DG DG D . n 
D 4 11 DT 11 12 12 DT DT D . n 
D 4 12 DC 12 13 13 DC DC D . n 
D 4 13 DT 13 14 14 DT DT D . n 
D 4 14 DG 14 15 15 DG DG D . n 
D 4 15 DC 15 16 16 DC DC D . n 
# 
_pdbx_nonpoly_scheme.asym_id         E 
_pdbx_nonpoly_scheme.entity_id       5 
_pdbx_nonpoly_scheme.mon_id          CAC 
_pdbx_nonpoly_scheme.ndb_seq_num     1 
_pdbx_nonpoly_scheme.pdb_seq_num     101 
_pdbx_nonpoly_scheme.auth_seq_num    1 
_pdbx_nonpoly_scheme.pdb_mon_id      CAC 
_pdbx_nonpoly_scheme.auth_mon_id     AS 
_pdbx_nonpoly_scheme.pdb_strand_id   D 
_pdbx_nonpoly_scheme.pdb_ins_code    . 
# 
_pdbx_struct_assembly.id                   1 
_pdbx_struct_assembly.details              author_defined_assembly 
_pdbx_struct_assembly.method_details       ? 
_pdbx_struct_assembly.oligomeric_details   tetrameric 
_pdbx_struct_assembly.oligomeric_count     4 
# 
_pdbx_struct_assembly_gen.assembly_id       1 
_pdbx_struct_assembly_gen.oper_expression   1 
_pdbx_struct_assembly_gen.asym_id_list      A,B,C,D,E 
# 
_pdbx_struct_oper_list.id                   1 
_pdbx_struct_oper_list.type                 'identity operation' 
_pdbx_struct_oper_list.name                 1_555 
_pdbx_struct_oper_list.symmetry_operation   x,y,z 
_pdbx_struct_oper_list.matrix[1][1]         1.0000000000 
_pdbx_struct_oper_list.matrix[1][2]         0.0000000000 
_pdbx_struct_oper_list.matrix[1][3]         0.0000000000 
_pdbx_struct_oper_list.vector[1]            0.0000000000 
_pdbx_struct_oper_list.matrix[2][1]         0.0000000000 
_pdbx_struct_oper_list.matrix[2][2]         1.0000000000 
_pdbx_struct_oper_list.matrix[2][3]         0.0000000000 
_pdbx_struct_oper_list.vector[2]            0.0000000000 
_pdbx_struct_oper_list.matrix[3][1]         0.0000000000 
_pdbx_struct_oper_list.matrix[3][2]         0.0000000000 
_pdbx_struct_oper_list.matrix[3][3]         1.0000000000 
_pdbx_struct_oper_list.vector[3]            0.0000000000 
# 
loop_
_pdbx_audit_revision_history.ordinal 
_pdbx_audit_revision_history.data_content_type 
_pdbx_audit_revision_history.major_revision 
_pdbx_audit_revision_history.minor_revision 
_pdbx_audit_revision_history.revision_date 
1 'Structure model' 1 0 2021-07-14 
2 'Structure model' 1 1 2022-07-06 
3 'Structure model' 1 2 2023-10-18 
# 
_pdbx_audit_revision_details.ordinal             1 
_pdbx_audit_revision_details.revision_ordinal    1 
_pdbx_audit_revision_details.data_content_type   'Structure model' 
_pdbx_audit_revision_details.provider            repository 
_pdbx_audit_revision_details.type                'Initial release' 
_pdbx_audit_revision_details.description         ? 
_pdbx_audit_revision_details.details             ? 
# 
loop_
_pdbx_audit_revision_group.ordinal 
_pdbx_audit_revision_group.revision_ordinal 
_pdbx_audit_revision_group.data_content_type 
_pdbx_audit_revision_group.group 
1 2 'Structure model' 'Database references'    
2 3 'Structure model' 'Data collection'        
3 3 'Structure model' 'Refinement description' 
# 
loop_
_pdbx_audit_revision_category.ordinal 
_pdbx_audit_revision_category.revision_ordinal 
_pdbx_audit_revision_category.data_content_type 
_pdbx_audit_revision_category.category 
1 2 'Structure model' citation                      
2 2 'Structure model' citation_author               
3 2 'Structure model' database_2                    
4 3 'Structure model' chem_comp_atom                
5 3 'Structure model' chem_comp_bond                
6 3 'Structure model' pdbx_initial_refinement_model 
# 
loop_
_pdbx_audit_revision_item.ordinal 
_pdbx_audit_revision_item.revision_ordinal 
_pdbx_audit_revision_item.data_content_type 
_pdbx_audit_revision_item.item 
1  2 'Structure model' '_citation.country'                   
2  2 'Structure model' '_citation.journal_abbrev'            
3  2 'Structure model' '_citation.journal_id_CSD'            
4  2 'Structure model' '_citation.journal_id_ISSN'           
5  2 'Structure model' '_citation.journal_volume'            
6  2 'Structure model' '_citation.page_first'                
7  2 'Structure model' '_citation.page_last'                 
8  2 'Structure model' '_citation.pdbx_database_id_DOI'      
9  2 'Structure model' '_citation.pdbx_database_id_PubMed'   
10 2 'Structure model' '_citation.title'                     
11 2 'Structure model' '_citation.year'                      
12 2 'Structure model' '_database_2.pdbx_DOI'                
13 2 'Structure model' '_database_2.pdbx_database_accession' 
# 
loop_
_software.citation_id 
_software.classification 
_software.compiler_name 
_software.compiler_version 
_software.contact_author 
_software.contact_author_email 
_software.date 
_software.description 
_software.dependencies 
_software.hardware 
_software.language 
_software.location 
_software.mods 
_software.name 
_software.os 
_software.os_version 
_software.type 
_software.version 
_software.pdbx_ordinal 
? 'data reduction'  ? ? ? ? ? ? ? ? ? ? ? HKL-2000    ? ? ? .           1 
? 'data scaling'    ? ? ? ? ? ? ? ? ? ? ? HKL-2000    ? ? ? .           2 
? refinement        ? ? ? ? ? ? ? ? ? ? ? PHENIX      ? ? ? 1.11.1_2575 3 
? 'data extraction' ? ? ? ? ? ? ? ? ? ? ? PDB_EXTRACT ? ? ? 3.25        4 
? phasing           ? ? ? ? ? ? ? ? ? ? ? PHASER      ? ? ? .           5 
# 
_pdbx_entry_details.entry_id                 6XO9 
_pdbx_entry_details.has_ligand_of_interest   N 
_pdbx_entry_details.compound_details         ? 
_pdbx_entry_details.source_details           ? 
_pdbx_entry_details.nonpolymer_details       ? 
_pdbx_entry_details.sequence_details         ? 
# 
_pdbx_validate_rmsd_bond.id                        1 
_pdbx_validate_rmsd_bond.PDB_model_num             1 
_pdbx_validate_rmsd_bond.auth_atom_id_1            "C1'" 
_pdbx_validate_rmsd_bond.auth_asym_id_1            C 
_pdbx_validate_rmsd_bond.auth_comp_id_1            DT 
_pdbx_validate_rmsd_bond.auth_seq_id_1             3 
_pdbx_validate_rmsd_bond.PDB_ins_code_1            ? 
_pdbx_validate_rmsd_bond.label_alt_id_1            ? 
_pdbx_validate_rmsd_bond.auth_atom_id_2            N1 
_pdbx_validate_rmsd_bond.auth_asym_id_2            C 
_pdbx_validate_rmsd_bond.auth_comp_id_2            DT 
_pdbx_validate_rmsd_bond.auth_seq_id_2             3 
_pdbx_validate_rmsd_bond.PDB_ins_code_2            ? 
_pdbx_validate_rmsd_bond.label_alt_id_2            ? 
_pdbx_validate_rmsd_bond.bond_value                1.578 
_pdbx_validate_rmsd_bond.bond_target_value         1.488 
_pdbx_validate_rmsd_bond.bond_deviation            0.090 
_pdbx_validate_rmsd_bond.bond_standard_deviation   0.013 
_pdbx_validate_rmsd_bond.linker_flag               N 
# 
loop_
_pdbx_validate_rmsd_angle.id 
_pdbx_validate_rmsd_angle.PDB_model_num 
_pdbx_validate_rmsd_angle.auth_atom_id_1 
_pdbx_validate_rmsd_angle.auth_asym_id_1 
_pdbx_validate_rmsd_angle.auth_comp_id_1 
_pdbx_validate_rmsd_angle.auth_seq_id_1 
_pdbx_validate_rmsd_angle.PDB_ins_code_1 
_pdbx_validate_rmsd_angle.label_alt_id_1 
_pdbx_validate_rmsd_angle.auth_atom_id_2 
_pdbx_validate_rmsd_angle.auth_asym_id_2 
_pdbx_validate_rmsd_angle.auth_comp_id_2 
_pdbx_validate_rmsd_angle.auth_seq_id_2 
_pdbx_validate_rmsd_angle.PDB_ins_code_2 
_pdbx_validate_rmsd_angle.label_alt_id_2 
_pdbx_validate_rmsd_angle.auth_atom_id_3 
_pdbx_validate_rmsd_angle.auth_asym_id_3 
_pdbx_validate_rmsd_angle.auth_comp_id_3 
_pdbx_validate_rmsd_angle.auth_seq_id_3 
_pdbx_validate_rmsd_angle.PDB_ins_code_3 
_pdbx_validate_rmsd_angle.label_alt_id_3 
_pdbx_validate_rmsd_angle.angle_value 
_pdbx_validate_rmsd_angle.angle_target_value 
_pdbx_validate_rmsd_angle.angle_deviation 
_pdbx_validate_rmsd_angle.angle_standard_deviation 
_pdbx_validate_rmsd_angle.linker_flag 
1 1 "O4'" A DG 1 ? ? "C1'" A DG 1 ? ? N9 A DG 1 ? ? 110.53 108.30 2.23 0.30 N 
2 1 "O4'" D DC 3 ? ? "C1'" D DC 3 ? ? N1 D DC 3 ? ? 110.44 108.30 2.14 0.30 N 
3 1 "O4'" D DT 4 ? ? "C1'" D DT 4 ? ? N1 D DT 4 ? ? 111.18 108.30 2.88 0.30 N 
# 
loop_
_pdbx_unobs_or_zero_occ_atoms.id 
_pdbx_unobs_or_zero_occ_atoms.PDB_model_num 
_pdbx_unobs_or_zero_occ_atoms.polymer_flag 
_pdbx_unobs_or_zero_occ_atoms.occupancy_flag 
_pdbx_unobs_or_zero_occ_atoms.auth_asym_id 
_pdbx_unobs_or_zero_occ_atoms.auth_comp_id 
_pdbx_unobs_or_zero_occ_atoms.auth_seq_id 
_pdbx_unobs_or_zero_occ_atoms.PDB_ins_code 
_pdbx_unobs_or_zero_occ_atoms.auth_atom_id 
_pdbx_unobs_or_zero_occ_atoms.label_alt_id 
_pdbx_unobs_or_zero_occ_atoms.label_asym_id 
_pdbx_unobs_or_zero_occ_atoms.label_comp_id 
_pdbx_unobs_or_zero_occ_atoms.label_seq_id 
_pdbx_unobs_or_zero_occ_atoms.label_atom_id 
1 1 N 1 D CAC 101 ? O1 ? E CAC 1 O1 
2 1 N 1 D CAC 101 ? O2 ? E CAC 1 O2 
3 1 N 1 D CAC 101 ? C1 ? E CAC 1 C1 
4 1 N 1 D CAC 101 ? C2 ? E CAC 1 C2 
# 
loop_
_chem_comp_atom.comp_id 
_chem_comp_atom.atom_id 
_chem_comp_atom.type_symbol 
_chem_comp_atom.pdbx_aromatic_flag 
_chem_comp_atom.pdbx_stereo_config 
_chem_comp_atom.pdbx_ordinal 
CAC AS     AS N N 1   
CAC O1     O  N N 2   
CAC O2     O  N N 3   
CAC C1     C  N N 4   
CAC C2     C  N N 5   
CAC H11    H  N N 6   
CAC H12    H  N N 7   
CAC H13    H  N N 8   
CAC H21    H  N N 9   
CAC H22    H  N N 10  
CAC H23    H  N N 11  
DA  OP3    O  N N 12  
DA  P      P  N N 13  
DA  OP1    O  N N 14  
DA  OP2    O  N N 15  
DA  "O5'"  O  N N 16  
DA  "C5'"  C  N N 17  
DA  "C4'"  C  N R 18  
DA  "O4'"  O  N N 19  
DA  "C3'"  C  N S 20  
DA  "O3'"  O  N N 21  
DA  "C2'"  C  N N 22  
DA  "C1'"  C  N R 23  
DA  N9     N  Y N 24  
DA  C8     C  Y N 25  
DA  N7     N  Y N 26  
DA  C5     C  Y N 27  
DA  C6     C  Y N 28  
DA  N6     N  N N 29  
DA  N1     N  Y N 30  
DA  C2     C  Y N 31  
DA  N3     N  Y N 32  
DA  C4     C  Y N 33  
DA  HOP3   H  N N 34  
DA  HOP2   H  N N 35  
DA  "H5'"  H  N N 36  
DA  "H5''" H  N N 37  
DA  "H4'"  H  N N 38  
DA  "H3'"  H  N N 39  
DA  "HO3'" H  N N 40  
DA  "H2'"  H  N N 41  
DA  "H2''" H  N N 42  
DA  "H1'"  H  N N 43  
DA  H8     H  N N 44  
DA  H61    H  N N 45  
DA  H62    H  N N 46  
DA  H2     H  N N 47  
DC  OP3    O  N N 48  
DC  P      P  N N 49  
DC  OP1    O  N N 50  
DC  OP2    O  N N 51  
DC  "O5'"  O  N N 52  
DC  "C5'"  C  N N 53  
DC  "C4'"  C  N R 54  
DC  "O4'"  O  N N 55  
DC  "C3'"  C  N S 56  
DC  "O3'"  O  N N 57  
DC  "C2'"  C  N N 58  
DC  "C1'"  C  N R 59  
DC  N1     N  N N 60  
DC  C2     C  N N 61  
DC  O2     O  N N 62  
DC  N3     N  N N 63  
DC  C4     C  N N 64  
DC  N4     N  N N 65  
DC  C5     C  N N 66  
DC  C6     C  N N 67  
DC  HOP3   H  N N 68  
DC  HOP2   H  N N 69  
DC  "H5'"  H  N N 70  
DC  "H5''" H  N N 71  
DC  "H4'"  H  N N 72  
DC  "H3'"  H  N N 73  
DC  "HO3'" H  N N 74  
DC  "H2'"  H  N N 75  
DC  "H2''" H  N N 76  
DC  "H1'"  H  N N 77  
DC  H41    H  N N 78  
DC  H42    H  N N 79  
DC  H5     H  N N 80  
DC  H6     H  N N 81  
DG  OP3    O  N N 82  
DG  P      P  N N 83  
DG  OP1    O  N N 84  
DG  OP2    O  N N 85  
DG  "O5'"  O  N N 86  
DG  "C5'"  C  N N 87  
DG  "C4'"  C  N R 88  
DG  "O4'"  O  N N 89  
DG  "C3'"  C  N S 90  
DG  "O3'"  O  N N 91  
DG  "C2'"  C  N N 92  
DG  "C1'"  C  N R 93  
DG  N9     N  Y N 94  
DG  C8     C  Y N 95  
DG  N7     N  Y N 96  
DG  C5     C  Y N 97  
DG  C6     C  N N 98  
DG  O6     O  N N 99  
DG  N1     N  N N 100 
DG  C2     C  N N 101 
DG  N2     N  N N 102 
DG  N3     N  N N 103 
DG  C4     C  Y N 104 
DG  HOP3   H  N N 105 
DG  HOP2   H  N N 106 
DG  "H5'"  H  N N 107 
DG  "H5''" H  N N 108 
DG  "H4'"  H  N N 109 
DG  "H3'"  H  N N 110 
DG  "HO3'" H  N N 111 
DG  "H2'"  H  N N 112 
DG  "H2''" H  N N 113 
DG  "H1'"  H  N N 114 
DG  H8     H  N N 115 
DG  H1     H  N N 116 
DG  H21    H  N N 117 
DG  H22    H  N N 118 
DT  OP3    O  N N 119 
DT  P      P  N N 120 
DT  OP1    O  N N 121 
DT  OP2    O  N N 122 
DT  "O5'"  O  N N 123 
DT  "C5'"  C  N N 124 
DT  "C4'"  C  N R 125 
DT  "O4'"  O  N N 126 
DT  "C3'"  C  N S 127 
DT  "O3'"  O  N N 128 
DT  "C2'"  C  N N 129 
DT  "C1'"  C  N R 130 
DT  N1     N  N N 131 
DT  C2     C  N N 132 
DT  O2     O  N N 133 
DT  N3     N  N N 134 
DT  C4     C  N N 135 
DT  O4     O  N N 136 
DT  C5     C  N N 137 
DT  C7     C  N N 138 
DT  C6     C  N N 139 
DT  HOP3   H  N N 140 
DT  HOP2   H  N N 141 
DT  "H5'"  H  N N 142 
DT  "H5''" H  N N 143 
DT  "H4'"  H  N N 144 
DT  "H3'"  H  N N 145 
DT  "HO3'" H  N N 146 
DT  "H2'"  H  N N 147 
DT  "H2''" H  N N 148 
DT  "H1'"  H  N N 149 
DT  H3     H  N N 150 
DT  H71    H  N N 151 
DT  H72    H  N N 152 
DT  H73    H  N N 153 
DT  H6     H  N N 154 
# 
loop_
_chem_comp_bond.comp_id 
_chem_comp_bond.atom_id_1 
_chem_comp_bond.atom_id_2 
_chem_comp_bond.value_order 
_chem_comp_bond.pdbx_aromatic_flag 
_chem_comp_bond.pdbx_stereo_config 
_chem_comp_bond.pdbx_ordinal 
CAC AS    O1     doub N N 1   
CAC AS    O2     sing N N 2   
CAC AS    C1     sing N N 3   
CAC AS    C2     sing N N 4   
CAC C1    H11    sing N N 5   
CAC C1    H12    sing N N 6   
CAC C1    H13    sing N N 7   
CAC C2    H21    sing N N 8   
CAC C2    H22    sing N N 9   
CAC C2    H23    sing N N 10  
DA  OP3   P      sing N N 11  
DA  OP3   HOP3   sing N N 12  
DA  P     OP1    doub N N 13  
DA  P     OP2    sing N N 14  
DA  P     "O5'"  sing N N 15  
DA  OP2   HOP2   sing N N 16  
DA  "O5'" "C5'"  sing N N 17  
DA  "C5'" "C4'"  sing N N 18  
DA  "C5'" "H5'"  sing N N 19  
DA  "C5'" "H5''" sing N N 20  
DA  "C4'" "O4'"  sing N N 21  
DA  "C4'" "C3'"  sing N N 22  
DA  "C4'" "H4'"  sing N N 23  
DA  "O4'" "C1'"  sing N N 24  
DA  "C3'" "O3'"  sing N N 25  
DA  "C3'" "C2'"  sing N N 26  
DA  "C3'" "H3'"  sing N N 27  
DA  "O3'" "HO3'" sing N N 28  
DA  "C2'" "C1'"  sing N N 29  
DA  "C2'" "H2'"  sing N N 30  
DA  "C2'" "H2''" sing N N 31  
DA  "C1'" N9     sing N N 32  
DA  "C1'" "H1'"  sing N N 33  
DA  N9    C8     sing Y N 34  
DA  N9    C4     sing Y N 35  
DA  C8    N7     doub Y N 36  
DA  C8    H8     sing N N 37  
DA  N7    C5     sing Y N 38  
DA  C5    C6     sing Y N 39  
DA  C5    C4     doub Y N 40  
DA  C6    N6     sing N N 41  
DA  C6    N1     doub Y N 42  
DA  N6    H61    sing N N 43  
DA  N6    H62    sing N N 44  
DA  N1    C2     sing Y N 45  
DA  C2    N3     doub Y N 46  
DA  C2    H2     sing N N 47  
DA  N3    C4     sing Y N 48  
DC  OP3   P      sing N N 49  
DC  OP3   HOP3   sing N N 50  
DC  P     OP1    doub N N 51  
DC  P     OP2    sing N N 52  
DC  P     "O5'"  sing N N 53  
DC  OP2   HOP2   sing N N 54  
DC  "O5'" "C5'"  sing N N 55  
DC  "C5'" "C4'"  sing N N 56  
DC  "C5'" "H5'"  sing N N 57  
DC  "C5'" "H5''" sing N N 58  
DC  "C4'" "O4'"  sing N N 59  
DC  "C4'" "C3'"  sing N N 60  
DC  "C4'" "H4'"  sing N N 61  
DC  "O4'" "C1'"  sing N N 62  
DC  "C3'" "O3'"  sing N N 63  
DC  "C3'" "C2'"  sing N N 64  
DC  "C3'" "H3'"  sing N N 65  
DC  "O3'" "HO3'" sing N N 66  
DC  "C2'" "C1'"  sing N N 67  
DC  "C2'" "H2'"  sing N N 68  
DC  "C2'" "H2''" sing N N 69  
DC  "C1'" N1     sing N N 70  
DC  "C1'" "H1'"  sing N N 71  
DC  N1    C2     sing N N 72  
DC  N1    C6     sing N N 73  
DC  C2    O2     doub N N 74  
DC  C2    N3     sing N N 75  
DC  N3    C4     doub N N 76  
DC  C4    N4     sing N N 77  
DC  C4    C5     sing N N 78  
DC  N4    H41    sing N N 79  
DC  N4    H42    sing N N 80  
DC  C5    C6     doub N N 81  
DC  C5    H5     sing N N 82  
DC  C6    H6     sing N N 83  
DG  OP3   P      sing N N 84  
DG  OP3   HOP3   sing N N 85  
DG  P     OP1    doub N N 86  
DG  P     OP2    sing N N 87  
DG  P     "O5'"  sing N N 88  
DG  OP2   HOP2   sing N N 89  
DG  "O5'" "C5'"  sing N N 90  
DG  "C5'" "C4'"  sing N N 91  
DG  "C5'" "H5'"  sing N N 92  
DG  "C5'" "H5''" sing N N 93  
DG  "C4'" "O4'"  sing N N 94  
DG  "C4'" "C3'"  sing N N 95  
DG  "C4'" "H4'"  sing N N 96  
DG  "O4'" "C1'"  sing N N 97  
DG  "C3'" "O3'"  sing N N 98  
DG  "C3'" "C2'"  sing N N 99  
DG  "C3'" "H3'"  sing N N 100 
DG  "O3'" "HO3'" sing N N 101 
DG  "C2'" "C1'"  sing N N 102 
DG  "C2'" "H2'"  sing N N 103 
DG  "C2'" "H2''" sing N N 104 
DG  "C1'" N9     sing N N 105 
DG  "C1'" "H1'"  sing N N 106 
DG  N9    C8     sing Y N 107 
DG  N9    C4     sing Y N 108 
DG  C8    N7     doub Y N 109 
DG  C8    H8     sing N N 110 
DG  N7    C5     sing Y N 111 
DG  C5    C6     sing N N 112 
DG  C5    C4     doub Y N 113 
DG  C6    O6     doub N N 114 
DG  C6    N1     sing N N 115 
DG  N1    C2     sing N N 116 
DG  N1    H1     sing N N 117 
DG  C2    N2     sing N N 118 
DG  C2    N3     doub N N 119 
DG  N2    H21    sing N N 120 
DG  N2    H22    sing N N 121 
DG  N3    C4     sing N N 122 
DT  OP3   P      sing N N 123 
DT  OP3   HOP3   sing N N 124 
DT  P     OP1    doub N N 125 
DT  P     OP2    sing N N 126 
DT  P     "O5'"  sing N N 127 
DT  OP2   HOP2   sing N N 128 
DT  "O5'" "C5'"  sing N N 129 
DT  "C5'" "C4'"  sing N N 130 
DT  "C5'" "H5'"  sing N N 131 
DT  "C5'" "H5''" sing N N 132 
DT  "C4'" "O4'"  sing N N 133 
DT  "C4'" "C3'"  sing N N 134 
DT  "C4'" "H4'"  sing N N 135 
DT  "O4'" "C1'"  sing N N 136 
DT  "C3'" "O3'"  sing N N 137 
DT  "C3'" "C2'"  sing N N 138 
DT  "C3'" "H3'"  sing N N 139 
DT  "O3'" "HO3'" sing N N 140 
DT  "C2'" "C1'"  sing N N 141 
DT  "C2'" "H2'"  sing N N 142 
DT  "C2'" "H2''" sing N N 143 
DT  "C1'" N1     sing N N 144 
DT  "C1'" "H1'"  sing N N 145 
DT  N1    C2     sing N N 146 
DT  N1    C6     sing N N 147 
DT  C2    O2     doub N N 148 
DT  C2    N3     sing N N 149 
DT  N3    C4     sing N N 150 
DT  N3    H3     sing N N 151 
DT  C4    O4     doub N N 152 
DT  C4    C5     sing N N 153 
DT  C5    C7     sing N N 154 
DT  C5    C6     doub N N 155 
DT  C7    H71    sing N N 156 
DT  C7    H72    sing N N 157 
DT  C7    H73    sing N N 158 
DT  C6    H6     sing N N 159 
# 
loop_
_ndb_struct_conf_na.entry_id 
_ndb_struct_conf_na.feature 
6XO9 'double helix'        
6XO9 'a-form double helix' 
6XO9 'b-form double helix' 
# 
loop_
_ndb_struct_na_base_pair.model_number 
_ndb_struct_na_base_pair.i_label_asym_id 
_ndb_struct_na_base_pair.i_label_comp_id 
_ndb_struct_na_base_pair.i_label_seq_id 
_ndb_struct_na_base_pair.i_symmetry 
_ndb_struct_na_base_pair.j_label_asym_id 
_ndb_struct_na_base_pair.j_label_comp_id 
_ndb_struct_na_base_pair.j_label_seq_id 
_ndb_struct_na_base_pair.j_symmetry 
_ndb_struct_na_base_pair.shear 
_ndb_struct_na_base_pair.stretch 
_ndb_struct_na_base_pair.stagger 
_ndb_struct_na_base_pair.buckle 
_ndb_struct_na_base_pair.propeller 
_ndb_struct_na_base_pair.opening 
_ndb_struct_na_base_pair.pair_number 
_ndb_struct_na_base_pair.pair_name 
_ndb_struct_na_base_pair.i_auth_asym_id 
_ndb_struct_na_base_pair.i_auth_seq_id 
_ndb_struct_na_base_pair.i_PDB_ins_code 
_ndb_struct_na_base_pair.j_auth_asym_id 
_ndb_struct_na_base_pair.j_auth_seq_id 
_ndb_struct_na_base_pair.j_PDB_ins_code 
_ndb_struct_na_base_pair.hbond_type_28 
_ndb_struct_na_base_pair.hbond_type_12 
1 A DG 3  1_555 D DC 15 1_555 0.768  0.422  0.376  -5.766  -15.528 -16.920 1  A_DG3:DC16_D A 3  ? D 16 ? ?  1 
1 A DC 4  1_555 D DG 14 1_555 -1.944 0.422  0.575  -13.648 -5.387  -25.188 2  A_DC4:DG15_D A 4  ? D 15 ? ?  1 
1 A DA 5  1_555 D DT 13 1_555 1.616  0.579  -0.246 -4.927  -10.036 -16.147 3  A_DA5:DT14_D A 5  ? D 14 ? 20 1 
1 A DG 6  1_555 D DC 12 1_555 0.287  -0.207 -0.057 -7.200  -8.372  -11.029 4  A_DG6:DC13_D A 6  ? D 13 ? 19 1 
1 A DA 7  1_555 D DT 11 1_555 0.260  0.247  0.136  -4.951  -0.470  -17.055 5  A_DA7:DT12_D A 7  ? D 12 ? 20 1 
1 A DC 8  1_555 D DG 10 1_555 -1.279 0.177  0.706  0.241   -6.836  -2.927  6  A_DC8:DG11_D A 8  ? D 11 ? 19 1 
1 A DT 9  1_555 D DA 9  1_555 -0.713 -0.238 0.436  -0.855  -8.819  -12.675 7  A_DT9:DA10_D A 9  ? D 10 ? 20 1 
1 A DT 10 1_555 C DA 3  1_555 -2.287 0.334  0.060  -0.969  -10.767 1.309   8  A_DT10:DA2_C A 10 ? C 2  ? ?  ? 
1 A DG 11 1_555 C DC 2  1_555 -0.278 -0.138 0.201  1.811   -2.160  -2.183  9  A_DG11:DC1_C A 11 ? C 1  ? 19 1 
1 A DA 12 1_555 C DT 1  1_555 1.287  0.110  0.317  -1.948  1.482   -5.157  10 A_DA12:DT0_C A 12 ? C 0  ? 20 1 
1 B DC 1  1_555 C DG 6  1_555 -0.821 -0.212 0.516  -12.146 -0.520  -7.273  11 B_DC12:DG5_C B 12 ? C 5  ? 19 1 
1 B DG 2  1_555 C DC 5  1_555 0.755  0.155  0.102  2.525   -0.368  -17.431 12 B_DG13:DC4_C B 13 ? C 4  ? 19 1 
1 B DG 4  1_555 D DC 8  1_555 0.303  0.128  0.911  9.686   -2.214  -0.488  13 B_DG15:DC9_D B 15 ? D 9  ? 19 1 
1 B DA 5  1_555 D DT 7  1_555 0.800  0.080  1.005  2.635   -4.439  -8.279  14 B_DA16:DT8_D B 16 ? D 8  ? 20 1 
1 B DC 6  1_555 D DG 6  1_555 -1.101 0.061  0.296  -4.747  -0.486  -0.916  15 B_DC17:DG7_D B 17 ? D 7  ? 19 1 
1 B DT 7  1_555 D DA 5  1_555 -0.927 0.499  -0.158 -0.611  -9.839  -5.229  16 B_DT18:DA6_D B 18 ? D 6  ? 20 1 
1 B DC 8  1_555 D DG 4  1_555 -0.237 0.154  -0.504 -0.262  -9.503  11.392  17 B_DC19:DG5_D B 19 ? D 5  ? 19 1 
# 
loop_
_ndb_struct_na_base_pair_step.model_number 
_ndb_struct_na_base_pair_step.i_label_asym_id_1 
_ndb_struct_na_base_pair_step.i_label_comp_id_1 
_ndb_struct_na_base_pair_step.i_label_seq_id_1 
_ndb_struct_na_base_pair_step.i_symmetry_1 
_ndb_struct_na_base_pair_step.j_label_asym_id_1 
_ndb_struct_na_base_pair_step.j_label_comp_id_1 
_ndb_struct_na_base_pair_step.j_label_seq_id_1 
_ndb_struct_na_base_pair_step.j_symmetry_1 
_ndb_struct_na_base_pair_step.i_label_asym_id_2 
_ndb_struct_na_base_pair_step.i_label_comp_id_2 
_ndb_struct_na_base_pair_step.i_label_seq_id_2 
_ndb_struct_na_base_pair_step.i_symmetry_2 
_ndb_struct_na_base_pair_step.j_label_asym_id_2 
_ndb_struct_na_base_pair_step.j_label_comp_id_2 
_ndb_struct_na_base_pair_step.j_label_seq_id_2 
_ndb_struct_na_base_pair_step.j_symmetry_2 
_ndb_struct_na_base_pair_step.shift 
_ndb_struct_na_base_pair_step.slide 
_ndb_struct_na_base_pair_step.rise 
_ndb_struct_na_base_pair_step.tilt 
_ndb_struct_na_base_pair_step.roll 
_ndb_struct_na_base_pair_step.twist 
_ndb_struct_na_base_pair_step.x_displacement 
_ndb_struct_na_base_pair_step.y_displacement 
_ndb_struct_na_base_pair_step.helical_rise 
_ndb_struct_na_base_pair_step.inclination 
_ndb_struct_na_base_pair_step.tip 
_ndb_struct_na_base_pair_step.helical_twist 
_ndb_struct_na_base_pair_step.step_number 
_ndb_struct_na_base_pair_step.step_name 
_ndb_struct_na_base_pair_step.i_auth_asym_id_1 
_ndb_struct_na_base_pair_step.i_auth_seq_id_1 
_ndb_struct_na_base_pair_step.i_PDB_ins_code_1 
_ndb_struct_na_base_pair_step.j_auth_asym_id_1 
_ndb_struct_na_base_pair_step.j_auth_seq_id_1 
_ndb_struct_na_base_pair_step.j_PDB_ins_code_1 
_ndb_struct_na_base_pair_step.i_auth_asym_id_2 
_ndb_struct_na_base_pair_step.i_auth_seq_id_2 
_ndb_struct_na_base_pair_step.i_PDB_ins_code_2 
_ndb_struct_na_base_pair_step.j_auth_asym_id_2 
_ndb_struct_na_base_pair_step.j_auth_seq_id_2 
_ndb_struct_na_base_pair_step.j_PDB_ins_code_2 
1 A DG 3  1_555 D DC 15 1_555 A DC 4  1_555 D DG 14 1_555 -0.293 -0.131 3.329 2.301  -1.486 29.263 0.066  1.079  3.300 -2.932  
-4.541 29.388 1  AA_DG3DC4:DG15DC16_DD A 3  ? D 16 ? A 4  ? D 15 ? 
1 A DC 4  1_555 D DG 14 1_555 A DA 5  1_555 D DT 13 1_555 -0.605 -0.270 3.095 2.721  -1.454 44.779 -0.229 1.025  3.062 -1.906  
-3.567 44.879 2  AA_DC4DA5:DT14DG15_DD A 4  ? D 15 ? A 5  ? D 14 ? 
1 A DA 5  1_555 D DT 13 1_555 A DG 6  1_555 D DC 12 1_555 0.450  -0.398 3.262 -2.881 1.163  25.243 -1.234 -1.841 3.170 2.649   
6.561  25.430 3  AA_DA5DG6:DC13DT14_DD A 5  ? D 14 ? A 6  ? D 13 ? 
1 A DG 6  1_555 D DC 12 1_555 A DA 7  1_555 D DT 11 1_555 -0.208 -1.218 3.148 -3.394 3.258  35.394 -2.434 -0.127 3.034 5.329   
5.552  35.695 4  AA_DG6DA7:DT12DC13_DD A 6  ? D 13 ? A 7  ? D 12 ? 
1 A DA 7  1_555 D DT 11 1_555 A DC 8  1_555 D DG 10 1_555 0.683  -1.557 3.170 -5.109 2.967  25.574 -4.170 -2.778 2.788 6.590   
11.348 26.237 5  AA_DA7DC8:DG11DT12_DD A 7  ? D 12 ? A 8  ? D 11 ? 
1 A DC 8  1_555 D DG 10 1_555 A DT 9  1_555 D DA 9  1_555 -0.795 -1.401 3.243 -2.308 -7.167 41.420 -1.184 0.860  3.465 -10.034 
3.232  42.070 6  AA_DC8DT9:DA10DG11_DD A 8  ? D 11 ? A 9  ? D 10 ? 
1 A DT 9  1_555 D DA 9  1_555 A DT 10 1_555 C DA 3  1_555 -0.395 -1.978 3.056 0.652  3.450  21.568 -6.409 1.267  2.698 9.140   
-1.727 21.849 7  AA_DT9DT10:DA2DA10_CD A 9  ? D 10 ? A 10 ? C 2  ? 
1 A DT 10 1_555 C DA 3  1_555 A DG 11 1_555 C DC 2  1_555 -0.163 1.133  3.433 -4.080 4.083  38.190 1.174  -0.292 3.529 6.197   
6.192  38.607 8  AA_DT10DG11:DC1DA2_CC A 10 ? C 2  ? A 11 ? C 1  ? 
1 A DG 11 1_555 C DC 2  1_555 A DA 12 1_555 C DT 1  1_555 -0.711 -0.122 3.401 -4.241 2.965  42.708 -0.474 0.530  3.437 4.054   
5.799  43.006 9  AA_DG11DA12:DT0DC1_CC A 11 ? C 1  ? A 12 ? C 0  ? 
1 B DC 1  1_555 C DG 6  1_555 B DG 2  1_555 C DC 5  1_555 0.022  -0.577 2.971 6.264  1.439  44.019 -0.883 0.496  2.928 1.908   
-8.305 44.463 10 BB_DC12DG13:DC4DG5_CC B 12 ? C 5  ? B 13 ? C 4  ? 
1 B DG 2  1_555 C DC 5  1_555 B DG 4  1_555 D DC 8  1_555 -0.304 -2.739 6.113 -8.319 5.220  63.885 -2.973 -0.366 5.893 4.903   
7.813  64.556 11 BB_DG13DG15:DC9DC4_DC B 13 ? C 4  ? B 15 ? D 9  ? 
1 B DG 4  1_555 D DC 8  1_555 B DA 5  1_555 D DT 7  1_555 -0.779 -0.179 3.485 -1.461 0.376  41.928 -0.291 0.926  3.507 0.526   
2.041  41.954 12 BB_DG15DA16:DT8DC9_DD B 15 ? D 9  ? B 16 ? D 8  ? 
1 B DA 5  1_555 D DT 7  1_555 B DC 6  1_555 D DG 6  1_555 0.432  -1.749 3.420 2.403  1.573  26.015 -4.305 -0.279 3.336 3.480   
-5.317 26.170 13 BB_DA16DC17:DG7DT8_DD B 16 ? D 8  ? B 17 ? D 7  ? 
1 B DC 6  1_555 D DG 6  1_555 B DT 7  1_555 D DA 5  1_555 -0.875 -0.913 3.023 1.800  -1.785 33.303 -1.316 1.798  3.017 -3.108  
-3.136 33.396 14 BB_DC17DT18:DA6DG7_DD B 17 ? D 7  ? B 18 ? D 6  ? 
1 B DT 7  1_555 D DA 5  1_555 B DC 8  1_555 D DG 4  1_555 1.100  1.662  3.286 5.650  1.541  41.340 2.165  -0.929 3.458 2.169   
-7.954 41.735 15 BB_DT18DC19:DG5DA6_DD B 18 ? D 6  ? B 19 ? D 5  ? 
# 
loop_
_pdbx_audit_support.funding_organization 
_pdbx_audit_support.country 
_pdbx_audit_support.grant_number 
_pdbx_audit_support.ordinal 
'National Science Foundation (NSF, United States)'                                         'United States' 1360635     1 
'National Institutes of Health/National Institute of General Medical Sciences (NIH/NIGMS)' 'United States' R01GM104960 2 
'National Science Foundation (NSF, United States)'                                         'United States' NSF2004250  3 
# 
_pdbx_entity_nonpoly.entity_id   5 
_pdbx_entity_nonpoly.name        'CACODYLATE ION' 
_pdbx_entity_nonpoly.comp_id     CAC 
# 
_pdbx_initial_refinement_model.id               1 
_pdbx_initial_refinement_model.entity_id_list   ? 
_pdbx_initial_refinement_model.type             'experimental model' 
_pdbx_initial_refinement_model.source_name      PDB 
_pdbx_initial_refinement_model.accession_code   6XNA 
_pdbx_initial_refinement_model.details          ? 
# 
_pdbx_struct_assembly_auth_evidence.id                     1 
_pdbx_struct_assembly_auth_evidence.assembly_id            1 
_pdbx_struct_assembly_auth_evidence.experimental_support   none 
_pdbx_struct_assembly_auth_evidence.details                ? 
# 
